data_4IM4
#
_entry.id   4IM4
#
_cell.length_a   92.407
_cell.length_b   111.701
_cell.length_c   120.368
_cell.angle_alpha   90.000
_cell.angle_beta   97.290
_cell.angle_gamma   90.000
#
_symmetry.space_group_name_H-M   'P 1 21 1'
#
loop_
_entity.id
_entity.type
_entity.pdbx_description
1 polymer 'Endoglucanase E'
2 water water
#
_entity_poly.entity_id   1
_entity_poly.type   'polypeptide(L)'
_entity_poly.pdbx_seq_one_letter_code
;GMRDISAIDLVKEIKIGWNLGNTLDAPTETAWGNPRTTKAMIEKVREMGFNAVRVPVTWDTHIGPAPDYKIDEAWLNRVE
EVVNYVLDCGMYAIINLHHDNTWIIPTYANEQRSKEKLVKVWEQIATRFKDYDDHLLFETMNEPREVGSPMEWMGGTYEN
RDVINRFNLAVVNTIRASGGNNDKRFILVPTNAATGLDVALNDLVIPNNDSRVIVSIHAYSPYFFAMDVNGTSYWGSDYD
KASLTSELDAIYNRFVKNGRAVIIGEFGTIDKNNLSSRVAHAEHYAREAVSRGIAVFWWDNGYYNPGDAETYALLNRKTL
SWYYPEIVQALMRGAG
;
_entity_poly.pdbx_strand_id   A,B,C,D,E,F
#
# COMPACT_ATOMS: atom_id res chain seq x y z
N GLY A 1 20.81 14.09 -9.73
CA GLY A 1 19.81 13.05 -9.73
C GLY A 1 18.46 13.56 -9.32
N MET A 2 18.42 14.83 -8.89
CA MET A 2 17.19 15.46 -8.40
C MET A 2 16.68 16.50 -9.37
N ARG A 3 15.68 16.15 -10.18
CA ARG A 3 15.13 17.08 -11.16
C ARG A 3 14.44 18.26 -10.48
N ASP A 4 14.27 19.35 -11.22
CA ASP A 4 13.38 20.43 -10.83
C ASP A 4 11.95 20.01 -11.18
N ILE A 5 11.33 19.22 -10.33
CA ILE A 5 9.99 18.73 -10.63
C ILE A 5 9.12 18.85 -9.40
N SER A 6 7.89 19.31 -9.58
CA SER A 6 6.98 19.45 -8.47
C SER A 6 6.42 18.06 -8.13
N ALA A 7 5.97 17.88 -6.89
CA ALA A 7 5.39 16.59 -6.48
C ALA A 7 4.24 16.16 -7.38
N ILE A 8 3.39 17.12 -7.75
CA ILE A 8 2.23 16.88 -8.61
C ILE A 8 2.64 16.25 -9.93
N ASP A 9 3.70 16.76 -10.55
CA ASP A 9 4.15 16.19 -11.81
C ASP A 9 4.87 14.87 -11.63
N LEU A 10 5.50 14.69 -10.48
CA LEU A 10 6.21 13.45 -10.21
C LEU A 10 5.19 12.32 -10.05
N VAL A 11 4.10 12.61 -9.38
CA VAL A 11 3.08 11.60 -9.12
C VAL A 11 2.32 11.21 -10.40
N LYS A 12 2.11 12.17 -11.31
CA LYS A 12 1.53 11.87 -12.63
C LYS A 12 2.43 10.92 -13.41
N GLU A 13 3.73 11.07 -13.23
CA GLU A 13 4.70 10.26 -13.92
C GLU A 13 4.66 8.83 -13.36
N ILE A 14 4.52 8.72 -12.05
CA ILE A 14 4.48 7.42 -11.40
C ILE A 14 3.30 6.60 -11.91
N LYS A 15 2.12 7.22 -11.88
CA LYS A 15 0.91 6.67 -12.48
C LYS A 15 0.39 5.38 -11.83
N ILE A 16 1.03 4.26 -12.13
CA ILE A 16 0.55 2.97 -11.70
C ILE A 16 1.70 2.09 -11.20
N GLY A 17 1.54 1.60 -9.97
CA GLY A 17 2.56 0.81 -9.30
C GLY A 17 2.06 -0.50 -8.72
N TRP A 18 3.00 -1.24 -8.13
CA TRP A 18 2.75 -2.60 -7.64
C TRP A 18 3.47 -2.78 -6.30
N ASN A 19 2.79 -3.38 -5.32
CA ASN A 19 3.36 -3.64 -3.99
C ASN A 19 4.01 -5.02 -3.90
N LEU A 20 5.21 -5.07 -3.37
CA LEU A 20 5.80 -6.34 -3.04
C LEU A 20 5.26 -6.80 -1.65
N GLY A 21 3.98 -7.16 -1.58
CA GLY A 21 3.36 -7.42 -0.30
C GLY A 21 3.73 -8.73 0.37
N ASN A 22 3.54 -8.79 1.69
CA ASN A 22 3.85 -9.97 2.51
C ASN A 22 5.26 -10.51 2.29
N THR A 23 6.20 -9.58 2.13
CA THR A 23 7.56 -9.95 1.84
C THR A 23 8.47 -9.30 2.88
N LEU A 24 9.05 -8.14 2.61
CA LEU A 24 9.91 -7.53 3.62
C LEU A 24 9.09 -6.92 4.78
N ASP A 25 7.78 -6.86 4.60
CA ASP A 25 6.87 -6.49 5.67
C ASP A 25 6.60 -7.70 6.60
N ALA A 26 6.96 -8.89 6.15
CA ALA A 26 6.89 -10.11 6.96
C ALA A 26 8.09 -10.15 7.90
N PRO A 27 8.01 -10.92 9.01
CA PRO A 27 9.10 -10.96 10.00
C PRO A 27 10.44 -11.34 9.36
N THR A 28 10.38 -12.17 8.31
CA THR A 28 11.53 -12.50 7.48
C THR A 28 10.95 -12.60 6.08
N GLU A 29 11.79 -12.49 5.06
CA GLU A 29 11.32 -12.40 3.68
C GLU A 29 10.41 -13.55 3.24
N THR A 30 10.68 -14.76 3.74
CA THR A 30 9.91 -15.94 3.33
C THR A 30 8.86 -16.40 4.35
N ALA A 31 8.76 -15.69 5.48
CA ALA A 31 7.91 -16.14 6.59
C ALA A 31 6.41 -16.23 6.26
N TRP A 32 5.95 -15.46 5.28
CA TRP A 32 4.54 -15.47 4.93
C TRP A 32 4.28 -16.16 3.59
N GLY A 33 5.18 -17.07 3.23
CA GLY A 33 4.99 -17.93 2.07
C GLY A 33 5.60 -17.45 0.76
N ASN A 34 6.04 -16.20 0.70
CA ASN A 34 6.66 -15.71 -0.52
C ASN A 34 8.09 -16.23 -0.61
N PRO A 35 8.54 -16.57 -1.84
CA PRO A 35 9.91 -16.97 -2.14
C PRO A 35 10.86 -15.77 -2.03
N ARG A 36 12.16 -16.05 -1.88
CA ARG A 36 13.14 -14.98 -1.88
C ARG A 36 12.99 -14.20 -3.17
N THR A 37 12.87 -12.89 -3.04
CA THR A 37 12.64 -12.03 -4.19
C THR A 37 13.84 -12.03 -5.16
N THR A 38 13.55 -12.06 -6.45
CA THR A 38 14.60 -11.95 -7.46
C THR A 38 14.36 -10.74 -8.36
N LYS A 39 15.42 -10.29 -9.02
CA LYS A 39 15.29 -9.25 -10.04
C LYS A 39 14.30 -9.71 -11.14
N ALA A 40 14.32 -11.01 -11.43
CA ALA A 40 13.46 -11.58 -12.48
C ALA A 40 11.98 -11.32 -12.22
N MET A 41 11.56 -11.44 -10.96
CA MET A 41 10.17 -11.13 -10.60
C MET A 41 9.85 -9.67 -10.92
N ILE A 42 10.75 -8.80 -10.48
CA ILE A 42 10.58 -7.39 -10.66
C ILE A 42 10.54 -7.02 -12.14
N GLU A 43 11.35 -7.73 -12.94
CA GLU A 43 11.34 -7.48 -14.39
C GLU A 43 9.97 -7.76 -14.99
N LYS A 44 9.36 -8.87 -14.57
CA LYS A 44 8.06 -9.25 -15.06
C LYS A 44 7.06 -8.18 -14.69
N VAL A 45 7.14 -7.70 -13.46
CA VAL A 45 6.29 -6.59 -13.02
C VAL A 45 6.44 -5.42 -14.01
N ARG A 46 7.69 -5.00 -14.27
CA ARG A 46 7.97 -3.91 -15.20
C ARG A 46 7.50 -4.20 -16.62
N GLU A 47 7.67 -5.45 -17.03
CA GLU A 47 7.33 -5.90 -18.37
C GLU A 47 5.87 -5.65 -18.69
N MET A 48 5.01 -5.73 -17.67
CA MET A 48 3.57 -5.58 -17.85
C MET A 48 3.06 -4.13 -17.89
N GLY A 49 3.92 -3.17 -17.61
CA GLY A 49 3.52 -1.78 -17.73
C GLY A 49 3.52 -0.97 -16.44
N PHE A 50 3.81 -1.63 -15.33
CA PHE A 50 3.93 -0.92 -14.06
C PHE A 50 5.14 0.04 -14.12
N ASN A 51 5.00 1.21 -13.49
CA ASN A 51 6.09 2.19 -13.49
C ASN A 51 6.78 2.32 -12.13
N ALA A 52 6.32 1.56 -11.15
CA ALA A 52 6.82 1.72 -9.77
C ALA A 52 6.51 0.51 -8.89
N VAL A 53 7.42 0.26 -7.96
CA VAL A 53 7.22 -0.79 -6.98
C VAL A 53 7.33 -0.20 -5.57
N ARG A 54 6.30 -0.47 -4.77
CA ARG A 54 6.34 -0.13 -3.36
C ARG A 54 6.91 -1.34 -2.64
N VAL A 55 7.90 -1.08 -1.79
CA VAL A 55 8.58 -2.12 -1.03
C VAL A 55 8.31 -1.86 0.45
N PRO A 56 7.19 -2.42 0.96
CA PRO A 56 6.90 -2.22 2.38
C PRO A 56 7.94 -2.97 3.21
N VAL A 57 8.46 -2.31 4.24
CA VAL A 57 9.45 -2.95 5.08
C VAL A 57 9.06 -2.86 6.54
N THR A 58 8.97 -4.02 7.20
CA THR A 58 8.84 -4.09 8.66
C THR A 58 10.23 -4.26 9.28
N TRP A 59 10.55 -3.37 10.21
CA TRP A 59 11.90 -3.36 10.79
C TRP A 59 11.96 -4.07 12.15
N ASP A 60 10.84 -4.05 12.87
CA ASP A 60 10.68 -4.56 14.25
C ASP A 60 11.74 -5.52 14.83
N THR A 61 11.78 -6.75 14.34
CA THR A 61 12.64 -7.79 14.90
C THR A 61 14.11 -7.68 14.48
N HIS A 62 14.43 -6.71 13.67
CA HIS A 62 15.79 -6.54 13.22
C HIS A 62 16.38 -5.33 13.90
N ILE A 63 15.70 -4.82 14.91
CA ILE A 63 16.13 -3.61 15.60
C ILE A 63 16.75 -3.95 16.94
N GLY A 64 17.99 -3.52 17.14
CA GLY A 64 18.70 -3.79 18.38
C GLY A 64 18.07 -3.05 19.54
N PRO A 65 18.60 -3.30 20.75
CA PRO A 65 18.03 -2.69 21.95
C PRO A 65 18.33 -1.21 22.04
N ALA A 66 17.57 -0.51 22.87
CA ALA A 66 17.85 0.88 23.21
C ALA A 66 19.23 0.94 23.84
N PRO A 67 19.92 2.10 23.74
CA PRO A 67 19.47 3.38 23.22
C PRO A 67 19.80 3.64 21.75
N ASP A 68 20.66 2.82 21.14
CA ASP A 68 21.09 3.08 19.78
C ASP A 68 20.12 2.55 18.72
N TYR A 69 19.37 1.50 19.07
CA TYR A 69 18.41 0.90 18.15
C TYR A 69 19.07 0.61 16.81
N LYS A 70 20.22 -0.04 16.85
CA LYS A 70 20.95 -0.35 15.65
C LYS A 70 20.22 -1.42 14.82
N ILE A 71 19.95 -1.09 13.56
CA ILE A 71 19.33 -2.03 12.62
C ILE A 71 20.34 -3.09 12.16
N ASP A 72 19.94 -4.36 12.18
CA ASP A 72 20.80 -5.46 11.72
C ASP A 72 21.25 -5.12 10.31
N GLU A 73 22.55 -5.09 10.09
CA GLU A 73 23.06 -4.67 8.79
C GLU A 73 22.60 -5.58 7.67
N ALA A 74 22.59 -6.88 7.92
CA ALA A 74 22.18 -7.86 6.90
C ALA A 74 20.77 -7.56 6.40
N TRP A 75 19.88 -7.19 7.32
CA TRP A 75 18.52 -6.83 6.92
C TRP A 75 18.52 -5.55 6.09
N LEU A 76 19.22 -4.53 6.56
CA LEU A 76 19.27 -3.27 5.80
C LEU A 76 19.87 -3.44 4.40
N ASN A 77 20.93 -4.25 4.29
CA ASN A 77 21.53 -4.56 3.00
C ASN A 77 20.55 -5.22 2.06
N ARG A 78 19.75 -6.14 2.59
CA ARG A 78 18.80 -6.87 1.77
C ARG A 78 17.74 -5.91 1.28
N VAL A 79 17.25 -5.05 2.18
CA VAL A 79 16.33 -4.00 1.75
C VAL A 79 16.96 -3.20 0.61
N GLU A 80 18.22 -2.81 0.76
CA GLU A 80 18.89 -2.05 -0.29
C GLU A 80 19.00 -2.85 -1.60
N GLU A 81 19.29 -4.15 -1.49
CA GLU A 81 19.40 -5.00 -2.67
C GLU A 81 18.07 -5.05 -3.47
N VAL A 82 16.95 -5.23 -2.76
CA VAL A 82 15.64 -5.29 -3.43
C VAL A 82 15.24 -3.95 -4.07
N VAL A 83 15.53 -2.85 -3.37
CA VAL A 83 15.31 -1.52 -3.92
C VAL A 83 16.03 -1.38 -5.25
N ASN A 84 17.25 -1.91 -5.32
CA ASN A 84 18.00 -1.82 -6.56
C ASN A 84 17.43 -2.68 -7.68
N TYR A 85 16.77 -3.80 -7.33
CA TYR A 85 16.05 -4.58 -8.32
C TYR A 85 15.09 -3.65 -9.06
N VAL A 86 14.35 -2.84 -8.29
CA VAL A 86 13.32 -1.97 -8.86
C VAL A 86 13.88 -0.82 -9.69
N LEU A 87 14.85 -0.13 -9.11
CA LEU A 87 15.44 1.05 -9.73
C LEU A 87 16.14 0.67 -11.00
N ASP A 88 16.87 -0.45 -10.95
CA ASP A 88 17.56 -0.94 -12.14
C ASP A 88 16.61 -1.22 -13.31
N CYS A 89 15.37 -1.57 -12.99
CA CYS A 89 14.36 -1.81 -14.02
C CYS A 89 13.77 -0.49 -14.52
N GLY A 90 14.31 0.62 -14.03
CA GLY A 90 13.87 1.94 -14.44
C GLY A 90 12.57 2.40 -13.81
N MET A 91 12.14 1.74 -12.74
CA MET A 91 10.88 2.08 -12.08
C MET A 91 11.13 2.94 -10.85
N TYR A 92 10.09 3.63 -10.40
CA TYR A 92 10.14 4.30 -9.10
C TYR A 92 10.08 3.27 -7.99
N ALA A 93 10.65 3.61 -6.83
CA ALA A 93 10.58 2.77 -5.64
C ALA A 93 10.16 3.56 -4.39
N ILE A 94 9.34 2.95 -3.56
CA ILE A 94 8.97 3.51 -2.27
C ILE A 94 9.31 2.52 -1.19
N ILE A 95 10.03 2.96 -0.15
CA ILE A 95 10.24 2.14 1.05
C ILE A 95 9.61 2.79 2.25
N ASN A 96 9.25 1.99 3.23
CA ASN A 96 8.59 2.55 4.39
C ASN A 96 8.99 1.92 5.71
N LEU A 97 8.11 2.10 6.68
CA LEU A 97 8.20 1.34 7.89
C LEU A 97 6.77 0.88 8.11
N HIS A 98 6.58 -0.43 8.08
CA HIS A 98 5.28 -1.02 7.84
C HIS A 98 4.57 -1.53 9.11
N HIS A 99 4.63 -2.84 9.35
CA HIS A 99 4.05 -3.44 10.54
C HIS A 99 4.93 -3.22 11.78
N ASP A 100 5.11 -1.96 12.14
CA ASP A 100 5.95 -1.61 13.27
C ASP A 100 5.11 -0.97 14.33
N ASN A 101 3.83 -1.31 14.31
CA ASN A 101 2.85 -0.77 15.25
C ASN A 101 2.99 -1.32 16.68
N THR A 102 3.86 -2.31 16.83
CA THR A 102 4.24 -2.87 18.12
C THR A 102 5.03 -1.85 18.94
N TRP A 103 5.79 -0.99 18.28
CA TRP A 103 6.59 -0.01 19.03
C TRP A 103 6.25 1.42 18.61
N ILE A 104 5.50 1.55 17.53
CA ILE A 104 5.00 2.85 17.14
C ILE A 104 3.58 2.99 17.62
N ILE A 105 3.42 3.66 18.76
CA ILE A 105 2.13 3.72 19.44
C ILE A 105 1.67 5.17 19.61
N PRO A 106 0.71 5.59 18.76
CA PRO A 106 0.34 7.01 18.66
C PRO A 106 -0.63 7.45 19.77
N THR A 107 -0.18 7.36 21.01
CA THR A 107 -0.91 7.90 22.17
C THR A 107 -0.02 8.91 22.89
N TYR A 108 -0.61 9.77 23.71
CA TYR A 108 0.18 10.74 24.45
C TYR A 108 1.20 10.07 25.39
N ALA A 109 0.79 9.00 26.07
CA ALA A 109 1.66 8.30 27.01
C ALA A 109 2.87 7.67 26.35
N ASN A 110 2.71 7.22 25.10
CA ASN A 110 3.79 6.48 24.47
C ASN A 110 4.51 7.27 23.40
N GLU A 111 4.11 8.54 23.25
CA GLU A 111 4.63 9.42 22.22
C GLU A 111 6.16 9.50 22.25
N GLN A 112 6.72 9.87 23.40
CA GLN A 112 8.15 10.09 23.47
C GLN A 112 8.96 8.83 23.24
N ARG A 113 8.48 7.71 23.78
CA ARG A 113 9.16 6.44 23.59
C ARG A 113 9.22 6.03 22.13
N SER A 114 8.07 6.03 21.48
CA SER A 114 8.03 5.68 20.06
C SER A 114 8.85 6.67 19.21
N LYS A 115 8.62 7.97 19.44
CA LYS A 115 9.20 9.03 18.60
C LYS A 115 10.73 8.97 18.62
N GLU A 116 11.28 8.77 19.80
CA GLU A 116 12.72 8.68 19.96
C GLU A 116 13.22 7.49 19.16
N LYS A 117 12.49 6.36 19.28
CA LYS A 117 12.88 5.14 18.56
C LYS A 117 12.67 5.34 17.04
N LEU A 118 11.56 5.99 16.70
CA LEU A 118 11.29 6.28 15.32
C LEU A 118 12.40 7.15 14.72
N VAL A 119 12.93 8.10 15.48
CA VAL A 119 13.99 8.97 14.98
C VAL A 119 15.31 8.22 14.74
N LYS A 120 15.68 7.35 15.66
CA LYS A 120 16.93 6.65 15.51
C LYS A 120 16.89 5.57 14.41
N VAL A 121 15.72 5.02 14.15
CA VAL A 121 15.58 4.02 13.09
C VAL A 121 15.63 4.71 11.73
N TRP A 122 14.90 5.81 11.59
CA TRP A 122 14.90 6.56 10.33
C TRP A 122 16.24 7.28 9.98
N GLU A 123 17.00 7.64 11.01
CA GLU A 123 18.32 8.22 10.78
C GLU A 123 19.14 7.24 9.95
N GLN A 124 19.16 5.99 10.40
CA GLN A 124 19.91 4.93 9.71
C GLN A 124 19.34 4.65 8.33
N ILE A 125 18.02 4.55 8.24
CA ILE A 125 17.40 4.32 6.94
C ILE A 125 17.64 5.49 5.97
N ALA A 126 17.35 6.72 6.39
CA ALA A 126 17.58 7.87 5.53
C ALA A 126 19.05 7.93 5.08
N THR A 127 19.94 7.68 6.03
CA THR A 127 21.37 7.79 5.74
C THR A 127 21.82 6.79 4.67
N ARG A 128 21.48 5.51 4.84
CA ARG A 128 21.85 4.48 3.87
C ARG A 128 21.46 4.91 2.45
N PHE A 129 20.27 5.49 2.31
CA PHE A 129 19.77 5.79 0.98
C PHE A 129 19.95 7.25 0.58
N LYS A 130 20.78 8.01 1.29
CA LYS A 130 20.87 9.46 1.05
C LYS A 130 21.30 9.85 -0.39
N ASP A 131 22.07 8.99 -1.04
CA ASP A 131 22.65 9.36 -2.33
C ASP A 131 21.88 8.85 -3.56
N TYR A 132 20.77 8.15 -3.34
CA TYR A 132 19.88 7.72 -4.43
C TYR A 132 19.15 8.89 -5.10
N ASP A 133 18.79 8.75 -6.37
CA ASP A 133 18.12 9.84 -7.07
C ASP A 133 16.65 9.94 -6.71
N ASP A 134 15.92 10.80 -7.42
CA ASP A 134 14.53 11.08 -7.05
C ASP A 134 13.52 9.97 -7.38
N HIS A 135 14.00 8.84 -7.90
CA HIS A 135 13.15 7.70 -8.19
C HIS A 135 12.92 6.84 -6.96
N LEU A 136 13.63 7.17 -5.89
CA LEU A 136 13.42 6.51 -4.64
C LEU A 136 12.70 7.46 -3.73
N LEU A 137 11.59 6.99 -3.16
CA LEU A 137 10.82 7.82 -2.24
C LEU A 137 10.72 7.16 -0.87
N PHE A 138 10.66 7.99 0.16
CA PHE A 138 10.47 7.54 1.51
C PHE A 138 9.02 7.76 1.93
N GLU A 139 8.42 6.75 2.57
CA GLU A 139 7.11 6.88 3.19
C GLU A 139 7.32 6.79 4.70
N THR A 140 6.93 7.82 5.45
CA THR A 140 7.27 7.89 6.87
C THR A 140 6.79 6.69 7.69
N MET A 141 5.50 6.36 7.58
CA MET A 141 4.90 5.19 8.27
C MET A 141 3.82 4.59 7.38
N ASN A 142 3.49 3.33 7.62
CA ASN A 142 2.47 2.62 6.83
C ASN A 142 1.05 2.97 7.23
N GLU A 143 0.56 2.32 8.28
CA GLU A 143 -0.81 2.58 8.71
C GLU A 143 -0.82 2.85 10.21
N PRO A 144 -0.22 3.97 10.62
CA PRO A 144 -0.06 4.30 12.03
C PRO A 144 -1.40 4.41 12.72
N ARG A 145 -1.53 3.78 13.87
CA ARG A 145 -2.81 3.62 14.52
C ARG A 145 -2.61 2.99 15.90
N GLU A 146 -3.63 3.14 16.76
CA GLU A 146 -3.57 2.49 18.07
C GLU A 146 -4.18 1.09 17.98
N VAL A 147 -3.31 0.10 17.85
CA VAL A 147 -3.74 -1.28 17.59
C VAL A 147 -4.57 -1.83 18.75
N GLY A 148 -5.76 -2.31 18.42
CA GLY A 148 -6.65 -2.87 19.41
C GLY A 148 -7.58 -1.83 20.01
N SER A 149 -7.57 -0.63 19.47
CA SER A 149 -8.42 0.42 20.02
C SER A 149 -9.76 0.40 19.33
N PRO A 150 -10.81 0.89 20.02
CA PRO A 150 -12.14 0.97 19.43
C PRO A 150 -12.15 1.69 18.07
N MET A 151 -11.39 2.78 17.92
CA MET A 151 -11.47 3.56 16.69
C MET A 151 -10.35 3.25 15.69
N GLU A 152 -9.62 2.16 15.95
CA GLU A 152 -8.50 1.77 15.11
C GLU A 152 -8.74 1.86 13.61
N TRP A 153 -9.85 1.31 13.14
CA TRP A 153 -10.11 1.25 11.71
C TRP A 153 -11.21 2.24 11.32
N MET A 154 -11.44 3.22 12.18
CA MET A 154 -12.45 4.23 11.92
C MET A 154 -11.89 5.65 12.00
N GLY A 155 -10.58 5.76 11.82
CA GLY A 155 -9.93 7.06 11.80
C GLY A 155 -9.21 7.43 13.08
N GLY A 156 -9.38 6.62 14.13
CA GLY A 156 -8.80 6.92 15.42
C GLY A 156 -9.46 8.08 16.14
N THR A 157 -8.93 8.41 17.33
CA THR A 157 -9.32 9.59 18.08
C THR A 157 -8.42 10.79 17.71
N TYR A 158 -8.79 11.98 18.18
CA TYR A 158 -7.95 13.13 17.94
C TYR A 158 -6.57 12.89 18.56
N GLU A 159 -6.53 12.19 19.69
CA GLU A 159 -5.27 11.82 20.30
C GLU A 159 -4.34 11.12 19.31
N ASN A 160 -4.88 10.08 18.68
CA ASN A 160 -4.15 9.31 17.69
C ASN A 160 -3.62 10.21 16.58
N ARG A 161 -4.50 11.02 16.00
CA ARG A 161 -4.11 11.77 14.81
C ARG A 161 -3.11 12.85 15.19
N ASP A 162 -3.29 13.39 16.40
CA ASP A 162 -2.42 14.45 16.89
C ASP A 162 -0.99 13.91 17.01
N VAL A 163 -0.83 12.76 17.63
CA VAL A 163 0.51 12.19 17.82
C VAL A 163 1.17 11.85 16.50
N ILE A 164 0.37 11.31 15.58
CA ILE A 164 0.87 10.90 14.28
C ILE A 164 1.47 12.08 13.49
N ASN A 165 0.87 13.27 13.61
CA ASN A 165 1.45 14.48 13.03
C ASN A 165 2.87 14.77 13.52
N ARG A 166 3.12 14.55 14.80
CA ARG A 166 4.46 14.77 15.34
C ARG A 166 5.46 13.67 14.97
N PHE A 167 5.00 12.42 14.96
CA PHE A 167 5.78 11.31 14.42
C PHE A 167 6.25 11.69 13.01
N ASN A 168 5.30 12.12 12.17
CA ASN A 168 5.61 12.51 10.80
C ASN A 168 6.59 13.67 10.76
N LEU A 169 6.35 14.68 11.58
CA LEU A 169 7.24 15.82 11.62
C LEU A 169 8.64 15.39 12.00
N ALA A 170 8.73 14.53 13.00
CA ALA A 170 10.04 14.12 13.48
C ALA A 170 10.76 13.33 12.40
N VAL A 171 10.03 12.48 11.69
CA VAL A 171 10.66 11.70 10.64
C VAL A 171 11.08 12.62 9.49
N VAL A 172 10.21 13.53 9.09
CA VAL A 172 10.51 14.45 8.00
C VAL A 172 11.75 15.34 8.29
N ASN A 173 11.80 15.99 9.45
CA ASN A 173 13.01 16.68 9.85
C ASN A 173 14.22 15.74 9.87
N THR A 174 14.04 14.50 10.34
CA THR A 174 15.18 13.59 10.42
C THR A 174 15.74 13.28 9.03
N ILE A 175 14.86 12.96 8.09
CA ILE A 175 15.24 12.72 6.70
C ILE A 175 15.95 13.95 6.09
N ARG A 176 15.34 15.11 6.27
CA ARG A 176 15.84 16.35 5.70
C ARG A 176 17.24 16.74 6.22
N ALA A 177 17.62 16.22 7.37
CA ALA A 177 18.90 16.57 7.98
C ALA A 177 19.99 15.51 7.79
N SER A 178 19.67 14.45 7.05
CA SER A 178 20.55 13.29 6.96
C SER A 178 21.57 13.35 5.82
N GLY A 179 21.54 14.43 5.04
CA GLY A 179 22.53 14.64 3.99
C GLY A 179 22.18 14.12 2.59
N GLY A 180 23.14 14.24 1.68
CA GLY A 180 22.96 13.79 0.31
C GLY A 180 21.78 14.45 -0.38
N ASN A 181 20.90 13.63 -0.96
CA ASN A 181 19.72 14.16 -1.66
C ASN A 181 18.50 14.25 -0.77
N ASN A 182 18.67 13.92 0.50
CA ASN A 182 17.54 13.88 1.41
C ASN A 182 16.90 15.22 1.71
N ASP A 183 17.56 16.30 1.28
CA ASP A 183 17.00 17.63 1.40
C ASP A 183 15.93 17.80 0.36
N LYS A 184 16.04 17.02 -0.71
CA LYS A 184 15.15 17.15 -1.83
C LYS A 184 14.30 15.90 -2.18
N ARG A 185 14.47 14.80 -1.45
CA ARG A 185 13.69 13.57 -1.70
C ARG A 185 12.21 13.71 -1.34
N PHE A 186 11.35 13.17 -2.20
CA PHE A 186 9.92 13.18 -1.98
C PHE A 186 9.52 12.17 -0.90
N ILE A 187 8.55 12.53 -0.08
CA ILE A 187 8.20 11.78 1.12
C ILE A 187 6.68 11.62 1.27
N LEU A 188 6.20 10.40 1.47
CA LEU A 188 4.76 10.18 1.67
C LEU A 188 4.44 10.23 3.14
N VAL A 189 3.35 10.90 3.53
CA VAL A 189 2.88 10.83 4.93
C VAL A 189 1.39 10.57 5.04
N PRO A 190 0.98 9.66 5.95
CA PRO A 190 -0.44 9.38 6.22
C PRO A 190 -0.92 9.93 7.56
N THR A 191 -2.23 9.97 7.74
CA THR A 191 -2.80 10.10 9.07
C THR A 191 -3.13 8.71 9.57
N ASN A 192 -3.99 8.61 10.59
CA ASN A 192 -4.34 7.32 11.19
C ASN A 192 -4.73 6.24 10.20
N ALA A 193 -4.00 5.13 10.21
CA ALA A 193 -4.27 3.97 9.34
C ALA A 193 -4.25 4.27 7.84
N ALA A 194 -3.61 5.38 7.47
CA ALA A 194 -3.58 5.86 6.10
C ALA A 194 -4.99 6.01 5.53
N THR A 195 -5.94 6.31 6.40
CA THR A 195 -7.32 6.39 5.97
C THR A 195 -7.56 7.57 5.03
N GLY A 196 -8.56 7.44 4.18
CA GLY A 196 -8.95 8.54 3.32
C GLY A 196 -10.19 9.24 3.88
N LEU A 197 -10.63 8.82 5.06
CA LEU A 197 -11.82 9.43 5.63
C LEU A 197 -11.61 10.93 5.85
N ASP A 198 -12.53 11.73 5.33
CA ASP A 198 -12.35 13.17 5.30
C ASP A 198 -12.21 13.84 6.66
N VAL A 199 -13.04 13.47 7.64
CA VAL A 199 -12.93 14.07 8.96
C VAL A 199 -11.63 13.71 9.67
N ALA A 200 -11.00 12.62 9.27
CA ALA A 200 -9.69 12.28 9.82
C ALA A 200 -8.64 13.15 9.16
N LEU A 201 -8.73 13.27 7.85
CA LEU A 201 -7.80 14.08 7.10
C LEU A 201 -7.81 15.53 7.53
N ASN A 202 -8.89 15.97 8.17
CA ASN A 202 -8.98 17.31 8.71
C ASN A 202 -7.82 17.62 9.65
N ASP A 203 -7.31 16.61 10.34
CA ASP A 203 -6.32 16.86 11.37
C ASP A 203 -4.90 16.57 10.93
N LEU A 204 -4.74 16.15 9.68
CA LEU A 204 -3.41 15.89 9.14
C LEU A 204 -2.72 17.24 8.90
N VAL A 205 -1.48 17.39 9.35
CA VAL A 205 -0.73 18.59 8.98
C VAL A 205 0.52 18.20 8.22
N ILE A 206 0.74 18.87 7.10
CA ILE A 206 1.95 18.67 6.32
C ILE A 206 3.11 19.28 7.10
N PRO A 207 4.06 18.43 7.52
CA PRO A 207 5.25 18.88 8.26
C PRO A 207 5.95 20.04 7.58
N ASN A 208 6.09 21.15 8.30
CA ASN A 208 6.83 22.29 7.77
C ASN A 208 6.28 22.80 6.43
N ASN A 209 5.03 22.45 6.10
CA ASN A 209 4.43 22.74 4.78
C ASN A 209 5.39 22.39 3.63
N ASP A 210 6.17 21.34 3.85
CA ASP A 210 7.23 20.87 2.94
C ASP A 210 6.56 20.61 1.58
N SER A 211 7.04 21.29 0.55
CA SER A 211 6.36 21.25 -0.74
C SER A 211 6.53 19.95 -1.52
N ARG A 212 7.43 19.08 -1.07
CA ARG A 212 7.68 17.78 -1.69
C ARG A 212 7.17 16.65 -0.83
N VAL A 213 6.12 16.95 -0.05
CA VAL A 213 5.45 15.93 0.74
C VAL A 213 4.12 15.56 0.09
N ILE A 214 3.88 14.26 0.03
CA ILE A 214 2.76 13.70 -0.70
C ILE A 214 1.80 13.04 0.27
N VAL A 215 0.50 13.31 0.10
CA VAL A 215 -0.47 12.63 0.94
C VAL A 215 -0.51 11.15 0.57
N SER A 216 -0.41 10.33 1.60
CA SER A 216 -0.46 8.88 1.46
C SER A 216 -1.83 8.41 1.95
N ILE A 217 -2.58 7.80 1.05
CA ILE A 217 -3.85 7.23 1.40
C ILE A 217 -3.96 5.77 0.96
N HIS A 218 -4.58 4.93 1.78
CA HIS A 218 -4.94 3.59 1.32
C HIS A 218 -6.44 3.49 1.17
N ALA A 219 -6.90 2.95 0.05
CA ALA A 219 -8.34 2.88 -0.18
C ALA A 219 -8.76 1.63 -0.94
N TYR A 220 -9.12 0.57 -0.22
CA TYR A 220 -9.64 -0.62 -0.84
C TYR A 220 -11.14 -0.47 -0.99
N SER A 221 -11.55 0.41 -1.89
CA SER A 221 -12.97 0.71 -2.06
C SER A 221 -13.45 -0.09 -3.27
N PRO A 222 -14.71 -0.57 -3.25
CA PRO A 222 -15.58 -0.53 -2.06
C PRO A 222 -15.31 -1.74 -1.19
N TYR A 223 -15.27 -1.52 0.12
CA TYR A 223 -14.85 -2.52 1.09
C TYR A 223 -15.46 -3.92 0.92
N PHE A 224 -16.78 -4.00 0.77
CA PHE A 224 -17.43 -5.31 0.73
C PHE A 224 -17.07 -6.08 -0.53
N PHE A 225 -17.05 -5.40 -1.67
CA PHE A 225 -16.63 -6.07 -2.89
C PHE A 225 -15.15 -6.42 -2.88
N ALA A 226 -14.32 -5.55 -2.32
CA ALA A 226 -12.87 -5.68 -2.48
C ALA A 226 -12.19 -6.56 -1.44
N MET A 227 -12.60 -6.45 -0.17
CA MET A 227 -11.82 -7.10 0.90
C MET A 227 -12.52 -8.29 1.53
N ASP A 228 -13.83 -8.16 1.65
CA ASP A 228 -14.66 -9.08 2.43
C ASP A 228 -15.05 -10.34 1.65
N VAL A 229 -14.56 -11.50 2.10
CA VAL A 229 -14.91 -12.78 1.46
C VAL A 229 -16.40 -13.07 1.48
N ASN A 230 -17.12 -12.54 2.47
CA ASN A 230 -18.56 -12.69 2.49
C ASN A 230 -19.33 -11.53 1.86
N GLY A 231 -18.63 -10.51 1.40
CA GLY A 231 -19.25 -9.40 0.69
C GLY A 231 -19.71 -9.83 -0.70
N THR A 232 -20.45 -8.97 -1.40
CA THR A 232 -20.90 -9.30 -2.76
C THR A 232 -19.73 -9.53 -3.73
N SER A 233 -19.98 -10.32 -4.75
CA SER A 233 -18.96 -10.64 -5.73
C SER A 233 -19.11 -9.83 -7.01
N TYR A 234 -20.18 -9.04 -7.09
CA TYR A 234 -20.40 -8.21 -8.25
C TYR A 234 -20.00 -6.75 -8.02
N TRP A 235 -19.40 -6.14 -9.04
CA TRP A 235 -19.15 -4.72 -9.04
C TRP A 235 -19.36 -4.29 -10.48
N GLY A 236 -20.05 -3.18 -10.70
CA GLY A 236 -20.20 -2.68 -12.06
C GLY A 236 -21.44 -1.86 -12.34
N SER A 237 -22.29 -1.69 -11.34
CA SER A 237 -23.50 -0.90 -11.49
C SER A 237 -23.17 0.59 -11.61
N ASP A 238 -24.14 1.37 -12.07
CA ASP A 238 -24.01 2.82 -12.17
C ASP A 238 -23.71 3.44 -10.82
N TYR A 239 -24.27 2.86 -9.76
CA TYR A 239 -24.03 3.32 -8.40
C TYR A 239 -22.58 3.06 -8.00
N ASP A 240 -22.05 1.88 -8.34
CA ASP A 240 -20.64 1.55 -8.04
C ASP A 240 -19.70 2.54 -8.69
N LYS A 241 -19.98 2.88 -9.95
CA LYS A 241 -19.14 3.79 -10.69
C LYS A 241 -19.20 5.21 -10.14
N ALA A 242 -20.40 5.69 -9.81
CA ALA A 242 -20.54 7.04 -9.29
C ALA A 242 -19.91 7.11 -7.90
N SER A 243 -20.05 6.04 -7.14
CA SER A 243 -19.52 6.04 -5.78
C SER A 243 -18.03 6.31 -5.67
N LEU A 244 -17.19 5.51 -6.35
CA LEU A 244 -15.74 5.72 -6.20
C LEU A 244 -15.34 7.09 -6.82
N THR A 245 -15.96 7.44 -7.94
CA THR A 245 -15.71 8.72 -8.59
C THR A 245 -15.92 9.85 -7.60
N SER A 246 -16.99 9.78 -6.82
CA SER A 246 -17.30 10.83 -5.84
C SER A 246 -16.25 10.85 -4.71
N GLU A 247 -15.74 9.67 -4.37
CA GLU A 247 -14.70 9.52 -3.37
C GLU A 247 -13.41 10.17 -3.87
N LEU A 248 -13.09 9.96 -5.14
CA LEU A 248 -11.89 10.55 -5.70
C LEU A 248 -12.01 12.04 -5.85
N ASP A 249 -13.22 12.52 -6.16
CA ASP A 249 -13.40 13.94 -6.32
C ASP A 249 -13.11 14.64 -5.00
N ALA A 250 -13.48 14.00 -3.91
CA ALA A 250 -13.25 14.59 -2.59
C ALA A 250 -11.76 14.80 -2.37
N ILE A 251 -11.01 13.74 -2.67
CA ILE A 251 -9.56 13.73 -2.59
C ILE A 251 -8.97 14.74 -3.58
N TYR A 252 -9.48 14.78 -4.81
CA TYR A 252 -8.97 15.73 -5.82
C TYR A 252 -9.27 17.21 -5.51
N ASN A 253 -10.46 17.50 -5.01
CA ASN A 253 -10.84 18.88 -4.70
C ASN A 253 -10.14 19.41 -3.44
N ARG A 254 -9.78 18.50 -2.53
CA ARG A 254 -9.13 18.91 -1.29
C ARG A 254 -7.62 19.07 -1.40
N PHE A 255 -6.96 18.18 -2.13
CA PHE A 255 -5.50 18.18 -2.13
C PHE A 255 -4.90 18.60 -3.46
N VAL A 256 -5.11 17.74 -4.46
CA VAL A 256 -4.51 17.89 -5.78
C VAL A 256 -4.83 19.25 -6.39
N LYS A 257 -6.10 19.63 -6.33
CA LYS A 257 -6.55 20.88 -6.95
C LYS A 257 -5.78 22.09 -6.41
N ASN A 258 -5.33 21.97 -5.17
CA ASN A 258 -4.58 23.02 -4.49
C ASN A 258 -3.09 22.76 -4.42
N GLY A 259 -2.59 21.84 -5.23
CA GLY A 259 -1.16 21.61 -5.32
C GLY A 259 -0.52 20.60 -4.36
N ARG A 260 -1.33 19.86 -3.62
CA ARG A 260 -0.82 18.77 -2.79
C ARG A 260 -0.97 17.42 -3.50
N ALA A 261 0.14 16.75 -3.78
CA ALA A 261 0.10 15.46 -4.48
C ALA A 261 -0.45 14.38 -3.55
N VAL A 262 -1.09 13.37 -4.12
CA VAL A 262 -1.66 12.28 -3.33
C VAL A 262 -1.24 10.94 -3.93
N ILE A 263 -0.78 10.02 -3.09
CA ILE A 263 -0.58 8.65 -3.55
C ILE A 263 -1.46 7.66 -2.78
N ILE A 264 -2.21 6.91 -3.56
CA ILE A 264 -2.96 5.78 -3.04
C ILE A 264 -2.01 4.58 -3.07
N GLY A 265 -1.32 4.37 -1.95
CA GLY A 265 -0.29 3.36 -1.88
C GLY A 265 -0.77 1.91 -1.89
N GLU A 266 -2.06 1.72 -1.58
CA GLU A 266 -2.65 0.38 -1.51
C GLU A 266 -4.12 0.37 -1.96
N PHE A 267 -4.45 -0.56 -2.83
CA PHE A 267 -5.84 -0.84 -3.17
C PHE A 267 -5.84 -2.19 -3.85
N GLY A 268 -7.01 -2.75 -4.07
CA GLY A 268 -7.08 -4.06 -4.71
C GLY A 268 -8.28 -4.87 -4.28
N THR A 269 -8.47 -6.03 -4.89
CA THR A 269 -9.59 -6.90 -4.58
C THR A 269 -9.11 -8.33 -4.38
N ILE A 270 -9.85 -9.10 -3.60
CA ILE A 270 -9.51 -10.50 -3.38
C ILE A 270 -10.19 -11.34 -4.46
N ASP A 271 -9.78 -12.60 -4.57
CA ASP A 271 -10.29 -13.49 -5.62
C ASP A 271 -11.57 -14.19 -5.19
N LYS A 272 -12.71 -13.70 -5.67
CA LYS A 272 -14.00 -14.31 -5.34
C LYS A 272 -14.67 -14.97 -6.52
N ASN A 273 -13.87 -15.67 -7.33
CA ASN A 273 -14.34 -16.34 -8.54
C ASN A 273 -15.23 -15.42 -9.36
N ASN A 274 -14.77 -14.17 -9.46
CA ASN A 274 -15.52 -13.08 -10.06
C ASN A 274 -14.61 -12.18 -10.91
N LEU A 275 -13.88 -12.82 -11.82
CA LEU A 275 -12.86 -12.17 -12.64
C LEU A 275 -13.45 -10.95 -13.34
N SER A 276 -14.60 -11.12 -13.99
CA SER A 276 -15.22 -10.02 -14.74
C SER A 276 -15.45 -8.76 -13.91
N SER A 277 -15.91 -8.93 -12.67
CA SER A 277 -16.10 -7.78 -11.80
C SER A 277 -14.76 -7.16 -11.41
N ARG A 278 -13.76 -8.00 -11.14
CA ARG A 278 -12.45 -7.52 -10.76
C ARG A 278 -11.77 -6.76 -11.90
N VAL A 279 -11.97 -7.25 -13.13
CA VAL A 279 -11.38 -6.62 -14.30
C VAL A 279 -12.01 -5.25 -14.53
N ALA A 280 -13.34 -5.17 -14.46
CA ALA A 280 -14.02 -3.88 -14.60
C ALA A 280 -13.65 -2.95 -13.46
N HIS A 281 -13.59 -3.49 -12.25
CA HIS A 281 -13.29 -2.67 -11.09
C HIS A 281 -11.89 -2.08 -11.22
N ALA A 282 -10.98 -2.88 -11.75
CA ALA A 282 -9.59 -2.46 -11.81
C ALA A 282 -9.45 -1.32 -12.79
N GLU A 283 -10.08 -1.45 -13.97
CA GLU A 283 -9.95 -0.41 -14.99
C GLU A 283 -10.51 0.93 -14.53
N HIS A 284 -11.72 0.93 -13.97
CA HIS A 284 -12.35 2.17 -13.53
C HIS A 284 -11.45 2.84 -12.47
N TYR A 285 -10.88 2.03 -11.58
CA TYR A 285 -10.08 2.59 -10.49
C TYR A 285 -8.85 3.35 -11.01
N ALA A 286 -8.09 2.73 -11.90
CA ALA A 286 -6.93 3.41 -12.45
C ALA A 286 -7.33 4.64 -13.27
N ARG A 287 -8.33 4.52 -14.14
CA ARG A 287 -8.70 5.64 -15.01
CA ARG A 287 -8.70 5.64 -15.01
C ARG A 287 -9.06 6.89 -14.23
N GLU A 288 -9.93 6.70 -13.25
CA GLU A 288 -10.44 7.80 -12.47
C GLU A 288 -9.35 8.46 -11.58
N ALA A 289 -8.42 7.68 -11.08
CA ALA A 289 -7.40 8.22 -10.19
C ALA A 289 -6.36 9.00 -11.01
N VAL A 290 -5.90 8.35 -12.08
CA VAL A 290 -4.89 8.94 -12.92
C VAL A 290 -5.43 10.16 -13.66
N SER A 291 -6.69 10.14 -14.09
CA SER A 291 -7.29 11.34 -14.70
C SER A 291 -7.39 12.48 -13.68
N ARG A 292 -7.15 12.18 -12.41
CA ARG A 292 -7.09 13.20 -11.37
C ARG A 292 -5.67 13.43 -10.83
N GLY A 293 -4.69 12.88 -11.53
CA GLY A 293 -3.30 13.04 -11.13
C GLY A 293 -2.85 12.17 -9.96
N ILE A 294 -3.66 11.19 -9.58
CA ILE A 294 -3.38 10.35 -8.43
C ILE A 294 -2.74 9.03 -8.88
N ALA A 295 -1.60 8.67 -8.30
CA ALA A 295 -1.01 7.37 -8.64
C ALA A 295 -1.55 6.28 -7.74
N VAL A 296 -1.75 5.09 -8.30
CA VAL A 296 -2.30 3.96 -7.53
C VAL A 296 -1.36 2.76 -7.61
N PHE A 297 -1.28 2.03 -6.49
CA PHE A 297 -0.39 0.90 -6.32
C PHE A 297 -1.20 -0.33 -5.87
N TRP A 298 -1.22 -1.38 -6.69
CA TRP A 298 -1.91 -2.62 -6.34
C TRP A 298 -1.24 -3.39 -5.20
N TRP A 299 -2.06 -3.85 -4.25
CA TRP A 299 -1.57 -4.70 -3.17
C TRP A 299 -1.44 -6.17 -3.61
N ASP A 300 -0.23 -6.66 -3.80
CA ASP A 300 0.03 -8.07 -4.18
C ASP A 300 0.81 -8.83 -3.12
N ASN A 301 0.11 -9.66 -2.34
CA ASN A 301 0.76 -10.36 -1.23
C ASN A 301 1.28 -11.74 -1.62
N GLY A 302 1.25 -12.02 -2.92
CA GLY A 302 1.70 -13.29 -3.45
C GLY A 302 0.79 -14.49 -3.20
N TYR A 303 -0.37 -14.26 -2.57
CA TYR A 303 -1.25 -15.38 -2.18
C TYR A 303 -2.36 -15.68 -3.19
N TYR A 304 -2.33 -16.90 -3.73
CA TYR A 304 -3.29 -17.33 -4.73
C TYR A 304 -4.02 -18.59 -4.27
N ASN A 305 -5.34 -18.49 -4.16
CA ASN A 305 -6.18 -19.60 -3.70
C ASN A 305 -7.64 -19.18 -3.86
N PRO A 306 -8.15 -19.29 -5.09
CA PRO A 306 -9.43 -18.70 -5.53
C PRO A 306 -10.58 -18.97 -4.58
N GLY A 307 -11.22 -17.89 -4.12
CA GLY A 307 -12.36 -18.02 -3.22
C GLY A 307 -12.01 -17.84 -1.76
N ASP A 308 -10.71 -17.78 -1.46
CA ASP A 308 -10.27 -17.67 -0.07
C ASP A 308 -10.07 -16.20 0.26
N ALA A 309 -9.98 -15.91 1.54
CA ALA A 309 -9.74 -14.54 1.97
C ALA A 309 -8.31 -14.10 1.58
N GLU A 310 -8.11 -12.78 1.47
CA GLU A 310 -6.78 -12.19 1.27
C GLU A 310 -6.09 -12.60 -0.04
N THR A 311 -6.88 -12.98 -1.03
CA THR A 311 -6.29 -13.49 -2.27
C THR A 311 -6.04 -12.39 -3.28
N TYR A 312 -5.06 -11.54 -2.98
CA TYR A 312 -4.75 -10.34 -3.77
C TYR A 312 -3.73 -10.58 -4.86
N ALA A 313 -3.16 -11.78 -4.96
CA ALA A 313 -2.01 -11.96 -5.84
C ALA A 313 -2.36 -11.83 -7.32
N LEU A 314 -1.51 -11.14 -8.08
CA LEU A 314 -1.59 -11.12 -9.53
C LEU A 314 -0.41 -11.86 -10.14
N LEU A 315 0.75 -11.69 -9.51
CA LEU A 315 1.98 -12.33 -9.98
C LEU A 315 2.19 -13.67 -9.27
N ASN A 316 2.42 -14.71 -10.06
CA ASN A 316 2.88 -16.02 -9.56
C ASN A 316 4.40 -15.99 -9.50
N ARG A 317 4.92 -15.75 -8.30
CA ARG A 317 6.34 -15.44 -8.15
C ARG A 317 7.25 -16.64 -8.40
N LYS A 318 6.81 -17.83 -8.01
CA LYS A 318 7.67 -19.00 -8.16
C LYS A 318 7.81 -19.42 -9.64
N THR A 319 6.85 -19.04 -10.47
CA THR A 319 6.86 -19.49 -11.86
C THR A 319 7.00 -18.34 -12.89
N LEU A 320 7.10 -17.12 -12.40
CA LEU A 320 7.21 -15.94 -13.26
C LEU A 320 6.12 -15.82 -14.31
N SER A 321 4.89 -16.16 -13.93
CA SER A 321 3.76 -15.98 -14.81
C SER A 321 2.69 -15.23 -14.03
N TRP A 322 1.63 -14.83 -14.70
CA TRP A 322 0.57 -14.11 -14.01
C TRP A 322 -0.65 -14.98 -13.86
N TYR A 323 -1.16 -15.06 -12.63
CA TYR A 323 -2.44 -15.72 -12.34
C TYR A 323 -3.56 -14.99 -13.04
N TYR A 324 -3.54 -13.66 -12.96
CA TYR A 324 -4.59 -12.84 -13.57
C TYR A 324 -4.05 -11.66 -14.39
N PRO A 325 -3.50 -11.97 -15.58
CA PRO A 325 -3.01 -10.94 -16.50
C PRO A 325 -4.14 -10.02 -16.93
N GLU A 326 -5.36 -10.56 -16.95
CA GLU A 326 -6.56 -9.81 -17.33
C GLU A 326 -6.72 -8.58 -16.44
N ILE A 327 -6.48 -8.77 -15.15
CA ILE A 327 -6.53 -7.68 -14.19
C ILE A 327 -5.41 -6.66 -14.44
N VAL A 328 -4.21 -7.17 -14.73
CA VAL A 328 -3.04 -6.32 -14.99
C VAL A 328 -3.24 -5.47 -16.23
N GLN A 329 -3.75 -6.10 -17.28
CA GLN A 329 -4.04 -5.37 -18.50
C GLN A 329 -5.13 -4.30 -18.27
N ALA A 330 -6.08 -4.59 -17.39
CA ALA A 330 -7.17 -3.68 -17.11
C ALA A 330 -6.64 -2.40 -16.46
N LEU A 331 -5.71 -2.57 -15.52
CA LEU A 331 -5.05 -1.47 -14.85
C LEU A 331 -4.37 -0.60 -15.90
N MET A 332 -3.66 -1.26 -16.83
CA MET A 332 -2.89 -0.53 -17.83
C MET A 332 -3.79 0.23 -18.79
N ARG A 333 -4.94 -0.35 -19.10
CA ARG A 333 -5.96 0.32 -19.92
C ARG A 333 -6.39 1.62 -19.25
N GLY A 334 -6.63 1.55 -17.96
CA GLY A 334 -7.12 2.69 -17.22
C GLY A 334 -6.07 3.77 -17.07
N ALA A 335 -4.85 3.38 -16.76
CA ALA A 335 -3.81 4.37 -16.51
C ALA A 335 -3.47 5.09 -17.80
N GLY A 336 -3.64 4.37 -18.90
CA GLY A 336 -3.31 4.88 -20.22
C GLY A 336 -1.82 5.15 -20.32
N GLY B 1 -4.14 -15.73 -22.39
CA GLY B 1 -4.70 -14.80 -23.35
C GLY B 1 -5.26 -15.47 -24.60
N MET B 2 -5.34 -14.73 -25.70
CA MET B 2 -5.95 -15.29 -26.91
C MET B 2 -4.88 -15.72 -27.90
N ARG B 3 -4.60 -17.03 -27.90
CA ARG B 3 -3.56 -17.60 -28.73
C ARG B 3 -3.85 -17.49 -30.22
N ASP B 4 -2.79 -17.56 -31.01
CA ASP B 4 -2.90 -17.79 -32.43
C ASP B 4 -3.04 -19.29 -32.60
N ILE B 5 -4.26 -19.80 -32.47
CA ILE B 5 -4.52 -21.23 -32.56
C ILE B 5 -5.77 -21.48 -33.40
N SER B 6 -5.72 -22.49 -34.27
CA SER B 6 -6.86 -22.81 -35.11
C SER B 6 -7.91 -23.54 -34.28
N ALA B 7 -9.16 -23.49 -34.74
CA ALA B 7 -10.25 -24.20 -34.09
C ALA B 7 -9.97 -25.70 -34.02
N ILE B 8 -9.43 -26.25 -35.10
CA ILE B 8 -9.08 -27.67 -35.17
C ILE B 8 -8.09 -28.07 -34.07
N ASP B 9 -7.06 -27.24 -33.86
CA ASP B 9 -6.04 -27.57 -32.86
C ASP B 9 -6.55 -27.34 -31.44
N LEU B 10 -7.47 -26.40 -31.28
CA LEU B 10 -8.03 -26.13 -29.98
C LEU B 10 -8.86 -27.32 -29.53
N VAL B 11 -9.64 -27.86 -30.45
CA VAL B 11 -10.50 -28.99 -30.14
C VAL B 11 -9.68 -30.26 -29.89
N LYS B 12 -8.58 -30.43 -30.60
CA LYS B 12 -7.70 -31.58 -30.35
C LYS B 12 -7.17 -31.53 -28.94
N GLU B 13 -6.88 -30.31 -28.48
CA GLU B 13 -6.35 -30.11 -27.14
C GLU B 13 -7.42 -30.38 -26.09
N ILE B 14 -8.65 -29.94 -26.37
CA ILE B 14 -9.75 -30.16 -25.42
C ILE B 14 -9.94 -31.64 -25.16
N LYS B 15 -10.04 -32.42 -26.25
CA LYS B 15 -10.00 -33.88 -26.17
C LYS B 15 -11.21 -34.52 -25.50
N ILE B 16 -11.26 -34.42 -24.16
CA ILE B 16 -12.29 -35.09 -23.39
C ILE B 16 -12.83 -34.24 -22.23
N GLY B 17 -14.15 -34.10 -22.18
CA GLY B 17 -14.80 -33.26 -21.18
C GLY B 17 -15.96 -33.95 -20.48
N TRP B 18 -16.55 -33.24 -19.51
CA TRP B 18 -17.57 -33.76 -18.59
C TRP B 18 -18.63 -32.67 -18.39
N ASN B 19 -19.89 -33.03 -18.51
CA ASN B 19 -21.00 -32.11 -18.33
C ASN B 19 -21.46 -32.02 -16.90
N LEU B 20 -21.63 -30.80 -16.40
CA LEU B 20 -22.28 -30.57 -15.12
C LEU B 20 -23.81 -30.64 -15.29
N GLY B 21 -24.31 -31.85 -15.57
CA GLY B 21 -25.69 -32.00 -16.00
C GLY B 21 -26.72 -31.90 -14.90
N ASN B 22 -27.94 -31.55 -15.27
CA ASN B 22 -29.06 -31.40 -14.32
C ASN B 22 -28.77 -30.47 -13.16
N THR B 23 -28.04 -29.39 -13.45
CA THR B 23 -27.60 -28.46 -12.42
C THR B 23 -28.08 -27.04 -12.74
N LEU B 24 -27.24 -26.23 -13.40
CA LEU B 24 -27.65 -24.89 -13.79
C LEU B 24 -28.64 -24.90 -15.00
N ASP B 25 -28.80 -26.06 -15.62
CA ASP B 25 -29.87 -26.26 -16.62
C ASP B 25 -31.23 -26.57 -15.95
N ALA B 26 -31.21 -26.92 -14.66
CA ALA B 26 -32.46 -27.11 -13.90
C ALA B 26 -33.01 -25.73 -13.51
N PRO B 27 -34.33 -25.62 -13.19
CA PRO B 27 -34.91 -24.30 -12.90
C PRO B 27 -34.17 -23.60 -11.77
N THR B 28 -33.62 -24.41 -10.88
CA THR B 28 -32.80 -23.93 -9.79
C THR B 28 -31.68 -24.93 -9.65
N GLU B 29 -30.53 -24.51 -9.09
CA GLU B 29 -29.36 -25.38 -9.09
C GLU B 29 -29.67 -26.75 -8.47
N THR B 30 -30.49 -26.77 -7.42
CA THR B 30 -30.79 -28.01 -6.72
C THR B 30 -32.16 -28.61 -7.08
N ALA B 31 -32.87 -27.99 -8.01
CA ALA B 31 -34.25 -28.40 -8.28
C ALA B 31 -34.41 -29.86 -8.71
N TRP B 32 -33.36 -30.44 -9.29
CA TRP B 32 -33.45 -31.81 -9.83
C TRP B 32 -32.60 -32.79 -9.02
N GLY B 33 -32.37 -32.50 -7.75
CA GLY B 33 -31.72 -33.48 -6.90
C GLY B 33 -30.21 -33.39 -6.74
N ASN B 34 -29.54 -32.58 -7.55
CA ASN B 34 -28.11 -32.42 -7.37
C ASN B 34 -27.82 -31.45 -6.22
N PRO B 35 -26.77 -31.73 -5.44
CA PRO B 35 -26.39 -30.73 -4.44
C PRO B 35 -25.80 -29.49 -5.11
N ARG B 36 -25.73 -28.40 -4.37
CA ARG B 36 -25.04 -27.21 -4.81
C ARG B 36 -23.59 -27.57 -5.18
N THR B 37 -23.16 -27.14 -6.36
CA THR B 37 -21.82 -27.46 -6.86
C THR B 37 -20.72 -26.84 -6.00
N THR B 38 -19.70 -27.63 -5.72
CA THR B 38 -18.57 -27.16 -4.93
C THR B 38 -17.29 -27.26 -5.73
N LYS B 39 -16.30 -26.50 -5.28
CA LYS B 39 -14.99 -26.48 -5.87
C LYS B 39 -14.39 -27.85 -5.84
N ALA B 40 -14.66 -28.57 -4.75
CA ALA B 40 -14.12 -29.89 -4.52
C ALA B 40 -14.57 -30.93 -5.58
N MET B 41 -15.85 -30.86 -5.96
CA MET B 41 -16.38 -31.77 -6.98
C MET B 41 -15.63 -31.57 -8.30
N ILE B 42 -15.44 -30.32 -8.68
CA ILE B 42 -14.79 -29.98 -9.93
C ILE B 42 -13.35 -30.47 -9.92
N GLU B 43 -12.74 -30.39 -8.74
CA GLU B 43 -11.35 -30.82 -8.57
C GLU B 43 -11.24 -32.31 -8.89
N LYS B 44 -12.20 -33.07 -8.40
CA LYS B 44 -12.25 -34.50 -8.61
C LYS B 44 -12.37 -34.77 -10.10
N VAL B 45 -13.26 -34.01 -10.75
CA VAL B 45 -13.38 -34.09 -12.20
C VAL B 45 -12.01 -33.88 -12.86
N ARG B 46 -11.32 -32.81 -12.50
CA ARG B 46 -9.99 -32.54 -13.08
C ARG B 46 -9.02 -33.65 -12.73
N GLU B 47 -9.17 -34.17 -11.52
CA GLU B 47 -8.26 -35.19 -11.01
C GLU B 47 -8.22 -36.47 -11.87
N MET B 48 -9.33 -36.83 -12.49
CA MET B 48 -9.41 -38.04 -13.32
C MET B 48 -8.89 -37.88 -14.75
N GLY B 49 -8.59 -36.65 -15.17
CA GLY B 49 -8.02 -36.46 -16.50
C GLY B 49 -8.88 -35.69 -17.48
N PHE B 50 -10.06 -35.28 -17.06
CA PHE B 50 -10.89 -34.41 -17.89
C PHE B 50 -10.15 -33.09 -18.11
N ASN B 51 -10.27 -32.54 -19.32
CA ASN B 51 -9.62 -31.30 -19.67
C ASN B 51 -10.62 -30.18 -19.88
N ALA B 52 -11.91 -30.48 -19.66
CA ALA B 52 -12.96 -29.50 -19.89
C ALA B 52 -14.26 -29.89 -19.17
N VAL B 53 -15.00 -28.88 -18.72
CA VAL B 53 -16.32 -29.07 -18.18
C VAL B 53 -17.29 -28.23 -18.95
N ARG B 54 -18.33 -28.86 -19.45
CA ARG B 54 -19.41 -28.11 -20.05
C ARG B 54 -20.40 -27.76 -18.94
N VAL B 55 -20.80 -26.50 -18.90
CA VAL B 55 -21.73 -26.02 -17.88
C VAL B 55 -23.03 -25.57 -18.53
N PRO B 56 -23.99 -26.49 -18.63
CA PRO B 56 -25.29 -26.13 -19.21
C PRO B 56 -26.05 -25.22 -18.25
N VAL B 57 -26.56 -24.14 -18.80
CA VAL B 57 -27.28 -23.15 -18.04
C VAL B 57 -28.61 -22.86 -18.69
N THR B 58 -29.69 -22.99 -17.92
CA THR B 58 -31.01 -22.55 -18.35
C THR B 58 -31.30 -21.17 -17.79
N TRP B 59 -31.67 -20.22 -18.65
CA TRP B 59 -31.85 -18.84 -18.23
C TRP B 59 -33.31 -18.46 -17.97
N ASP B 60 -34.21 -19.09 -18.71
CA ASP B 60 -35.65 -18.86 -18.68
C ASP B 60 -36.26 -18.12 -17.50
N THR B 61 -36.35 -18.79 -16.35
CA THR B 61 -37.01 -18.24 -15.18
C THR B 61 -36.19 -17.19 -14.43
N HIS B 62 -35.01 -16.85 -14.96
CA HIS B 62 -34.15 -15.85 -14.36
C HIS B 62 -34.13 -14.60 -15.21
N ILE B 63 -35.02 -14.56 -16.20
CA ILE B 63 -35.09 -13.45 -17.13
C ILE B 63 -36.36 -12.64 -16.84
N GLY B 64 -36.19 -11.34 -16.67
CA GLY B 64 -37.32 -10.47 -16.44
C GLY B 64 -38.16 -10.32 -17.69
N PRO B 65 -39.22 -9.52 -17.59
CA PRO B 65 -40.13 -9.27 -18.73
C PRO B 65 -39.51 -8.42 -19.83
N ALA B 66 -40.14 -8.48 -21.00
CA ALA B 66 -39.82 -7.63 -22.13
C ALA B 66 -40.04 -6.19 -21.71
N PRO B 67 -39.37 -5.25 -22.38
CA PRO B 67 -38.46 -5.46 -23.51
C PRO B 67 -37.01 -5.67 -23.08
N ASP B 68 -36.70 -5.51 -21.80
CA ASP B 68 -35.30 -5.59 -21.37
C ASP B 68 -34.79 -7.01 -21.24
N TYR B 69 -35.66 -7.93 -20.81
CA TYR B 69 -35.26 -9.31 -20.60
C TYR B 69 -33.98 -9.41 -19.73
N LYS B 70 -33.98 -8.63 -18.66
CA LYS B 70 -32.84 -8.59 -17.77
C LYS B 70 -32.62 -9.90 -17.03
N ILE B 71 -31.38 -10.37 -17.04
CA ILE B 71 -30.98 -11.53 -16.27
C ILE B 71 -30.78 -11.17 -14.81
N ASP B 72 -31.35 -11.95 -13.89
CA ASP B 72 -31.14 -11.73 -12.46
C ASP B 72 -29.65 -11.77 -12.15
N GLU B 73 -29.12 -10.72 -11.52
CA GLU B 73 -27.69 -10.62 -11.29
C GLU B 73 -27.15 -11.79 -10.45
N ALA B 74 -27.90 -12.19 -9.43
CA ALA B 74 -27.49 -13.28 -8.55
C ALA B 74 -27.27 -14.59 -9.31
N TRP B 75 -28.16 -14.87 -10.28
CA TRP B 75 -28.04 -16.05 -11.11
C TRP B 75 -26.78 -15.95 -11.94
N LEU B 76 -26.58 -14.79 -12.54
CA LEU B 76 -25.41 -14.58 -13.38
C LEU B 76 -24.11 -14.70 -12.56
N ASN B 77 -24.11 -14.14 -11.35
CA ASN B 77 -22.94 -14.29 -10.49
C ASN B 77 -22.63 -15.76 -10.20
N ARG B 78 -23.67 -16.56 -9.99
CA ARG B 78 -23.46 -17.98 -9.64
C ARG B 78 -22.84 -18.78 -10.79
N VAL B 79 -23.41 -18.61 -11.99
CA VAL B 79 -22.88 -19.20 -13.22
C VAL B 79 -21.38 -18.88 -13.40
N GLU B 80 -21.03 -17.61 -13.22
CA GLU B 80 -19.65 -17.21 -13.31
C GLU B 80 -18.80 -17.92 -12.24
N GLU B 81 -19.36 -18.06 -11.05
CA GLU B 81 -18.63 -18.69 -9.97
C GLU B 81 -18.24 -20.11 -10.36
N VAL B 82 -19.22 -20.84 -10.87
CA VAL B 82 -19.04 -22.21 -11.30
C VAL B 82 -18.09 -22.28 -12.50
N VAL B 83 -18.21 -21.31 -13.42
CA VAL B 83 -17.29 -21.24 -14.55
C VAL B 83 -15.87 -21.14 -14.04
N ASN B 84 -15.69 -20.30 -13.04
CA ASN B 84 -14.37 -20.12 -12.44
C ASN B 84 -13.82 -21.32 -11.69
N TYR B 85 -14.70 -22.15 -11.13
CA TYR B 85 -14.24 -23.38 -10.52
C TYR B 85 -13.52 -24.15 -11.61
N VAL B 86 -14.13 -24.16 -12.79
CA VAL B 86 -13.60 -24.92 -13.91
C VAL B 86 -12.31 -24.36 -14.50
N LEU B 87 -12.28 -23.07 -14.82
CA LEU B 87 -11.05 -22.52 -15.37
C LEU B 87 -9.91 -22.61 -14.35
N ASP B 88 -10.20 -22.30 -13.09
CA ASP B 88 -9.15 -22.29 -12.06
C ASP B 88 -8.44 -23.65 -11.88
N CYS B 89 -9.15 -24.73 -12.18
CA CYS B 89 -8.58 -26.08 -12.13
C CYS B 89 -7.81 -26.43 -13.41
N GLY B 90 -7.58 -25.45 -14.28
CA GLY B 90 -6.88 -25.69 -15.54
C GLY B 90 -7.67 -26.36 -16.68
N MET B 91 -8.99 -26.32 -16.61
CA MET B 91 -9.80 -26.93 -17.67
C MET B 91 -10.50 -25.90 -18.54
N TYR B 92 -10.89 -26.29 -19.75
CA TYR B 92 -11.75 -25.48 -20.58
C TYR B 92 -13.16 -25.45 -20.01
N ALA B 93 -13.87 -24.36 -20.28
CA ALA B 93 -15.27 -24.24 -19.87
C ALA B 93 -16.13 -23.83 -21.03
N ILE B 94 -17.32 -24.43 -21.07
CA ILE B 94 -18.34 -24.04 -22.05
C ILE B 94 -19.62 -23.67 -21.34
N ILE B 95 -20.17 -22.50 -21.66
CA ILE B 95 -21.49 -22.10 -21.19
C ILE B 95 -22.42 -21.98 -22.36
N ASN B 96 -23.69 -22.25 -22.12
CA ASN B 96 -24.64 -22.21 -23.20
C ASN B 96 -25.97 -21.64 -22.81
N LEU B 97 -26.93 -21.90 -23.68
CA LEU B 97 -28.29 -21.54 -23.42
C LEU B 97 -29.07 -22.84 -23.61
N HIS B 98 -29.67 -23.34 -22.52
CA HIS B 98 -30.08 -24.75 -22.46
C HIS B 98 -31.57 -25.04 -22.66
N HIS B 99 -32.29 -25.34 -21.58
CA HIS B 99 -33.72 -25.61 -21.69
C HIS B 99 -34.48 -24.31 -21.85
N ASP B 100 -34.22 -23.61 -22.96
CA ASP B 100 -34.84 -22.33 -23.19
C ASP B 100 -35.72 -22.40 -24.42
N ASN B 101 -36.11 -23.62 -24.75
CA ASN B 101 -36.97 -23.87 -25.89
C ASN B 101 -38.41 -23.43 -25.65
N THR B 102 -38.70 -22.98 -24.43
CA THR B 102 -39.99 -22.38 -24.13
C THR B 102 -40.14 -21.05 -24.84
N TRP B 103 -39.03 -20.33 -25.03
CA TRP B 103 -39.09 -19.01 -25.68
C TRP B 103 -38.24 -18.90 -26.95
N ILE B 104 -37.39 -19.90 -27.21
CA ILE B 104 -36.67 -19.99 -28.47
C ILE B 104 -37.35 -21.02 -29.37
N ILE B 105 -38.16 -20.55 -30.31
CA ILE B 105 -38.95 -21.45 -31.17
C ILE B 105 -38.63 -21.22 -32.63
N PRO B 106 -37.93 -22.19 -33.25
CA PRO B 106 -37.41 -22.00 -34.61
C PRO B 106 -38.46 -22.20 -35.69
N THR B 107 -39.48 -21.35 -35.70
CA THR B 107 -40.46 -21.32 -36.77
C THR B 107 -40.56 -19.88 -37.31
N TYR B 108 -41.13 -19.71 -38.51
CA TYR B 108 -41.32 -18.38 -39.08
C TYR B 108 -42.23 -17.53 -38.19
N ALA B 109 -43.25 -18.19 -37.64
CA ALA B 109 -44.24 -17.53 -36.82
C ALA B 109 -43.64 -16.91 -35.57
N ASN B 110 -42.60 -17.55 -35.05
CA ASN B 110 -42.01 -17.15 -33.78
C ASN B 110 -40.58 -16.56 -33.94
N GLU B 111 -40.09 -16.49 -35.19
CA GLU B 111 -38.70 -16.11 -35.46
C GLU B 111 -38.24 -14.76 -34.90
N GLN B 112 -38.96 -13.70 -35.22
CA GLN B 112 -38.53 -12.36 -34.85
C GLN B 112 -38.52 -12.17 -33.33
N ARG B 113 -39.55 -12.68 -32.66
CA ARG B 113 -39.66 -12.57 -31.21
CA ARG B 113 -39.67 -12.60 -31.21
C ARG B 113 -38.59 -13.39 -30.48
N SER B 114 -38.41 -14.66 -30.87
CA SER B 114 -37.34 -15.47 -30.29
C SER B 114 -36.00 -14.76 -30.54
N LYS B 115 -35.79 -14.34 -31.78
CA LYS B 115 -34.50 -13.77 -32.17
C LYS B 115 -34.18 -12.51 -31.34
N GLU B 116 -35.17 -11.65 -31.13
CA GLU B 116 -34.93 -10.42 -30.37
C GLU B 116 -34.50 -10.73 -28.93
N LYS B 117 -35.20 -11.67 -28.32
CA LYS B 117 -34.92 -12.02 -26.95
C LYS B 117 -33.55 -12.70 -26.84
N LEU B 118 -33.27 -13.58 -27.78
CA LEU B 118 -32.02 -14.33 -27.77
C LEU B 118 -30.82 -13.36 -27.89
N VAL B 119 -30.95 -12.35 -28.74
CA VAL B 119 -29.86 -11.38 -28.87
C VAL B 119 -29.67 -10.61 -27.56
N LYS B 120 -30.79 -10.26 -26.92
CA LYS B 120 -30.77 -9.49 -25.70
C LYS B 120 -30.24 -10.32 -24.51
N VAL B 121 -30.49 -11.62 -24.53
CA VAL B 121 -29.96 -12.47 -23.47
C VAL B 121 -28.46 -12.65 -23.66
N TRP B 122 -28.07 -12.96 -24.90
CA TRP B 122 -26.67 -13.20 -25.22
C TRP B 122 -25.80 -11.97 -25.08
N GLU B 123 -26.37 -10.80 -25.33
CA GLU B 123 -25.69 -9.54 -25.13
C GLU B 123 -25.23 -9.47 -23.69
N GLN B 124 -26.15 -9.80 -22.79
CA GLN B 124 -25.85 -9.77 -21.38
C GLN B 124 -24.86 -10.84 -21.01
N ILE B 125 -25.06 -12.04 -21.54
CA ILE B 125 -24.14 -13.12 -21.24
C ILE B 125 -22.75 -12.79 -21.73
N ALA B 126 -22.64 -12.47 -23.01
CA ALA B 126 -21.37 -12.10 -23.63
C ALA B 126 -20.68 -10.94 -22.90
N THR B 127 -21.46 -9.95 -22.50
CA THR B 127 -20.87 -8.79 -21.82
C THR B 127 -20.23 -9.23 -20.51
N ARG B 128 -20.95 -10.00 -19.70
CA ARG B 128 -20.43 -10.48 -18.42
C ARG B 128 -19.10 -11.23 -18.60
N PHE B 129 -19.01 -12.05 -19.65
CA PHE B 129 -17.85 -12.91 -19.77
C PHE B 129 -16.82 -12.44 -20.81
N LYS B 130 -16.97 -11.22 -21.29
CA LYS B 130 -16.14 -10.73 -22.40
C LYS B 130 -14.62 -10.79 -22.18
N ASP B 131 -14.16 -10.65 -20.94
CA ASP B 131 -12.73 -10.49 -20.70
C ASP B 131 -11.94 -11.78 -20.42
N TYR B 132 -12.65 -12.92 -20.36
CA TYR B 132 -11.97 -14.21 -20.16
C TYR B 132 -11.12 -14.55 -21.37
N ASP B 133 -10.08 -15.36 -21.16
CA ASP B 133 -9.26 -15.81 -22.29
C ASP B 133 -9.92 -16.96 -23.11
N ASP B 134 -9.16 -17.60 -24.00
CA ASP B 134 -9.75 -18.54 -24.94
C ASP B 134 -10.12 -19.91 -24.35
N HIS B 135 -9.91 -20.07 -23.04
CA HIS B 135 -10.30 -21.29 -22.38
C HIS B 135 -11.80 -21.27 -22.05
N LEU B 136 -12.44 -20.12 -22.25
CA LEU B 136 -13.89 -20.03 -22.10
C LEU B 136 -14.55 -19.94 -23.48
N LEU B 137 -15.51 -20.83 -23.72
CA LEU B 137 -16.20 -20.87 -25.00
C LEU B 137 -17.69 -20.64 -24.80
N PHE B 138 -18.33 -20.01 -25.78
CA PHE B 138 -19.77 -19.79 -25.76
C PHE B 138 -20.38 -20.82 -26.70
N GLU B 139 -21.49 -21.42 -26.27
CA GLU B 139 -22.30 -22.31 -27.11
C GLU B 139 -23.66 -21.67 -27.31
N THR B 140 -24.00 -21.35 -28.57
CA THR B 140 -25.15 -20.49 -28.86
C THR B 140 -26.46 -20.98 -28.28
N MET B 141 -26.78 -22.24 -28.56
CA MET B 141 -28.00 -22.86 -28.07
C MET B 141 -27.73 -24.35 -27.82
N ASN B 142 -28.54 -24.97 -26.97
CA ASN B 142 -28.33 -26.38 -26.63
C ASN B 142 -28.86 -27.33 -27.71
N GLU B 143 -30.18 -27.53 -27.70
CA GLU B 143 -30.84 -28.40 -28.65
C GLU B 143 -32.09 -27.71 -29.24
N PRO B 144 -31.86 -26.64 -30.01
CA PRO B 144 -32.95 -25.83 -30.54
C PRO B 144 -33.83 -26.67 -31.45
N ARG B 145 -35.14 -26.55 -31.28
CA ARG B 145 -36.10 -27.43 -31.96
C ARG B 145 -37.52 -26.91 -31.70
N GLU B 146 -38.46 -27.34 -32.54
CA GLU B 146 -39.85 -26.99 -32.34
C GLU B 146 -40.45 -28.04 -31.41
N VAL B 147 -40.57 -27.69 -30.13
CA VAL B 147 -41.06 -28.64 -29.14
C VAL B 147 -42.50 -29.05 -29.45
N GLY B 148 -42.72 -30.36 -29.49
CA GLY B 148 -44.05 -30.87 -29.70
C GLY B 148 -44.37 -31.08 -31.17
N SER B 149 -43.37 -30.99 -32.03
CA SER B 149 -43.59 -31.22 -33.44
C SER B 149 -43.21 -32.65 -33.83
N PRO B 150 -43.85 -33.18 -34.88
CA PRO B 150 -43.57 -34.53 -35.39
C PRO B 150 -42.08 -34.80 -35.69
N MET B 151 -41.34 -33.83 -36.22
CA MET B 151 -39.93 -34.07 -36.57
C MET B 151 -38.92 -33.59 -35.51
N GLU B 152 -39.43 -33.18 -34.34
CA GLU B 152 -38.61 -32.64 -33.25
C GLU B 152 -37.30 -33.40 -33.02
N TRP B 153 -37.39 -34.72 -32.95
CA TRP B 153 -36.22 -35.54 -32.63
C TRP B 153 -35.71 -36.30 -33.86
N MET B 154 -36.09 -35.84 -35.04
CA MET B 154 -35.67 -36.49 -36.29
C MET B 154 -35.00 -35.55 -37.27
N GLY B 155 -34.40 -34.48 -36.75
CA GLY B 155 -33.71 -33.51 -37.58
C GLY B 155 -34.55 -32.28 -37.85
N GLY B 156 -35.80 -32.30 -37.40
CA GLY B 156 -36.67 -31.16 -37.63
C GLY B 156 -37.07 -31.04 -39.09
N THR B 157 -37.82 -30.00 -39.43
CA THR B 157 -38.17 -29.71 -40.82
C THR B 157 -37.14 -28.77 -41.41
N TYR B 158 -37.19 -28.61 -42.72
CA TYR B 158 -36.31 -27.67 -43.39
C TYR B 158 -36.54 -26.24 -42.86
N GLU B 159 -37.78 -25.93 -42.52
CA GLU B 159 -38.14 -24.67 -41.86
C GLU B 159 -37.35 -24.41 -40.57
N ASN B 160 -37.37 -25.39 -39.67
CA ASN B 160 -36.68 -25.28 -38.38
C ASN B 160 -35.20 -24.94 -38.60
N ARG B 161 -34.55 -25.67 -39.49
CA ARG B 161 -33.12 -25.55 -39.68
C ARG B 161 -32.79 -24.20 -40.33
N ASP B 162 -33.71 -23.70 -41.15
CA ASP B 162 -33.53 -22.40 -41.79
C ASP B 162 -33.51 -21.28 -40.75
N VAL B 163 -34.48 -21.32 -39.84
CA VAL B 163 -34.56 -20.32 -38.79
C VAL B 163 -33.39 -20.43 -37.81
N ILE B 164 -33.02 -21.65 -37.44
CA ILE B 164 -31.91 -21.87 -36.52
C ILE B 164 -30.63 -21.27 -37.08
N ASN B 165 -30.45 -21.38 -38.39
CA ASN B 165 -29.33 -20.72 -39.07
C ASN B 165 -29.34 -19.22 -38.78
N ARG B 166 -30.52 -18.60 -38.79
CA ARG B 166 -30.56 -17.16 -38.51
C ARG B 166 -30.38 -16.84 -37.02
N PHE B 167 -30.96 -17.68 -36.17
CA PHE B 167 -30.71 -17.62 -34.74
C PHE B 167 -29.20 -17.62 -34.48
N ASN B 168 -28.49 -18.58 -35.07
CA ASN B 168 -27.04 -18.67 -34.88
C ASN B 168 -26.31 -17.44 -35.41
N LEU B 169 -26.72 -16.94 -36.58
CA LEU B 169 -26.09 -15.76 -37.15
C LEU B 169 -26.25 -14.56 -36.20
N ALA B 170 -27.44 -14.43 -35.61
CA ALA B 170 -27.68 -13.28 -34.75
C ALA B 170 -26.80 -13.33 -33.48
N VAL B 171 -26.69 -14.52 -32.90
CA VAL B 171 -25.93 -14.69 -31.67
C VAL B 171 -24.43 -14.47 -31.92
N VAL B 172 -23.88 -15.04 -32.98
CA VAL B 172 -22.49 -14.81 -33.33
C VAL B 172 -22.18 -13.32 -33.56
N ASN B 173 -23.00 -12.65 -34.36
CA ASN B 173 -22.82 -11.21 -34.58
C ASN B 173 -22.88 -10.42 -33.28
N THR B 174 -23.84 -10.79 -32.43
CA THR B 174 -24.01 -10.15 -31.14
C THR B 174 -22.75 -10.33 -30.30
N ILE B 175 -22.29 -11.57 -30.22
CA ILE B 175 -21.08 -11.88 -29.46
C ILE B 175 -19.85 -11.18 -29.99
N ARG B 176 -19.65 -11.25 -31.31
CA ARG B 176 -18.45 -10.69 -31.93
C ARG B 176 -18.30 -9.19 -31.71
N ALA B 177 -19.42 -8.51 -31.52
CA ALA B 177 -19.42 -7.06 -31.40
C ALA B 177 -19.47 -6.60 -29.94
N SER B 178 -19.45 -7.54 -29.00
CA SER B 178 -19.69 -7.21 -27.60
C SER B 178 -18.43 -6.80 -26.79
N GLY B 179 -17.26 -6.78 -27.43
CA GLY B 179 -16.05 -6.29 -26.79
C GLY B 179 -15.13 -7.30 -26.13
N GLY B 180 -14.09 -6.80 -25.44
CA GLY B 180 -13.14 -7.66 -24.74
C GLY B 180 -12.45 -8.65 -25.66
N ASN B 181 -12.51 -9.93 -25.31
CA ASN B 181 -11.95 -10.95 -26.18
C ASN B 181 -13.01 -11.60 -27.06
N ASN B 182 -14.24 -11.11 -26.99
CA ASN B 182 -15.33 -11.76 -27.71
C ASN B 182 -15.20 -11.66 -29.24
N ASP B 183 -14.23 -10.90 -29.71
CA ASP B 183 -13.97 -10.85 -31.15
C ASP B 183 -13.29 -12.13 -31.61
N LYS B 184 -12.59 -12.78 -30.69
CA LYS B 184 -11.85 -13.99 -31.05
C LYS B 184 -12.27 -15.26 -30.28
N ARG B 185 -13.26 -15.16 -29.41
CA ARG B 185 -13.66 -16.31 -28.61
C ARG B 185 -14.24 -17.41 -29.51
N PHE B 186 -13.89 -18.65 -29.21
CA PHE B 186 -14.44 -19.79 -29.96
C PHE B 186 -15.88 -20.02 -29.56
N ILE B 187 -16.70 -20.36 -30.55
CA ILE B 187 -18.15 -20.46 -30.40
C ILE B 187 -18.70 -21.74 -31.04
N LEU B 188 -19.56 -22.43 -30.29
CA LEU B 188 -20.23 -23.63 -30.76
C LEU B 188 -21.63 -23.32 -31.31
N VAL B 189 -21.95 -23.90 -32.46
CA VAL B 189 -23.29 -23.79 -33.04
C VAL B 189 -23.84 -25.16 -33.48
N PRO B 190 -25.09 -25.43 -33.14
CA PRO B 190 -25.75 -26.67 -33.57
C PRO B 190 -26.76 -26.40 -34.67
N THR B 191 -27.22 -27.44 -35.34
CA THR B 191 -28.48 -27.31 -36.07
C THR B 191 -29.54 -27.98 -35.20
N ASN B 192 -30.68 -28.37 -35.78
CA ASN B 192 -31.84 -28.85 -35.01
C ASN B 192 -31.53 -29.85 -33.91
N ALA B 193 -31.80 -29.47 -32.66
CA ALA B 193 -31.61 -30.36 -31.52
C ALA B 193 -30.21 -30.90 -31.38
N ALA B 194 -29.25 -30.17 -31.93
CA ALA B 194 -27.85 -30.59 -31.97
C ALA B 194 -27.65 -31.97 -32.59
N THR B 195 -28.50 -32.35 -33.55
CA THR B 195 -28.43 -33.67 -34.15
C THR B 195 -27.19 -33.82 -35.03
N GLY B 196 -26.78 -35.06 -35.26
CA GLY B 196 -25.72 -35.38 -36.20
C GLY B 196 -26.24 -35.95 -37.52
N LEU B 197 -27.56 -35.93 -37.68
CA LEU B 197 -28.18 -36.42 -38.92
C LEU B 197 -27.74 -35.68 -40.19
N ASP B 198 -27.47 -36.46 -41.24
CA ASP B 198 -27.00 -35.91 -42.49
C ASP B 198 -27.98 -34.92 -43.10
N VAL B 199 -29.27 -35.29 -43.11
CA VAL B 199 -30.26 -34.42 -43.71
C VAL B 199 -30.32 -33.07 -42.97
N ALA B 200 -29.92 -33.05 -41.70
CA ALA B 200 -29.85 -31.79 -40.94
C ALA B 200 -28.52 -31.04 -41.06
N LEU B 201 -27.41 -31.76 -40.91
CA LEU B 201 -26.10 -31.12 -41.02
C LEU B 201 -25.87 -30.53 -42.42
N ASN B 202 -26.57 -31.06 -43.40
CA ASN B 202 -26.55 -30.54 -44.74
C ASN B 202 -27.03 -29.07 -44.82
N ASP B 203 -27.92 -28.68 -43.91
CA ASP B 203 -28.52 -27.35 -43.93
C ASP B 203 -27.84 -26.34 -42.99
N LEU B 204 -26.83 -26.81 -42.27
CA LEU B 204 -26.18 -25.95 -41.31
C LEU B 204 -25.22 -25.00 -42.02
N VAL B 205 -25.41 -23.70 -41.79
CA VAL B 205 -24.48 -22.71 -42.33
C VAL B 205 -23.72 -21.97 -41.22
N ILE B 206 -22.40 -21.97 -41.36
CA ILE B 206 -21.55 -21.26 -40.41
C ILE B 206 -21.75 -19.77 -40.58
N PRO B 207 -22.19 -19.08 -39.51
CA PRO B 207 -22.37 -17.63 -39.57
C PRO B 207 -21.09 -16.94 -40.08
N ASN B 208 -21.24 -16.18 -41.16
CA ASN B 208 -20.17 -15.39 -41.73
C ASN B 208 -18.96 -16.24 -42.13
N ASN B 209 -19.15 -17.55 -42.21
CA ASN B 209 -18.03 -18.47 -42.41
C ASN B 209 -16.92 -18.19 -41.39
N ASP B 210 -17.34 -17.79 -40.19
CA ASP B 210 -16.46 -17.44 -39.08
C ASP B 210 -15.53 -18.61 -38.76
N SER B 211 -14.22 -18.35 -38.76
CA SER B 211 -13.25 -19.41 -38.64
C SER B 211 -13.07 -19.87 -37.21
N ARG B 212 -13.68 -19.16 -36.27
CA ARG B 212 -13.58 -19.56 -34.86
C ARG B 212 -14.94 -20.02 -34.34
N VAL B 213 -15.76 -20.49 -35.29
CA VAL B 213 -17.03 -21.12 -34.98
C VAL B 213 -16.89 -22.65 -35.12
N ILE B 214 -17.40 -23.37 -34.12
CA ILE B 214 -17.27 -24.84 -34.05
C ILE B 214 -18.64 -25.53 -34.12
N VAL B 215 -18.73 -26.60 -34.90
CA VAL B 215 -19.98 -27.36 -34.97
C VAL B 215 -20.22 -28.17 -33.68
N SER B 216 -21.43 -28.04 -33.13
CA SER B 216 -21.82 -28.80 -31.94
C SER B 216 -22.77 -29.93 -32.31
N ILE B 217 -22.45 -31.15 -31.91
CA ILE B 217 -23.36 -32.29 -32.08
C ILE B 217 -23.56 -33.07 -30.78
N HIS B 218 -24.79 -33.52 -30.52
CA HIS B 218 -25.04 -34.44 -29.41
C HIS B 218 -25.35 -35.79 -30.03
N ALA B 219 -24.70 -36.83 -29.55
CA ALA B 219 -24.84 -38.14 -30.16
C ALA B 219 -24.83 -39.24 -29.12
N TYR B 220 -26.01 -39.55 -28.60
CA TYR B 220 -26.13 -40.61 -27.60
C TYR B 220 -26.33 -41.94 -28.32
N SER B 221 -25.27 -42.41 -28.96
CA SER B 221 -25.35 -43.63 -29.75
C SER B 221 -24.68 -44.82 -29.06
N PRO B 222 -25.21 -46.03 -29.31
CA PRO B 222 -26.47 -46.24 -30.05
C PRO B 222 -27.67 -46.12 -29.12
N TYR B 223 -28.74 -45.48 -29.62
CA TYR B 223 -29.88 -45.08 -28.81
C TYR B 223 -30.42 -46.14 -27.85
N PHE B 224 -30.58 -47.36 -28.34
CA PHE B 224 -31.22 -48.42 -27.57
C PHE B 224 -30.33 -48.87 -26.39
N PHE B 225 -29.03 -49.00 -26.64
CA PHE B 225 -28.10 -49.36 -25.59
C PHE B 225 -27.90 -48.18 -24.63
N ALA B 226 -27.82 -46.98 -25.20
CA ALA B 226 -27.33 -45.81 -24.47
C ALA B 226 -28.40 -45.03 -23.72
N MET B 227 -29.55 -44.83 -24.35
CA MET B 227 -30.61 -44.01 -23.79
C MET B 227 -31.85 -44.78 -23.33
N ASP B 228 -32.23 -45.82 -24.07
CA ASP B 228 -33.53 -46.47 -23.87
C ASP B 228 -33.50 -47.41 -22.66
N VAL B 229 -34.27 -47.07 -21.61
CA VAL B 229 -34.27 -47.89 -20.41
C VAL B 229 -34.71 -49.33 -20.72
N ASN B 230 -35.56 -49.50 -21.73
CA ASN B 230 -36.00 -50.84 -22.13
C ASN B 230 -35.16 -51.41 -23.26
N GLY B 231 -34.25 -50.61 -23.80
CA GLY B 231 -33.36 -51.04 -24.86
C GLY B 231 -32.37 -52.03 -24.33
N THR B 232 -31.58 -52.63 -25.24
CA THR B 232 -30.62 -53.66 -24.88
C THR B 232 -29.58 -53.17 -23.89
N SER B 233 -29.03 -54.09 -23.10
CA SER B 233 -27.95 -53.78 -22.15
C SER B 233 -26.61 -54.29 -22.68
N TYR B 234 -26.64 -54.95 -23.82
CA TYR B 234 -25.40 -55.42 -24.45
C TYR B 234 -24.93 -54.46 -25.54
N TRP B 235 -23.62 -54.29 -25.61
CA TRP B 235 -23.00 -53.54 -26.69
C TRP B 235 -21.71 -54.22 -27.08
N GLY B 236 -21.47 -54.31 -28.39
CA GLY B 236 -20.22 -54.87 -28.87
C GLY B 236 -20.28 -55.60 -30.19
N SER B 237 -21.48 -55.69 -30.77
CA SER B 237 -21.64 -56.40 -32.05
C SER B 237 -20.94 -55.61 -33.18
N ASP B 238 -20.74 -56.29 -34.32
CA ASP B 238 -20.11 -55.67 -35.46
C ASP B 238 -20.89 -54.46 -35.93
N TYR B 239 -22.21 -54.59 -35.94
CA TYR B 239 -23.10 -53.50 -36.33
C TYR B 239 -23.04 -52.34 -35.35
N ASP B 240 -22.93 -52.64 -34.07
CA ASP B 240 -22.83 -51.62 -33.04
C ASP B 240 -21.63 -50.72 -33.33
N LYS B 241 -20.49 -51.31 -33.63
CA LYS B 241 -19.27 -50.56 -33.92
C LYS B 241 -19.33 -49.83 -35.25
N ALA B 242 -19.82 -50.51 -36.29
CA ALA B 242 -19.86 -49.93 -37.62
C ALA B 242 -20.80 -48.75 -37.70
N SER B 243 -21.90 -48.83 -36.95
CA SER B 243 -22.90 -47.76 -36.90
C SER B 243 -22.30 -46.42 -36.49
N LEU B 244 -21.62 -46.39 -35.35
CA LEU B 244 -21.01 -45.15 -34.87
C LEU B 244 -19.88 -44.71 -35.80
N THR B 245 -19.09 -45.67 -36.26
CA THR B 245 -17.97 -45.40 -37.16
C THR B 245 -18.41 -44.71 -38.45
N SER B 246 -19.47 -45.20 -39.06
CA SER B 246 -19.97 -44.57 -40.27
C SER B 246 -20.52 -43.21 -39.92
N GLU B 247 -21.13 -43.14 -38.74
CA GLU B 247 -21.70 -41.91 -38.23
C GLU B 247 -20.58 -40.90 -38.02
N LEU B 248 -19.45 -41.37 -37.50
CA LEU B 248 -18.31 -40.50 -37.28
C LEU B 248 -17.62 -40.10 -38.57
N ASP B 249 -17.54 -41.01 -39.53
CA ASP B 249 -16.92 -40.72 -40.81
C ASP B 249 -17.73 -39.66 -41.53
N ALA B 250 -19.05 -39.79 -41.44
CA ALA B 250 -19.95 -38.85 -42.10
C ALA B 250 -19.72 -37.44 -41.57
N ILE B 251 -19.61 -37.33 -40.24
CA ILE B 251 -19.30 -36.05 -39.60
C ILE B 251 -17.91 -35.53 -39.98
N TYR B 252 -16.89 -36.40 -39.91
CA TYR B 252 -15.51 -36.04 -40.20
C TYR B 252 -15.29 -35.58 -41.64
N ASN B 253 -15.90 -36.28 -42.58
CA ASN B 253 -15.76 -35.95 -43.99
C ASN B 253 -16.51 -34.69 -44.39
N ARG B 254 -17.58 -34.41 -43.68
CA ARG B 254 -18.37 -33.23 -43.98
C ARG B 254 -17.72 -31.98 -43.40
N PHE B 255 -17.17 -32.08 -42.18
CA PHE B 255 -16.65 -30.92 -41.47
C PHE B 255 -15.15 -30.94 -41.20
N VAL B 256 -14.73 -31.85 -40.32
CA VAL B 256 -13.36 -31.87 -39.82
C VAL B 256 -12.30 -31.86 -40.93
N LYS B 257 -12.48 -32.75 -41.89
CA LYS B 257 -11.58 -32.91 -43.02
C LYS B 257 -11.40 -31.60 -43.77
N ASN B 258 -12.41 -30.74 -43.69
CA ASN B 258 -12.39 -29.44 -44.35
C ASN B 258 -12.02 -28.29 -43.42
N GLY B 259 -11.46 -28.61 -42.26
CA GLY B 259 -10.98 -27.59 -41.36
C GLY B 259 -12.06 -27.00 -40.48
N ARG B 260 -13.26 -27.59 -40.53
CA ARG B 260 -14.32 -27.16 -39.63
C ARG B 260 -14.35 -28.08 -38.42
N ALA B 261 -14.02 -27.53 -37.26
CA ALA B 261 -13.92 -28.30 -36.02
C ALA B 261 -15.28 -28.72 -35.47
N VAL B 262 -15.30 -29.86 -34.80
CA VAL B 262 -16.52 -30.43 -34.27
C VAL B 262 -16.33 -30.82 -32.82
N ILE B 263 -17.30 -30.49 -31.99
CA ILE B 263 -17.32 -30.97 -30.61
C ILE B 263 -18.59 -31.76 -30.35
N ILE B 264 -18.44 -32.99 -29.85
CA ILE B 264 -19.60 -33.72 -29.41
C ILE B 264 -19.88 -33.34 -27.95
N GLY B 265 -20.80 -32.41 -27.76
CA GLY B 265 -21.03 -31.80 -26.46
C GLY B 265 -21.74 -32.68 -25.44
N GLU B 266 -22.44 -33.71 -25.92
CA GLU B 266 -23.19 -34.62 -25.05
C GLU B 266 -23.20 -36.01 -25.62
N PHE B 267 -22.90 -36.99 -24.76
CA PHE B 267 -23.09 -38.39 -25.09
C PHE B 267 -23.00 -39.12 -23.75
N GLY B 268 -23.31 -40.41 -23.74
CA GLY B 268 -23.22 -41.21 -22.53
C GLY B 268 -24.19 -42.35 -22.56
N THR B 269 -24.14 -43.21 -21.56
CA THR B 269 -25.09 -44.32 -21.45
C THR B 269 -25.65 -44.42 -20.04
N ILE B 270 -26.81 -45.03 -19.94
CA ILE B 270 -27.42 -45.22 -18.63
C ILE B 270 -26.96 -46.53 -17.98
N ASP B 271 -27.30 -46.65 -16.71
CA ASP B 271 -26.87 -47.77 -15.88
C ASP B 271 -27.82 -48.99 -15.99
N LYS B 272 -27.44 -50.01 -16.75
CA LYS B 272 -28.24 -51.23 -16.79
C LYS B 272 -27.49 -52.39 -16.13
N ASN B 273 -26.73 -52.09 -15.06
CA ASN B 273 -25.87 -53.08 -14.41
C ASN B 273 -25.05 -53.84 -15.42
N ASN B 274 -24.40 -53.08 -16.29
CA ASN B 274 -23.70 -53.59 -17.45
C ASN B 274 -22.39 -52.85 -17.61
N LEU B 275 -21.58 -52.86 -16.56
CA LEU B 275 -20.33 -52.12 -16.56
C LEU B 275 -19.43 -52.44 -17.75
N SER B 276 -19.15 -53.74 -17.94
CA SER B 276 -18.22 -54.17 -18.99
C SER B 276 -18.65 -53.68 -20.37
N SER B 277 -19.95 -53.78 -20.68
CA SER B 277 -20.44 -53.26 -21.96
C SER B 277 -20.34 -51.74 -21.99
N ARG B 278 -20.71 -51.08 -20.89
CA ARG B 278 -20.56 -49.62 -20.84
C ARG B 278 -19.08 -49.23 -20.92
N VAL B 279 -18.22 -50.03 -20.29
CA VAL B 279 -16.79 -49.75 -20.36
C VAL B 279 -16.25 -49.94 -21.78
N ALA B 280 -16.66 -51.02 -22.42
CA ALA B 280 -16.23 -51.28 -23.79
C ALA B 280 -16.74 -50.17 -24.72
N HIS B 281 -18.00 -49.77 -24.53
CA HIS B 281 -18.62 -48.70 -25.33
C HIS B 281 -17.93 -47.36 -25.08
N ALA B 282 -17.60 -47.08 -23.83
CA ALA B 282 -17.06 -45.77 -23.55
C ALA B 282 -15.68 -45.62 -24.20
N GLU B 283 -14.86 -46.66 -24.08
CA GLU B 283 -13.50 -46.62 -24.63
C GLU B 283 -13.50 -46.47 -26.15
N HIS B 284 -14.36 -47.26 -26.80
CA HIS B 284 -14.55 -47.21 -28.24
C HIS B 284 -15.02 -45.86 -28.72
N TYR B 285 -15.98 -45.27 -28.02
CA TYR B 285 -16.53 -43.98 -28.41
C TYR B 285 -15.44 -42.90 -28.39
N ALA B 286 -14.66 -42.85 -27.32
CA ALA B 286 -13.62 -41.82 -27.20
C ALA B 286 -12.50 -42.04 -28.25
N ARG B 287 -12.11 -43.29 -28.43
CA ARG B 287 -11.07 -43.64 -29.40
C ARG B 287 -11.41 -43.20 -30.83
N GLU B 288 -12.60 -43.57 -31.29
CA GLU B 288 -13.03 -43.27 -32.66
C GLU B 288 -13.25 -41.78 -32.91
N ALA B 289 -13.71 -41.06 -31.88
CA ALA B 289 -13.97 -39.64 -32.05
C ALA B 289 -12.67 -38.85 -31.98
N VAL B 290 -11.86 -39.10 -30.95
CA VAL B 290 -10.63 -38.36 -30.78
C VAL B 290 -9.60 -38.63 -31.88
N SER B 291 -9.48 -39.88 -32.33
CA SER B 291 -8.54 -40.18 -33.42
C SER B 291 -8.96 -39.51 -34.73
N ARG B 292 -10.19 -38.99 -34.77
CA ARG B 292 -10.68 -38.21 -35.89
C ARG B 292 -10.72 -36.73 -35.53
N GLY B 293 -10.06 -36.37 -34.44
CA GLY B 293 -9.97 -34.98 -34.00
C GLY B 293 -11.20 -34.39 -33.32
N ILE B 294 -12.16 -35.23 -32.96
CA ILE B 294 -13.39 -34.76 -32.36
C ILE B 294 -13.35 -34.92 -30.85
N ALA B 295 -13.61 -33.82 -30.13
CA ALA B 295 -13.63 -33.87 -28.67
C ALA B 295 -15.00 -34.33 -28.18
N VAL B 296 -15.01 -35.07 -27.08
CA VAL B 296 -16.27 -35.61 -26.55
C VAL B 296 -16.54 -35.25 -25.09
N PHE B 297 -17.82 -35.02 -24.77
CA PHE B 297 -18.24 -34.68 -23.42
C PHE B 297 -19.28 -35.66 -22.86
N TRP B 298 -18.93 -36.34 -21.79
CA TRP B 298 -19.86 -37.25 -21.14
C TRP B 298 -20.99 -36.46 -20.47
N TRP B 299 -22.24 -36.91 -20.63
CA TRP B 299 -23.37 -36.28 -19.96
C TRP B 299 -23.55 -36.86 -18.56
N ASP B 300 -23.15 -36.08 -17.54
CA ASP B 300 -23.23 -36.50 -16.13
C ASP B 300 -24.28 -35.69 -15.37
N ASN B 301 -25.45 -36.29 -15.17
CA ASN B 301 -26.57 -35.58 -14.55
C ASN B 301 -26.67 -35.83 -13.05
N GLY B 302 -25.64 -36.44 -12.46
CA GLY B 302 -25.64 -36.75 -11.05
C GLY B 302 -26.60 -37.84 -10.60
N TYR B 303 -27.30 -38.51 -11.51
CA TYR B 303 -28.33 -39.47 -11.11
C TYR B 303 -27.87 -40.92 -11.07
N TYR B 304 -27.96 -41.51 -9.89
CA TYR B 304 -27.50 -42.88 -9.68
C TYR B 304 -28.58 -43.76 -9.10
N ASN B 305 -28.91 -44.84 -9.81
CA ASN B 305 -29.88 -45.84 -9.38
C ASN B 305 -29.96 -46.99 -10.37
N PRO B 306 -29.02 -47.93 -10.29
CA PRO B 306 -28.84 -48.95 -11.33
C PRO B 306 -30.15 -49.63 -11.76
N GLY B 307 -30.41 -49.66 -13.06
CA GLY B 307 -31.62 -50.30 -13.57
C GLY B 307 -32.71 -49.28 -13.89
N ASP B 308 -32.47 -48.04 -13.49
CA ASP B 308 -33.44 -46.98 -13.69
C ASP B 308 -33.10 -46.13 -14.92
N ALA B 309 -34.07 -45.33 -15.36
CA ALA B 309 -33.93 -44.41 -16.48
C ALA B 309 -33.01 -43.24 -16.16
N GLU B 310 -32.42 -42.66 -17.20
CA GLU B 310 -31.65 -41.42 -17.08
C GLU B 310 -30.49 -41.55 -16.08
N THR B 311 -29.98 -42.76 -15.91
CA THR B 311 -28.96 -43.01 -14.90
C THR B 311 -27.55 -42.79 -15.44
N TYR B 312 -27.21 -41.54 -15.74
CA TYR B 312 -25.95 -41.22 -16.41
C TYR B 312 -24.77 -40.92 -15.50
N ALA B 313 -24.98 -40.87 -14.19
CA ALA B 313 -23.93 -40.41 -13.32
C ALA B 313 -22.69 -41.29 -13.28
N LEU B 314 -21.53 -40.65 -13.31
CA LEU B 314 -20.24 -41.31 -13.04
C LEU B 314 -19.69 -40.81 -11.71
N LEU B 315 -19.87 -39.52 -11.45
CA LEU B 315 -19.40 -38.89 -10.23
C LEU B 315 -20.47 -38.88 -9.16
N ASN B 316 -20.13 -39.36 -7.96
CA ASN B 316 -20.99 -39.19 -6.80
C ASN B 316 -20.69 -37.82 -6.18
N ARG B 317 -21.54 -36.84 -6.46
CA ARG B 317 -21.23 -35.48 -6.07
C ARG B 317 -21.30 -35.27 -4.55
N LYS B 318 -22.22 -35.96 -3.88
CA LYS B 318 -22.39 -35.75 -2.44
C LYS B 318 -21.24 -36.38 -1.63
N THR B 319 -20.62 -37.42 -2.19
CA THR B 319 -19.62 -38.14 -1.41
C THR B 319 -18.20 -37.97 -1.99
N LEU B 320 -18.08 -37.21 -3.08
CA LEU B 320 -16.79 -36.99 -3.69
C LEU B 320 -16.05 -38.30 -4.02
N SER B 321 -16.78 -39.27 -4.54
CA SER B 321 -16.18 -40.49 -5.09
C SER B 321 -16.80 -40.75 -6.47
N TRP B 322 -16.29 -41.76 -7.17
CA TRP B 322 -16.84 -42.09 -8.48
C TRP B 322 -17.61 -43.40 -8.40
N TYR B 323 -18.86 -43.38 -8.87
CA TYR B 323 -19.66 -44.59 -8.99
C TYR B 323 -19.01 -45.53 -9.94
N TYR B 324 -18.59 -44.99 -11.09
CA TYR B 324 -17.97 -45.79 -12.12
C TYR B 324 -16.70 -45.12 -12.64
N PRO B 325 -15.62 -45.24 -11.86
CA PRO B 325 -14.32 -44.77 -12.33
C PRO B 325 -13.87 -45.57 -13.55
N GLU B 326 -14.31 -46.81 -13.68
CA GLU B 326 -13.93 -47.69 -14.79
C GLU B 326 -14.30 -47.09 -16.14
N ILE B 327 -15.49 -46.52 -16.21
CA ILE B 327 -15.95 -45.86 -17.41
C ILE B 327 -15.07 -44.61 -17.68
N VAL B 328 -14.75 -43.88 -16.62
CA VAL B 328 -13.93 -42.68 -16.75
C VAL B 328 -12.58 -43.02 -17.34
N GLN B 329 -11.93 -44.00 -16.72
CA GLN B 329 -10.65 -44.51 -17.17
C GLN B 329 -10.74 -45.14 -18.56
N ALA B 330 -11.90 -45.70 -18.89
CA ALA B 330 -12.11 -46.23 -20.23
C ALA B 330 -12.09 -45.07 -21.23
N LEU B 331 -12.72 -43.95 -20.86
CA LEU B 331 -12.63 -42.75 -21.68
C LEU B 331 -11.17 -42.25 -21.82
N MET B 332 -10.42 -42.19 -20.72
CA MET B 332 -9.06 -41.65 -20.79
C MET B 332 -8.14 -42.49 -21.68
N ARG B 333 -8.27 -43.81 -21.57
CA ARG B 333 -7.57 -44.75 -22.44
C ARG B 333 -7.93 -44.60 -23.93
N GLY B 334 -9.20 -44.42 -24.24
CA GLY B 334 -9.64 -44.24 -25.61
C GLY B 334 -9.20 -42.88 -26.17
N ALA B 335 -9.30 -41.86 -25.33
CA ALA B 335 -8.99 -40.50 -25.74
C ALA B 335 -7.49 -40.29 -25.91
N GLY B 336 -6.70 -41.04 -25.13
CA GLY B 336 -5.25 -40.91 -25.17
C GLY B 336 -4.71 -39.57 -24.68
N GLY C 1 24.92 -9.43 -61.28
CA GLY C 1 24.01 -9.08 -60.20
C GLY C 1 24.68 -8.34 -59.05
N MET C 2 25.33 -7.22 -59.36
CA MET C 2 26.03 -6.43 -58.35
C MET C 2 25.30 -5.12 -58.07
N ARG C 3 24.52 -5.08 -57.01
CA ARG C 3 23.71 -3.90 -56.67
C ARG C 3 24.61 -2.73 -56.30
N ASP C 4 24.06 -1.52 -56.35
CA ASP C 4 24.68 -0.35 -55.74
C ASP C 4 24.28 -0.29 -54.27
N ILE C 5 25.00 -1.03 -53.43
CA ILE C 5 24.66 -1.10 -52.02
C ILE C 5 25.93 -0.95 -51.20
N SER C 6 25.86 -0.16 -50.14
CA SER C 6 27.04 0.02 -49.30
C SER C 6 27.26 -1.25 -48.48
N ALA C 7 28.52 -1.47 -48.08
CA ALA C 7 28.90 -2.61 -47.25
C ALA C 7 28.09 -2.61 -45.97
N ILE C 8 27.91 -1.41 -45.43
CA ILE C 8 27.14 -1.18 -44.22
C ILE C 8 25.69 -1.67 -44.32
N ASP C 9 25.03 -1.35 -45.43
CA ASP C 9 23.63 -1.69 -45.56
C ASP C 9 23.48 -3.17 -45.87
N LEU C 10 24.52 -3.73 -46.51
CA LEU C 10 24.50 -5.14 -46.86
C LEU C 10 24.55 -6.01 -45.61
N VAL C 11 25.38 -5.61 -44.64
CA VAL C 11 25.49 -6.33 -43.39
C VAL C 11 24.22 -6.20 -42.55
N LYS C 12 23.58 -5.04 -42.62
CA LYS C 12 22.29 -4.84 -41.97
C LYS C 12 21.27 -5.81 -42.55
N GLU C 13 21.41 -6.08 -43.84
CA GLU C 13 20.52 -6.99 -44.56
C GLU C 13 20.82 -8.46 -44.24
N ILE C 14 22.09 -8.82 -44.13
CA ILE C 14 22.50 -10.16 -43.75
C ILE C 14 21.92 -10.53 -42.39
N LYS C 15 22.20 -9.67 -41.42
CA LYS C 15 21.57 -9.73 -40.09
C LYS C 15 21.97 -10.95 -39.27
N ILE C 16 21.50 -12.12 -39.67
CA ILE C 16 21.73 -13.33 -38.88
C ILE C 16 22.03 -14.56 -39.73
N GLY C 17 23.14 -15.23 -39.42
CA GLY C 17 23.61 -16.35 -40.22
C GLY C 17 23.97 -17.61 -39.45
N TRP C 18 24.38 -18.63 -40.21
CA TRP C 18 24.61 -19.96 -39.67
C TRP C 18 25.86 -20.57 -40.34
N ASN C 19 26.74 -21.17 -39.53
CA ASN C 19 27.97 -21.83 -40.01
C ASN C 19 27.81 -23.32 -40.29
N LEU C 20 28.27 -23.76 -41.46
CA LEU C 20 28.40 -25.19 -41.72
C LEU C 20 29.73 -25.72 -41.15
N GLY C 21 29.85 -25.71 -39.83
CA GLY C 21 31.11 -26.03 -39.16
C GLY C 21 31.40 -27.53 -39.08
N ASN C 22 32.68 -27.84 -38.85
CA ASN C 22 33.16 -29.22 -38.80
C ASN C 22 32.74 -30.03 -40.03
N THR C 23 32.73 -29.37 -41.18
CA THR C 23 32.36 -29.98 -42.44
C THR C 23 33.49 -29.79 -43.47
N LEU C 24 33.43 -28.75 -44.30
CA LEU C 24 34.51 -28.56 -45.27
C LEU C 24 35.79 -27.99 -44.63
N ASP C 25 35.70 -27.59 -43.37
CA ASP C 25 36.86 -27.24 -42.57
C ASP C 25 37.51 -28.48 -41.99
N ALA C 26 36.81 -29.60 -42.02
CA ALA C 26 37.39 -30.87 -41.57
C ALA C 26 38.29 -31.37 -42.70
N PRO C 27 39.30 -32.21 -42.39
CA PRO C 27 40.27 -32.72 -43.36
C PRO C 27 39.58 -33.41 -44.53
N THR C 28 38.41 -33.97 -44.26
CA THR C 28 37.56 -34.54 -45.29
C THR C 28 36.15 -34.18 -44.81
N GLU C 29 35.18 -34.12 -45.73
CA GLU C 29 33.83 -33.64 -45.36
C GLU C 29 33.16 -34.38 -44.20
N THR C 30 33.38 -35.69 -44.14
CA THR C 30 32.68 -36.52 -43.18
C THR C 30 33.58 -36.83 -42.01
N ALA C 31 34.80 -36.29 -42.06
CA ALA C 31 35.85 -36.68 -41.12
C ALA C 31 35.57 -36.34 -39.67
N TRP C 32 34.76 -35.32 -39.43
CA TRP C 32 34.49 -34.89 -38.06
C TRP C 32 33.07 -35.20 -37.63
N GLY C 33 32.50 -36.24 -38.25
CA GLY C 33 31.22 -36.77 -37.82
C GLY C 33 29.99 -36.26 -38.54
N ASN C 34 30.09 -35.16 -39.26
CA ASN C 34 28.95 -34.68 -40.01
C ASN C 34 28.74 -35.54 -41.27
N PRO C 35 27.48 -35.77 -41.64
CA PRO C 35 27.15 -36.50 -42.87
C PRO C 35 27.46 -35.63 -44.06
N ARG C 36 27.56 -36.23 -45.25
CA ARG C 36 27.69 -35.43 -46.47
C ARG C 36 26.54 -34.43 -46.52
N THR C 37 26.88 -33.16 -46.73
CA THR C 37 25.89 -32.10 -46.70
C THR C 37 24.92 -32.30 -47.87
N THR C 38 23.63 -32.03 -47.66
CA THR C 38 22.67 -32.05 -48.77
C THR C 38 21.98 -30.71 -48.85
N LYS C 39 21.37 -30.44 -50.00
CA LYS C 39 20.54 -29.24 -50.17
C LYS C 39 19.41 -29.17 -49.13
N ALA C 40 18.85 -30.34 -48.80
CA ALA C 40 17.73 -30.41 -47.85
C ALA C 40 18.09 -29.82 -46.48
N MET C 41 19.31 -30.09 -46.03
CA MET C 41 19.76 -29.53 -44.77
C MET C 41 19.77 -28.00 -44.82
N ILE C 42 20.31 -27.44 -45.89
CA ILE C 42 20.41 -26.00 -46.07
C ILE C 42 19.03 -25.32 -46.14
N GLU C 43 18.06 -26.02 -46.71
CA GLU C 43 16.71 -25.50 -46.77
C GLU C 43 16.11 -25.24 -45.40
N LYS C 44 16.38 -26.15 -44.47
CA LYS C 44 15.85 -26.03 -43.10
C LYS C 44 16.37 -24.75 -42.46
N VAL C 45 17.68 -24.53 -42.62
CA VAL C 45 18.36 -23.33 -42.14
C VAL C 45 17.64 -22.08 -42.62
N ARG C 46 17.38 -22.03 -43.93
CA ARG C 46 16.65 -20.89 -44.50
C ARG C 46 15.23 -20.78 -43.93
N GLU C 47 14.61 -21.93 -43.71
CA GLU C 47 13.24 -22.02 -43.24
C GLU C 47 13.01 -21.38 -41.86
N MET C 48 14.03 -21.44 -41.00
CA MET C 48 13.93 -20.89 -39.65
C MET C 48 14.21 -19.38 -39.58
N GLY C 49 14.66 -18.79 -40.68
CA GLY C 49 14.89 -17.36 -40.71
C GLY C 49 16.33 -16.92 -40.94
N PHE C 50 17.26 -17.86 -41.05
CA PHE C 50 18.64 -17.52 -41.36
C PHE C 50 18.70 -16.90 -42.75
N ASN C 51 19.53 -15.86 -42.90
CA ASN C 51 19.65 -15.18 -44.20
C ASN C 51 20.99 -15.45 -44.88
N ALA C 52 21.84 -16.25 -44.24
CA ALA C 52 23.18 -16.47 -44.75
C ALA C 52 23.82 -17.70 -44.15
N VAL C 53 24.66 -18.37 -44.93
CA VAL C 53 25.37 -19.52 -44.42
C VAL C 53 26.81 -19.20 -44.65
N ARG C 54 27.62 -19.38 -43.62
CA ARG C 54 29.07 -19.28 -43.75
C ARG C 54 29.61 -20.69 -43.97
N VAL C 55 30.41 -20.88 -45.02
CA VAL C 55 30.95 -22.21 -45.31
C VAL C 55 32.46 -22.20 -45.18
N PRO C 56 32.94 -22.51 -43.98
CA PRO C 56 34.38 -22.58 -43.76
C PRO C 56 34.96 -23.75 -44.53
N VAL C 57 36.08 -23.51 -45.20
CA VAL C 57 36.76 -24.54 -45.96
C VAL C 57 38.23 -24.60 -45.61
N THR C 58 38.69 -25.78 -45.24
CA THR C 58 40.10 -26.04 -45.08
C THR C 58 40.70 -26.59 -46.39
N TRP C 59 41.75 -25.95 -46.91
CA TRP C 59 42.31 -26.30 -48.21
C TRP C 59 43.57 -27.18 -48.13
N ASP C 60 44.33 -26.95 -47.08
CA ASP C 60 45.60 -27.62 -46.79
C ASP C 60 45.91 -28.93 -47.51
N THR C 61 45.24 -30.00 -47.10
CA THR C 61 45.53 -31.35 -47.56
C THR C 61 45.00 -31.61 -48.97
N HIS C 62 44.40 -30.58 -49.55
CA HIS C 62 43.88 -30.66 -50.91
C HIS C 62 44.71 -29.78 -51.84
N ILE C 63 45.83 -29.28 -51.33
CA ILE C 63 46.69 -28.38 -52.08
C ILE C 63 47.94 -29.10 -52.59
N GLY C 64 48.13 -29.09 -53.90
CA GLY C 64 49.32 -29.67 -54.52
C GLY C 64 50.59 -28.87 -54.28
N PRO C 65 51.72 -29.36 -54.82
CA PRO C 65 53.03 -28.76 -54.59
C PRO C 65 53.23 -27.42 -55.30
N ALA C 66 54.23 -26.69 -54.83
CA ALA C 66 54.70 -25.47 -55.48
C ALA C 66 55.25 -25.87 -56.84
N PRO C 67 55.24 -24.93 -57.81
CA PRO C 67 54.86 -23.52 -57.68
C PRO C 67 53.38 -23.28 -57.96
N ASP C 68 52.68 -24.27 -58.47
CA ASP C 68 51.30 -24.02 -58.86
C ASP C 68 50.32 -24.08 -57.69
N TYR C 69 50.62 -24.95 -56.72
CA TYR C 69 49.71 -25.14 -55.59
C TYR C 69 48.28 -25.37 -56.08
N LYS C 70 48.13 -26.24 -57.08
CA LYS C 70 46.81 -26.50 -57.64
C LYS C 70 45.90 -27.21 -56.63
N ILE C 71 44.69 -26.68 -56.49
CA ILE C 71 43.70 -27.33 -55.65
C ILE C 71 43.15 -28.53 -56.41
N ASP C 72 43.07 -29.67 -55.75
CA ASP C 72 42.44 -30.86 -56.32
C ASP C 72 41.04 -30.45 -56.76
N GLU C 73 40.71 -30.66 -58.02
CA GLU C 73 39.41 -30.22 -58.54
C GLU C 73 38.21 -30.87 -57.82
N ALA C 74 38.29 -32.15 -57.47
CA ALA C 74 37.17 -32.78 -56.78
C ALA C 74 36.80 -32.00 -55.53
N TRP C 75 37.81 -31.52 -54.79
CA TRP C 75 37.56 -30.72 -53.59
C TRP C 75 36.93 -29.37 -53.93
N LEU C 76 37.51 -28.67 -54.91
CA LEU C 76 36.97 -27.37 -55.31
C LEU C 76 35.55 -27.54 -55.84
N ASN C 77 35.31 -28.62 -56.56
CA ASN C 77 33.98 -28.93 -57.06
C ASN C 77 32.98 -29.13 -55.93
N ARG C 78 33.40 -29.85 -54.90
CA ARG C 78 32.49 -30.08 -53.78
C ARG C 78 32.22 -28.74 -53.08
N VAL C 79 33.26 -27.95 -52.86
CA VAL C 79 33.04 -26.62 -52.32
C VAL C 79 32.03 -25.82 -53.14
N GLU C 80 32.18 -25.82 -54.46
CA GLU C 80 31.27 -25.09 -55.33
C GLU C 80 29.84 -25.60 -55.21
N GLU C 81 29.69 -26.92 -55.10
CA GLU C 81 28.38 -27.53 -54.95
C GLU C 81 27.68 -27.04 -53.68
N VAL C 82 28.41 -27.04 -52.56
CA VAL C 82 27.82 -26.60 -51.30
C VAL C 82 27.46 -25.11 -51.32
N VAL C 83 28.31 -24.30 -51.95
CA VAL C 83 28.01 -22.89 -52.10
C VAL C 83 26.67 -22.71 -52.83
N ASN C 84 26.44 -23.53 -53.84
CA ASN C 84 25.19 -23.46 -54.58
C ASN C 84 23.96 -23.92 -53.81
N TYR C 85 24.12 -24.87 -52.89
CA TYR C 85 23.02 -25.25 -52.00
C TYR C 85 22.55 -23.98 -51.31
N VAL C 86 23.53 -23.22 -50.82
CA VAL C 86 23.25 -22.03 -50.03
C VAL C 86 22.61 -20.92 -50.87
N LEU C 87 23.21 -20.62 -52.02
CA LEU C 87 22.71 -19.54 -52.85
C LEU C 87 21.30 -19.86 -53.39
N ASP C 88 21.09 -21.11 -53.80
CA ASP C 88 19.80 -21.53 -54.34
C ASP C 88 18.65 -21.36 -53.33
N CYS C 89 18.97 -21.43 -52.05
CA CYS C 89 17.96 -21.20 -51.02
C CYS C 89 17.77 -19.71 -50.78
N GLY C 90 18.37 -18.89 -51.63
CA GLY C 90 18.23 -17.45 -51.52
C GLY C 90 19.01 -16.80 -50.38
N MET C 91 20.03 -17.47 -49.83
CA MET C 91 20.81 -16.90 -48.74
C MET C 91 22.16 -16.35 -49.20
N TYR C 92 22.76 -15.46 -48.40
CA TYR C 92 24.14 -15.05 -48.67
C TYR C 92 25.07 -16.22 -48.31
N ALA C 93 26.21 -16.31 -48.99
CA ALA C 93 27.19 -17.36 -48.71
C ALA C 93 28.57 -16.77 -48.50
N ILE C 94 29.35 -17.34 -47.56
CA ILE C 94 30.73 -16.92 -47.36
C ILE C 94 31.68 -18.12 -47.43
N ILE C 95 32.73 -18.00 -48.24
CA ILE C 95 33.80 -18.99 -48.23
C ILE C 95 35.11 -18.37 -47.76
N ASN C 96 35.96 -19.18 -47.14
CA ASN C 96 37.21 -18.68 -46.61
C ASN C 96 38.37 -19.66 -46.76
N LEU C 97 39.45 -19.39 -46.02
CA LEU C 97 40.55 -20.35 -45.86
C LEU C 97 40.63 -20.55 -44.38
N HIS C 98 40.40 -21.78 -43.95
CA HIS C 98 40.07 -22.02 -42.57
C HIS C 98 41.23 -22.57 -41.74
N HIS C 99 41.29 -23.89 -41.55
CA HIS C 99 42.41 -24.46 -40.79
C HIS C 99 43.67 -24.55 -41.64
N ASP C 100 44.19 -23.41 -42.04
CA ASP C 100 45.36 -23.41 -42.86
C ASP C 100 46.57 -22.73 -42.20
N ASN C 101 46.55 -22.72 -40.86
CA ASN C 101 47.64 -22.20 -40.03
C ASN C 101 48.89 -23.06 -40.09
N THR C 102 48.80 -24.21 -40.77
CA THR C 102 49.98 -25.03 -41.02
C THR C 102 50.92 -24.36 -42.01
N TRP C 103 50.38 -23.63 -42.98
CA TRP C 103 51.24 -23.00 -43.99
C TRP C 103 51.13 -21.48 -44.03
N ILE C 104 50.11 -20.95 -43.40
CA ILE C 104 49.99 -19.50 -43.25
C ILE C 104 50.59 -19.10 -41.90
N ILE C 105 51.83 -18.67 -41.94
CA ILE C 105 52.56 -18.38 -40.72
C ILE C 105 52.97 -16.92 -40.72
N PRO C 106 52.28 -16.11 -39.91
CA PRO C 106 52.44 -14.65 -39.96
C PRO C 106 53.67 -14.14 -39.20
N THR C 107 54.86 -14.51 -39.66
CA THR C 107 56.08 -13.97 -39.09
C THR C 107 56.86 -13.42 -40.27
N TYR C 108 57.81 -12.52 -40.00
CA TYR C 108 58.65 -11.96 -41.06
C TYR C 108 59.44 -13.03 -41.78
N ALA C 109 59.96 -13.99 -41.03
CA ALA C 109 60.79 -15.06 -41.60
C ALA C 109 59.99 -15.90 -42.60
N ASN C 110 58.71 -16.02 -42.35
CA ASN C 110 57.90 -16.92 -43.15
C ASN C 110 56.95 -16.20 -44.07
N GLU C 111 57.00 -14.87 -44.02
CA GLU C 111 56.02 -14.06 -44.74
C GLU C 111 55.93 -14.39 -46.21
N GLN C 112 57.07 -14.40 -46.90
CA GLN C 112 57.05 -14.51 -48.36
C GLN C 112 56.51 -15.86 -48.86
N ARG C 113 56.96 -16.97 -48.26
CA ARG C 113 56.51 -18.30 -48.67
CA ARG C 113 56.50 -18.30 -48.64
C ARG C 113 54.99 -18.47 -48.52
N SER C 114 54.47 -18.09 -47.34
CA SER C 114 53.05 -18.18 -47.03
C SER C 114 52.17 -17.36 -47.98
N LYS C 115 52.57 -16.10 -48.19
CA LYS C 115 51.82 -15.16 -49.03
C LYS C 115 51.78 -15.67 -50.46
N GLU C 116 52.90 -16.22 -50.89
CA GLU C 116 53.01 -16.77 -52.23
C GLU C 116 51.99 -17.90 -52.44
N LYS C 117 51.90 -18.82 -51.47
CA LYS C 117 50.95 -19.92 -51.56
C LYS C 117 49.51 -19.43 -51.40
N LEU C 118 49.32 -18.52 -50.46
CA LEU C 118 48.00 -17.97 -50.21
C LEU C 118 47.45 -17.28 -51.47
N VAL C 119 48.34 -16.58 -52.18
CA VAL C 119 48.00 -15.90 -53.43
C VAL C 119 47.63 -16.87 -54.56
N LYS C 120 48.40 -17.95 -54.67
CA LYS C 120 48.18 -18.92 -55.73
C LYS C 120 46.89 -19.65 -55.46
N VAL C 121 46.59 -19.84 -54.18
CA VAL C 121 45.38 -20.52 -53.74
C VAL C 121 44.13 -19.65 -53.95
N TRP C 122 44.18 -18.38 -53.56
CA TRP C 122 43.02 -17.50 -53.70
C TRP C 122 42.68 -17.25 -55.15
N GLU C 123 43.72 -17.28 -55.97
CA GLU C 123 43.65 -17.12 -57.41
C GLU C 123 42.68 -18.16 -57.94
N GLN C 124 42.88 -19.40 -57.51
CA GLN C 124 42.02 -20.48 -57.97
C GLN C 124 40.60 -20.30 -57.41
N ILE C 125 40.47 -19.97 -56.13
CA ILE C 125 39.14 -19.72 -55.59
C ILE C 125 38.44 -18.57 -56.30
N ALA C 126 39.13 -17.43 -56.36
CA ALA C 126 38.60 -16.23 -57.00
C ALA C 126 38.16 -16.50 -58.43
N THR C 127 39.03 -17.16 -59.18
CA THR C 127 38.75 -17.44 -60.57
C THR C 127 37.53 -18.37 -60.70
N ARG C 128 37.50 -19.45 -59.91
CA ARG C 128 36.36 -20.37 -60.01
C ARG C 128 35.01 -19.68 -59.77
N PHE C 129 34.94 -18.78 -58.79
CA PHE C 129 33.67 -18.20 -58.40
C PHE C 129 33.41 -16.79 -58.97
N LYS C 130 34.24 -16.36 -59.92
CA LYS C 130 34.23 -14.95 -60.33
C LYS C 130 32.90 -14.40 -60.84
N ASP C 131 32.07 -15.27 -61.40
CA ASP C 131 30.85 -14.81 -62.06
C ASP C 131 29.59 -14.80 -61.22
N TYR C 132 29.69 -15.24 -59.96
CA TYR C 132 28.56 -15.24 -59.04
C TYR C 132 28.17 -13.80 -58.63
N ASP C 133 26.92 -13.60 -58.21
CA ASP C 133 26.48 -12.26 -57.81
C ASP C 133 26.98 -11.85 -56.42
N ASP C 134 26.44 -10.75 -55.90
CA ASP C 134 26.90 -10.19 -54.63
C ASP C 134 26.45 -10.95 -53.38
N HIS C 135 25.71 -12.04 -53.56
CA HIS C 135 25.24 -12.87 -52.44
C HIS C 135 26.30 -13.88 -52.02
N LEU C 136 27.37 -13.98 -52.78
CA LEU C 136 28.53 -14.75 -52.41
C LEU C 136 29.64 -13.80 -51.98
N LEU C 137 30.17 -14.04 -50.78
CA LEU C 137 31.22 -13.19 -50.22
C LEU C 137 32.48 -13.99 -49.94
N PHE C 138 33.63 -13.33 -50.05
CA PHE C 138 34.91 -13.98 -49.75
C PHE C 138 35.44 -13.59 -48.38
N GLU C 139 35.94 -14.57 -47.64
CA GLU C 139 36.60 -14.24 -46.40
C GLU C 139 38.06 -14.64 -46.56
N THR C 140 38.97 -13.65 -46.50
CA THR C 140 40.37 -13.91 -46.85
C THR C 140 41.04 -15.01 -46.03
N MET C 141 40.94 -14.95 -44.71
CA MET C 141 41.51 -16.00 -43.85
C MET C 141 40.59 -16.16 -42.65
N ASN C 142 40.71 -17.30 -41.96
CA ASN C 142 39.86 -17.59 -40.81
C ASN C 142 40.29 -16.91 -39.52
N GLU C 143 41.30 -17.51 -38.86
CA GLU C 143 41.88 -16.96 -37.62
C GLU C 143 43.41 -16.97 -37.70
N PRO C 144 43.99 -16.12 -38.58
CA PRO C 144 45.43 -16.12 -38.82
C PRO C 144 46.23 -15.75 -37.55
N ARG C 145 47.27 -16.52 -37.28
CA ARG C 145 47.99 -16.40 -36.03
C ARG C 145 49.24 -17.27 -36.07
N GLU C 146 50.20 -16.97 -35.19
CA GLU C 146 51.41 -17.78 -35.06
C GLU C 146 51.17 -18.88 -34.02
N VAL C 147 50.90 -20.10 -34.48
CA VAL C 147 50.50 -21.20 -33.59
C VAL C 147 51.59 -21.54 -32.56
N GLY C 148 51.21 -21.56 -31.28
CA GLY C 148 52.13 -21.90 -30.21
C GLY C 148 52.94 -20.74 -29.67
N SER C 149 52.59 -19.52 -30.06
CA SER C 149 53.28 -18.33 -29.57
C SER C 149 52.50 -17.80 -28.37
N PRO C 150 53.19 -17.11 -27.44
CA PRO C 150 52.57 -16.54 -26.24
C PRO C 150 51.35 -15.66 -26.50
N MET C 151 51.38 -14.85 -27.56
CA MET C 151 50.31 -13.88 -27.77
C MET C 151 49.30 -14.41 -28.78
N GLU C 152 49.44 -15.70 -29.13
CA GLU C 152 48.56 -16.34 -30.11
C GLU C 152 47.09 -15.99 -29.93
N TRP C 153 46.61 -16.11 -28.69
CA TRP C 153 45.21 -15.86 -28.37
C TRP C 153 45.03 -14.56 -27.59
N MET C 154 46.01 -13.68 -27.70
CA MET C 154 45.99 -12.43 -26.95
C MET C 154 46.17 -11.25 -27.87
N GLY C 155 45.82 -11.42 -29.14
CA GLY C 155 45.91 -10.33 -30.08
C GLY C 155 47.18 -10.38 -30.90
N GLY C 156 48.05 -11.34 -30.61
CA GLY C 156 49.31 -11.48 -31.33
C GLY C 156 50.32 -10.36 -31.05
N THR C 157 51.48 -10.43 -31.70
CA THR C 157 52.46 -9.36 -31.65
C THR C 157 52.22 -8.37 -32.77
N TYR C 158 52.93 -7.24 -32.72
CA TYR C 158 52.91 -6.27 -33.81
C TYR C 158 53.39 -6.90 -35.11
N GLU C 159 54.42 -7.73 -35.00
CA GLU C 159 54.92 -8.40 -36.18
C GLU C 159 53.83 -9.25 -36.85
N ASN C 160 53.13 -10.05 -36.05
CA ASN C 160 52.05 -10.89 -36.58
C ASN C 160 51.05 -10.06 -37.39
N ARG C 161 50.62 -8.94 -36.83
CA ARG C 161 49.56 -8.10 -37.41
C ARG C 161 50.03 -7.34 -38.65
N ASP C 162 51.31 -7.00 -38.64
CA ASP C 162 51.92 -6.34 -39.78
C ASP C 162 51.87 -7.30 -40.98
N VAL C 163 52.33 -8.53 -40.75
CA VAL C 163 52.31 -9.58 -41.79
C VAL C 163 50.88 -9.91 -42.24
N ILE C 164 49.98 -10.00 -41.27
CA ILE C 164 48.59 -10.27 -41.57
C ILE C 164 47.97 -9.17 -42.43
N ASN C 165 48.33 -7.91 -42.16
CA ASN C 165 47.89 -6.78 -43.00
C ASN C 165 48.32 -6.95 -44.47
N ARG C 166 49.52 -7.49 -44.70
CA ARG C 166 50.00 -7.73 -46.07
C ARG C 166 49.40 -8.98 -46.75
N PHE C 167 49.19 -10.05 -45.99
CA PHE C 167 48.42 -11.20 -46.47
C PHE C 167 47.12 -10.68 -46.98
N ASN C 168 46.44 -9.86 -46.17
CA ASN C 168 45.12 -9.34 -46.51
C ASN C 168 45.15 -8.48 -47.76
N LEU C 169 46.18 -7.63 -47.89
CA LEU C 169 46.29 -6.77 -49.07
C LEU C 169 46.47 -7.57 -50.35
N ALA C 170 47.33 -8.59 -50.27
CA ALA C 170 47.70 -9.40 -51.42
C ALA C 170 46.52 -10.20 -51.96
N VAL C 171 45.74 -10.73 -51.03
CA VAL C 171 44.57 -11.52 -51.38
C VAL C 171 43.50 -10.61 -51.99
N VAL C 172 43.29 -9.46 -51.36
CA VAL C 172 42.34 -8.49 -51.88
C VAL C 172 42.71 -8.04 -53.31
N ASN C 173 43.96 -7.69 -53.50
CA ASN C 173 44.41 -7.31 -54.83
C ASN C 173 44.17 -8.45 -55.84
N THR C 174 44.46 -9.67 -55.39
CA THR C 174 44.28 -10.85 -56.21
C THR C 174 42.84 -10.99 -56.68
N ILE C 175 41.92 -10.90 -55.71
CA ILE C 175 40.51 -11.01 -56.01
C ILE C 175 40.08 -9.90 -56.97
N ARG C 176 40.49 -8.67 -56.67
CA ARG C 176 40.06 -7.51 -57.47
C ARG C 176 40.53 -7.61 -58.93
N ALA C 177 41.59 -8.37 -59.14
CA ALA C 177 42.19 -8.46 -60.47
C ALA C 177 41.76 -9.74 -61.22
N SER C 178 40.93 -10.58 -60.59
CA SER C 178 40.67 -11.92 -61.13
C SER C 178 39.53 -11.99 -62.15
N GLY C 179 38.87 -10.87 -62.39
CA GLY C 179 37.83 -10.79 -63.41
C GLY C 179 36.43 -11.00 -62.91
N GLY C 180 35.48 -11.06 -63.84
CA GLY C 180 34.07 -11.27 -63.53
C GLY C 180 33.50 -10.21 -62.61
N ASN C 181 32.86 -10.64 -61.54
CA ASN C 181 32.30 -9.73 -60.55
C ASN C 181 33.26 -9.45 -59.41
N ASN C 182 34.47 -10.00 -59.50
CA ASN C 182 35.43 -9.87 -58.41
C ASN C 182 35.97 -8.45 -58.19
N ASP C 183 35.63 -7.53 -59.10
CA ASP C 183 35.97 -6.13 -58.91
C ASP C 183 35.06 -5.46 -57.87
N LYS C 184 33.85 -5.99 -57.72
CA LYS C 184 32.85 -5.36 -56.87
C LYS C 184 32.41 -6.24 -55.70
N ARG C 185 32.93 -7.48 -55.65
CA ARG C 185 32.56 -8.43 -54.59
C ARG C 185 32.96 -7.94 -53.20
N PHE C 186 32.09 -8.18 -52.22
CA PHE C 186 32.40 -7.82 -50.83
C PHE C 186 33.36 -8.84 -50.19
N ILE C 187 34.29 -8.33 -49.39
CA ILE C 187 35.35 -9.17 -48.88
C ILE C 187 35.52 -8.88 -47.40
N LEU C 188 35.57 -9.94 -46.62
CA LEU C 188 35.78 -9.82 -45.19
C LEU C 188 37.27 -9.99 -44.86
N VAL C 189 37.80 -9.18 -43.96
CA VAL C 189 39.16 -9.36 -43.49
C VAL C 189 39.24 -9.39 -41.97
N PRO C 190 40.04 -10.32 -41.41
CA PRO C 190 40.30 -10.35 -39.97
C PRO C 190 41.69 -9.82 -39.64
N THR C 191 41.95 -9.54 -38.35
CA THR C 191 43.33 -9.43 -37.87
C THR C 191 43.68 -10.69 -37.11
N ASN C 192 44.70 -10.63 -36.25
CA ASN C 192 45.20 -11.81 -35.54
C ASN C 192 44.13 -12.68 -34.88
N ALA C 193 44.06 -13.94 -35.29
CA ALA C 193 43.14 -14.91 -34.69
C ALA C 193 41.69 -14.46 -34.73
N ALA C 194 41.36 -13.56 -35.64
CA ALA C 194 40.02 -12.98 -35.75
C ALA C 194 39.50 -12.37 -34.45
N THR C 195 40.43 -11.87 -33.62
CA THR C 195 40.13 -11.32 -32.31
C THR C 195 39.38 -9.99 -32.33
N GLY C 196 38.67 -9.68 -31.25
CA GLY C 196 38.01 -8.40 -31.12
C GLY C 196 38.79 -7.47 -30.20
N LEU C 197 39.94 -7.94 -29.73
CA LEU C 197 40.79 -7.15 -28.82
C LEU C 197 41.24 -5.86 -29.47
N ASP C 198 41.06 -4.77 -28.75
CA ASP C 198 41.34 -3.45 -29.29
C ASP C 198 42.81 -3.22 -29.64
N VAL C 199 43.68 -3.76 -28.80
CA VAL C 199 45.10 -3.65 -29.02
C VAL C 199 45.46 -4.28 -30.36
N ALA C 200 44.67 -5.26 -30.80
CA ALA C 200 44.88 -5.90 -32.09
C ALA C 200 44.20 -5.15 -33.24
N LEU C 201 42.95 -4.77 -33.00
CA LEU C 201 42.17 -4.01 -33.98
C LEU C 201 42.79 -2.65 -34.30
N ASN C 202 43.60 -2.15 -33.39
CA ASN C 202 44.36 -0.94 -33.67
C ASN C 202 45.30 -1.01 -34.85
N ASP C 203 45.85 -2.18 -35.12
CA ASP C 203 46.83 -2.30 -36.18
C ASP C 203 46.25 -2.78 -37.51
N LEU C 204 44.94 -3.02 -37.57
CA LEU C 204 44.33 -3.55 -38.81
C LEU C 204 44.14 -2.43 -39.82
N VAL C 205 44.66 -2.63 -41.03
CA VAL C 205 44.36 -1.68 -42.08
C VAL C 205 43.59 -2.34 -43.23
N ILE C 206 42.52 -1.66 -43.62
CA ILE C 206 41.74 -2.08 -44.76
C ILE C 206 42.58 -1.93 -46.03
N PRO C 207 42.85 -3.05 -46.75
CA PRO C 207 43.64 -2.99 -47.98
C PRO C 207 43.13 -1.96 -48.99
N ASN C 208 43.98 -0.96 -49.29
CA ASN C 208 43.63 0.09 -50.25
C ASN C 208 42.42 0.90 -49.82
N ASN C 209 42.05 0.80 -48.54
CA ASN C 209 40.81 1.44 -48.07
C ASN C 209 39.59 1.05 -48.89
N ASP C 210 39.58 -0.20 -49.34
CA ASP C 210 38.52 -0.72 -50.19
C ASP C 210 37.18 -0.57 -49.49
N SER C 211 36.21 0.10 -50.13
CA SER C 211 34.94 0.37 -49.46
C SER C 211 34.02 -0.85 -49.38
N ARG C 212 34.42 -1.94 -50.03
CA ARG C 212 33.64 -3.17 -50.00
C ARG C 212 34.42 -4.24 -49.23
N VAL C 213 35.27 -3.80 -48.31
CA VAL C 213 35.94 -4.71 -47.39
C VAL C 213 35.29 -4.64 -46.01
N ILE C 214 35.04 -5.81 -45.42
CA ILE C 214 34.31 -5.88 -44.16
C ILE C 214 35.19 -6.44 -43.04
N VAL C 215 35.09 -5.86 -41.85
CA VAL C 215 35.80 -6.46 -40.72
C VAL C 215 35.14 -7.78 -40.25
N SER C 216 36.00 -8.79 -40.06
CA SER C 216 35.62 -10.07 -39.50
C SER C 216 36.19 -10.21 -38.09
N ILE C 217 35.33 -10.45 -37.12
CA ILE C 217 35.85 -10.80 -35.82
C ILE C 217 35.11 -12.02 -35.31
N HIS C 218 35.77 -12.82 -34.49
CA HIS C 218 35.10 -13.91 -33.80
C HIS C 218 35.03 -13.60 -32.32
N ALA C 219 33.85 -13.85 -31.72
CA ALA C 219 33.62 -13.52 -30.32
C ALA C 219 32.64 -14.47 -29.60
N TYR C 220 33.17 -15.52 -28.98
CA TYR C 220 32.32 -16.43 -28.19
C TYR C 220 32.13 -15.93 -26.75
N SER C 221 31.31 -14.89 -26.58
CA SER C 221 31.17 -14.27 -25.27
C SER C 221 29.90 -14.72 -24.57
N PRO C 222 29.97 -14.85 -23.22
CA PRO C 222 31.22 -14.76 -22.47
C PRO C 222 31.85 -16.14 -22.44
N TYR C 223 33.16 -16.20 -22.59
CA TYR C 223 33.88 -17.47 -22.72
C TYR C 223 33.56 -18.57 -21.71
N PHE C 224 33.49 -18.22 -20.44
CA PHE C 224 33.44 -19.21 -19.38
C PHE C 224 32.17 -20.01 -19.50
N PHE C 225 31.08 -19.28 -19.66
CA PHE C 225 29.78 -19.86 -19.88
C PHE C 225 29.59 -20.50 -21.26
N ALA C 226 30.16 -19.89 -22.30
CA ALA C 226 29.87 -20.21 -23.69
C ALA C 226 30.71 -21.31 -24.30
N MET C 227 32.01 -21.31 -24.00
CA MET C 227 32.95 -22.25 -24.61
C MET C 227 33.48 -23.32 -23.64
N ASP C 228 33.77 -22.93 -22.41
CA ASP C 228 34.50 -23.81 -21.51
C ASP C 228 33.62 -24.91 -20.89
N VAL C 229 33.96 -26.17 -21.18
CA VAL C 229 33.23 -27.34 -20.65
C VAL C 229 33.26 -27.33 -19.11
N ASN C 230 34.28 -26.68 -18.57
CA ASN C 230 34.38 -26.53 -17.13
C ASN C 230 33.77 -25.23 -16.64
N GLY C 231 33.27 -24.42 -17.55
CA GLY C 231 32.61 -23.19 -17.14
C GLY C 231 31.24 -23.40 -16.48
N THR C 232 30.73 -22.33 -15.88
CA THR C 232 29.40 -22.30 -15.27
C THR C 232 28.27 -22.46 -16.29
N SER C 233 27.11 -22.93 -15.85
CA SER C 233 26.00 -23.12 -16.75
C SER C 233 25.02 -21.96 -16.67
N TYR C 234 25.32 -20.95 -15.85
CA TYR C 234 24.43 -19.79 -15.74
CA TYR C 234 24.44 -19.78 -15.72
CA TYR C 234 24.44 -19.78 -15.72
C TYR C 234 24.95 -18.58 -16.51
N TRP C 235 24.01 -17.80 -17.04
CA TRP C 235 24.30 -16.58 -17.76
C TRP C 235 23.23 -15.57 -17.40
N GLY C 236 23.61 -14.31 -17.26
CA GLY C 236 22.62 -13.29 -17.03
C GLY C 236 23.04 -12.13 -16.15
N SER C 237 24.24 -12.16 -15.59
CA SER C 237 24.68 -11.07 -14.70
C SER C 237 24.99 -9.78 -15.47
N ASP C 238 25.02 -8.67 -14.73
CA ASP C 238 25.40 -7.39 -15.28
C ASP C 238 26.84 -7.42 -15.78
N TYR C 239 27.67 -8.24 -15.14
CA TYR C 239 29.05 -8.44 -15.57
C TYR C 239 29.11 -9.18 -16.92
N ASP C 240 28.30 -10.25 -17.04
CA ASP C 240 28.23 -10.97 -18.31
C ASP C 240 27.73 -10.06 -19.40
N LYS C 241 26.70 -9.29 -19.09
CA LYS C 241 26.13 -8.41 -20.09
C LYS C 241 27.08 -7.28 -20.47
N ALA C 242 27.74 -6.69 -19.47
CA ALA C 242 28.64 -5.57 -19.68
C ALA C 242 29.86 -5.96 -20.47
N SER C 243 30.37 -7.16 -20.22
CA SER C 243 31.53 -7.61 -20.98
C SER C 243 31.20 -7.57 -22.47
N LEU C 244 30.09 -8.19 -22.90
CA LEU C 244 29.75 -8.19 -24.34
C LEU C 244 29.38 -6.83 -24.89
N THR C 245 28.55 -6.08 -24.17
CA THR C 245 28.18 -4.74 -24.63
C THR C 245 29.40 -3.83 -24.80
N SER C 246 30.33 -3.88 -23.85
CA SER C 246 31.50 -3.01 -23.91
C SER C 246 32.35 -3.35 -25.11
N GLU C 247 32.41 -4.64 -25.41
CA GLU C 247 33.16 -5.13 -26.54
C GLU C 247 32.50 -4.62 -27.83
N LEU C 248 31.17 -4.61 -27.82
CA LEU C 248 30.38 -4.16 -28.97
C LEU C 248 30.46 -2.66 -29.19
N ASP C 249 30.50 -1.89 -28.11
CA ASP C 249 30.60 -0.43 -28.20
C ASP C 249 31.95 -0.08 -28.81
N ALA C 250 32.98 -0.80 -28.37
CA ALA C 250 34.33 -0.59 -28.87
C ALA C 250 34.41 -0.87 -30.38
N ILE C 251 33.81 -1.98 -30.83
CA ILE C 251 33.78 -2.31 -32.24
C ILE C 251 32.94 -1.28 -33.02
N TYR C 252 31.79 -0.92 -32.46
CA TYR C 252 30.90 0.04 -33.11
C TYR C 252 31.54 1.42 -33.33
N ASN C 253 32.27 1.90 -32.33
CA ASN C 253 32.89 3.22 -32.36
C ASN C 253 34.15 3.32 -33.23
N ARG C 254 34.85 2.21 -33.40
CA ARG C 254 36.03 2.22 -34.22
C ARG C 254 35.66 2.02 -35.70
N PHE C 255 34.68 1.17 -35.96
CA PHE C 255 34.35 0.74 -37.32
C PHE C 255 32.97 1.20 -37.87
N VAL C 256 31.90 0.65 -37.30
CA VAL C 256 30.56 0.90 -37.81
C VAL C 256 30.27 2.38 -37.91
N LYS C 257 30.53 3.06 -36.80
CA LYS C 257 30.27 4.48 -36.67
C LYS C 257 31.06 5.27 -37.70
N ASN C 258 32.18 4.70 -38.14
CA ASN C 258 33.02 5.31 -39.15
C ASN C 258 32.73 4.74 -40.54
N GLY C 259 31.62 4.04 -40.66
CA GLY C 259 31.14 3.55 -41.94
C GLY C 259 31.80 2.26 -42.39
N ARG C 260 32.62 1.68 -41.51
CA ARG C 260 33.25 0.40 -41.79
C ARG C 260 32.40 -0.72 -41.21
N ALA C 261 31.82 -1.54 -42.09
CA ALA C 261 30.93 -2.61 -41.66
C ALA C 261 31.69 -3.73 -40.97
N VAL C 262 31.01 -4.40 -40.04
CA VAL C 262 31.61 -5.46 -39.25
C VAL C 262 30.71 -6.69 -39.26
N ILE C 263 31.33 -7.85 -39.45
CA ILE C 263 30.63 -9.11 -39.31
C ILE C 263 31.25 -9.98 -38.23
N ILE C 264 30.45 -10.40 -37.27
CA ILE C 264 30.88 -11.40 -36.34
C ILE C 264 30.58 -12.79 -36.96
N GLY C 265 31.61 -13.40 -37.54
CA GLY C 265 31.48 -14.64 -38.26
C GLY C 265 31.30 -15.88 -37.39
N GLU C 266 31.68 -15.77 -36.12
CA GLU C 266 31.57 -16.90 -35.21
C GLU C 266 31.27 -16.46 -33.80
N PHE C 267 30.28 -17.11 -33.20
CA PHE C 267 29.94 -17.02 -31.77
C PHE C 267 29.00 -18.19 -31.47
N GLY C 268 28.68 -18.38 -30.18
CA GLY C 268 27.76 -19.42 -29.81
C GLY C 268 28.08 -19.96 -28.44
N THR C 269 27.22 -20.83 -27.95
CA THR C 269 27.42 -21.43 -26.63
C THR C 269 27.18 -22.93 -26.67
N ILE C 270 27.87 -23.67 -25.81
CA ILE C 270 27.76 -25.12 -25.77
C ILE C 270 26.63 -25.57 -24.86
N ASP C 271 26.31 -26.87 -24.95
CA ASP C 271 25.20 -27.47 -24.25
C ASP C 271 25.56 -27.98 -22.84
N LYS C 272 25.13 -27.25 -21.82
CA LYS C 272 25.31 -27.74 -20.46
C LYS C 272 23.95 -28.07 -19.87
N ASN C 273 23.10 -28.64 -20.73
CA ASN C 273 21.69 -28.91 -20.42
C ASN C 273 21.04 -27.72 -19.74
N ASN C 274 21.21 -26.54 -20.34
CA ASN C 274 20.78 -25.31 -19.71
C ASN C 274 20.09 -24.41 -20.69
N LEU C 275 19.07 -24.96 -21.35
CA LEU C 275 18.37 -24.28 -22.43
C LEU C 275 17.97 -22.86 -22.05
N SER C 276 17.43 -22.69 -20.85
CA SER C 276 16.92 -21.40 -20.43
C SER C 276 17.97 -20.30 -20.54
N SER C 277 19.17 -20.61 -20.07
CA SER C 277 20.26 -19.65 -20.12
C SER C 277 20.70 -19.36 -21.54
N ARG C 278 20.86 -20.40 -22.35
CA ARG C 278 21.28 -20.23 -23.73
C ARG C 278 20.23 -19.42 -24.52
N VAL C 279 18.95 -19.59 -24.16
CA VAL C 279 17.89 -18.87 -24.83
C VAL C 279 17.95 -17.41 -24.54
N ALA C 280 18.17 -17.07 -23.28
CA ALA C 280 18.35 -15.68 -22.89
C ALA C 280 19.62 -15.07 -23.50
N HIS C 281 20.69 -15.85 -23.53
CA HIS C 281 21.97 -15.41 -24.09
C HIS C 281 21.86 -15.10 -25.58
N ALA C 282 21.17 -15.96 -26.31
CA ALA C 282 21.09 -15.82 -27.76
C ALA C 282 20.28 -14.59 -28.15
N GLU C 283 19.15 -14.38 -27.48
CA GLU C 283 18.35 -13.22 -27.80
C GLU C 283 19.15 -11.94 -27.48
N HIS C 284 19.79 -11.92 -26.31
CA HIS C 284 20.59 -10.78 -25.92
C HIS C 284 21.76 -10.49 -26.87
N TYR C 285 22.48 -11.53 -27.29
CA TYR C 285 23.63 -11.39 -28.21
C TYR C 285 23.20 -10.83 -29.56
N ALA C 286 22.17 -11.43 -30.17
CA ALA C 286 21.69 -10.99 -31.48
C ALA C 286 21.11 -9.59 -31.39
N ARG C 287 20.26 -9.34 -30.40
CA ARG C 287 19.69 -8.00 -30.22
C ARG C 287 20.76 -6.92 -30.07
N GLU C 288 21.73 -7.13 -29.19
CA GLU C 288 22.77 -6.11 -28.96
C GLU C 288 23.67 -5.86 -30.15
N ALA C 289 23.98 -6.91 -30.89
CA ALA C 289 24.89 -6.82 -32.01
C ALA C 289 24.20 -6.24 -33.25
N VAL C 290 23.01 -6.72 -33.52
CA VAL C 290 22.25 -6.26 -34.68
C VAL C 290 21.84 -4.79 -34.59
N SER C 291 21.49 -4.34 -33.39
CA SER C 291 21.13 -2.95 -33.18
C SER C 291 22.35 -2.01 -33.37
N ARG C 292 23.55 -2.60 -33.47
CA ARG C 292 24.74 -1.82 -33.78
C ARG C 292 25.18 -2.08 -35.21
N GLY C 293 24.28 -2.71 -35.98
CA GLY C 293 24.51 -2.94 -37.40
C GLY C 293 25.47 -4.08 -37.70
N ILE C 294 25.78 -4.86 -36.67
CA ILE C 294 26.70 -5.99 -36.82
C ILE C 294 25.89 -7.27 -37.00
N ALA C 295 26.15 -8.00 -38.07
CA ALA C 295 25.44 -9.26 -38.32
C ALA C 295 26.20 -10.39 -37.63
N VAL C 296 25.47 -11.38 -37.13
CA VAL C 296 26.08 -12.48 -36.40
C VAL C 296 25.73 -13.87 -36.94
N PHE C 297 26.72 -14.75 -36.86
CA PHE C 297 26.64 -16.10 -37.42
C PHE C 297 26.92 -17.12 -36.35
N TRP C 298 25.96 -18.01 -36.08
CA TRP C 298 26.12 -19.08 -35.10
C TRP C 298 27.07 -20.15 -35.62
N TRP C 299 27.96 -20.64 -34.77
CA TRP C 299 28.85 -21.76 -35.14
C TRP C 299 28.12 -23.08 -34.87
N ASP C 300 27.65 -23.74 -35.93
CA ASP C 300 26.94 -24.99 -35.75
C ASP C 300 27.77 -26.13 -36.34
N ASN C 301 28.47 -26.84 -35.47
CA ASN C 301 29.40 -27.89 -35.91
C ASN C 301 28.76 -29.27 -35.95
N GLY C 302 27.44 -29.32 -35.86
CA GLY C 302 26.71 -30.57 -35.92
C GLY C 302 26.83 -31.51 -34.74
N TYR C 303 27.54 -31.10 -33.68
CA TYR C 303 27.75 -32.00 -32.55
C TYR C 303 26.72 -31.78 -31.42
N TYR C 304 25.95 -32.82 -31.15
CA TYR C 304 24.89 -32.78 -30.13
C TYR C 304 25.17 -33.89 -29.13
N ASN C 305 25.39 -33.50 -27.87
CA ASN C 305 25.71 -34.43 -26.80
C ASN C 305 25.74 -33.66 -25.48
N PRO C 306 24.56 -33.29 -24.97
CA PRO C 306 24.47 -32.37 -23.83
C PRO C 306 25.38 -32.79 -22.69
N GLY C 307 26.24 -31.90 -22.23
CA GLY C 307 27.15 -32.23 -21.16
C GLY C 307 28.55 -32.46 -21.68
N ASP C 308 28.71 -32.51 -22.99
CA ASP C 308 30.05 -32.70 -23.54
C ASP C 308 30.62 -31.41 -24.09
N ALA C 309 31.93 -31.39 -24.34
CA ALA C 309 32.57 -30.21 -24.92
C ALA C 309 32.23 -30.06 -26.41
N GLU C 310 32.34 -28.83 -26.92
CA GLU C 310 32.16 -28.53 -28.34
C GLU C 310 30.76 -28.84 -28.83
N THR C 311 29.78 -28.85 -27.93
CA THR C 311 28.43 -29.24 -28.32
C THR C 311 27.61 -28.05 -28.82
N TYR C 312 27.96 -27.57 -30.02
CA TYR C 312 27.33 -26.37 -30.57
C TYR C 312 26.12 -26.61 -31.47
N ALA C 313 25.74 -27.86 -31.69
CA ALA C 313 24.73 -28.14 -32.71
C ALA C 313 23.40 -27.53 -32.37
N LEU C 314 22.75 -27.01 -33.40
CA LEU C 314 21.35 -26.61 -33.31
C LEU C 314 20.56 -27.51 -34.24
N LEU C 315 21.10 -27.73 -35.43
CA LEU C 315 20.43 -28.51 -36.45
C LEU C 315 20.82 -29.99 -36.40
N ASN C 316 19.81 -30.84 -36.31
CA ASN C 316 19.99 -32.28 -36.48
C ASN C 316 19.93 -32.61 -37.98
N ARG C 317 21.11 -32.68 -38.60
CA ARG C 317 21.24 -32.80 -40.04
C ARG C 317 20.78 -34.17 -40.56
N LYS C 318 20.95 -35.20 -39.75
CA LYS C 318 20.58 -36.53 -40.20
C LYS C 318 19.08 -36.71 -40.20
N THR C 319 18.37 -35.92 -39.41
CA THR C 319 16.94 -36.16 -39.27
C THR C 319 16.12 -34.98 -39.81
N LEU C 320 16.82 -33.95 -40.27
CA LEU C 320 16.15 -32.76 -40.80
C LEU C 320 15.15 -32.20 -39.81
N SER C 321 15.55 -32.18 -38.55
CA SER C 321 14.80 -31.56 -37.48
C SER C 321 15.78 -30.67 -36.72
N TRP C 322 15.29 -29.93 -35.73
CA TRP C 322 16.14 -29.06 -34.89
C TRP C 322 16.29 -29.56 -33.44
N TYR C 323 17.52 -29.68 -32.96
CA TYR C 323 17.72 -29.98 -31.54
C TYR C 323 17.18 -28.86 -30.65
N TYR C 324 17.49 -27.61 -31.02
CA TYR C 324 17.06 -26.46 -30.24
C TYR C 324 16.43 -25.35 -31.07
N PRO C 325 15.17 -25.55 -31.46
CA PRO C 325 14.49 -24.46 -32.16
C PRO C 325 14.38 -23.22 -31.26
N GLU C 326 14.34 -23.47 -29.96
CA GLU C 326 14.20 -22.37 -29.01
C GLU C 326 15.30 -21.32 -29.16
N ILE C 327 16.54 -21.78 -29.19
CA ILE C 327 17.67 -20.87 -29.33
C ILE C 327 17.57 -20.11 -30.65
N VAL C 328 17.20 -20.82 -31.72
CA VAL C 328 17.07 -20.19 -33.04
C VAL C 328 16.00 -19.09 -33.00
N GLN C 329 14.87 -19.41 -32.40
CA GLN C 329 13.76 -18.47 -32.23
C GLN C 329 14.19 -17.24 -31.41
N ALA C 330 15.10 -17.47 -30.48
CA ALA C 330 15.65 -16.38 -29.69
C ALA C 330 16.52 -15.45 -30.54
N LEU C 331 17.31 -16.05 -31.44
CA LEU C 331 18.15 -15.27 -32.34
C LEU C 331 17.27 -14.39 -33.20
N MET C 332 16.20 -14.96 -33.73
CA MET C 332 15.36 -14.21 -34.64
C MET C 332 14.68 -13.06 -33.91
N ARG C 333 14.22 -13.34 -32.69
CA ARG C 333 13.64 -12.32 -31.85
C ARG C 333 14.62 -11.16 -31.65
N GLY C 334 15.86 -11.51 -31.31
CA GLY C 334 16.90 -10.53 -31.04
C GLY C 334 17.32 -9.77 -32.28
N ALA C 335 17.47 -10.47 -33.38
CA ALA C 335 17.90 -9.84 -34.62
C ALA C 335 16.82 -8.97 -35.25
N GLY C 336 15.56 -9.33 -35.02
CA GLY C 336 14.42 -8.67 -35.64
C GLY C 336 14.41 -8.90 -37.14
N GLY D 1 -6.61 65.87 4.85
CA GLY D 1 -7.36 64.97 3.98
C GLY D 1 -8.00 63.87 4.81
N MET D 2 -7.67 63.86 6.09
CA MET D 2 -8.11 62.82 6.99
C MET D 2 -9.25 63.31 7.90
N ARG D 3 -10.47 62.96 7.52
CA ARG D 3 -11.66 63.40 8.24
C ARG D 3 -11.68 62.85 9.66
N ASP D 4 -12.42 63.53 10.53
CA ASP D 4 -12.73 62.98 11.83
C ASP D 4 -13.97 62.10 11.63
N ILE D 5 -13.75 60.85 11.22
CA ILE D 5 -14.82 59.92 10.93
C ILE D 5 -14.46 58.53 11.47
N SER D 6 -15.43 57.86 12.10
CA SER D 6 -15.22 56.52 12.63
C SER D 6 -15.24 55.52 11.48
N ALA D 7 -14.64 54.34 11.70
CA ALA D 7 -14.64 53.31 10.68
C ALA D 7 -16.07 52.92 10.30
N ILE D 8 -16.94 52.83 11.30
CA ILE D 8 -18.34 52.44 11.08
C ILE D 8 -19.02 53.38 10.09
N ASP D 9 -18.82 54.69 10.25
CA ASP D 9 -19.42 55.66 9.35
C ASP D 9 -18.74 55.67 7.98
N LEU D 10 -17.44 55.36 7.95
CA LEU D 10 -16.74 55.35 6.69
C LEU D 10 -17.26 54.19 5.83
N VAL D 11 -17.46 53.03 6.44
CA VAL D 11 -17.96 51.90 5.68
C VAL D 11 -19.41 52.08 5.22
N LYS D 12 -20.24 52.76 6.04
CA LYS D 12 -21.60 53.08 5.60
C LYS D 12 -21.56 53.96 4.35
N GLU D 13 -20.59 54.87 4.28
CA GLU D 13 -20.47 55.74 3.12
C GLU D 13 -20.00 54.96 1.89
N ILE D 14 -19.09 54.03 2.10
CA ILE D 14 -18.56 53.20 1.02
C ILE D 14 -19.68 52.42 0.35
N LYS D 15 -20.47 51.75 1.17
CA LYS D 15 -21.72 51.13 0.71
C LYS D 15 -21.55 49.95 -0.24
N ILE D 16 -21.22 50.24 -1.51
CA ILE D 16 -21.17 49.20 -2.55
C ILE D 16 -20.01 49.39 -3.54
N GLY D 17 -19.21 48.34 -3.73
CA GLY D 17 -18.03 48.44 -4.58
C GLY D 17 -17.94 47.35 -5.65
N TRP D 18 -16.88 47.43 -6.45
CA TRP D 18 -16.64 46.58 -7.62
C TRP D 18 -15.15 46.24 -7.59
N ASN D 19 -14.81 44.98 -7.83
CA ASN D 19 -13.41 44.53 -7.88
C ASN D 19 -12.84 44.54 -9.29
N LEU D 20 -11.65 45.10 -9.45
CA LEU D 20 -10.92 44.97 -10.71
C LEU D 20 -10.19 43.61 -10.71
N GLY D 21 -10.96 42.53 -10.84
CA GLY D 21 -10.46 41.18 -10.68
C GLY D 21 -9.71 40.60 -11.88
N ASN D 22 -8.85 39.61 -11.61
CA ASN D 22 -8.04 38.98 -12.63
C ASN D 22 -7.24 39.99 -13.45
N THR D 23 -6.77 41.03 -12.78
CA THR D 23 -6.10 42.13 -13.44
C THR D 23 -4.71 42.30 -12.86
N LEU D 24 -4.54 43.20 -11.90
CA LEU D 24 -3.23 43.37 -11.27
C LEU D 24 -2.92 42.22 -10.28
N ASP D 25 -3.94 41.42 -9.99
CA ASP D 25 -3.72 40.18 -9.23
C ASP D 25 -3.16 39.06 -10.13
N ALA D 26 -3.28 39.23 -11.45
CA ALA D 26 -2.69 38.28 -12.40
C ALA D 26 -1.18 38.53 -12.47
N PRO D 27 -0.38 37.53 -12.91
CA PRO D 27 1.08 37.70 -12.91
C PRO D 27 1.53 38.93 -13.70
N THR D 28 0.73 39.26 -14.69
CA THR D 28 0.96 40.42 -15.52
C THR D 28 -0.45 40.97 -15.74
N GLU D 29 -0.60 42.27 -16.03
CA GLU D 29 -1.95 42.85 -16.09
C GLU D 29 -2.87 42.13 -17.09
N THR D 30 -2.31 41.73 -18.23
CA THR D 30 -3.12 41.10 -19.27
C THR D 30 -3.01 39.58 -19.27
N ALA D 31 -2.22 39.01 -18.36
CA ALA D 31 -1.90 37.58 -18.43
C ALA D 31 -3.11 36.64 -18.36
N TRP D 32 -4.22 37.12 -17.82
CA TRP D 32 -5.39 36.27 -17.64
C TRP D 32 -6.57 36.67 -18.51
N GLY D 33 -6.33 37.30 -19.66
CA GLY D 33 -7.40 37.58 -20.60
C GLY D 33 -8.08 38.96 -20.52
N ASN D 34 -7.80 39.73 -19.50
CA ASN D 34 -8.35 41.07 -19.45
C ASN D 34 -7.53 42.05 -20.28
N PRO D 35 -8.19 43.01 -20.92
CA PRO D 35 -7.37 44.05 -21.55
C PRO D 35 -6.75 44.93 -20.46
N ARG D 36 -5.69 45.64 -20.83
CA ARG D 36 -5.13 46.67 -19.98
C ARG D 36 -6.19 47.65 -19.58
N THR D 37 -6.28 47.91 -18.29
CA THR D 37 -7.30 48.78 -17.74
C THR D 37 -7.16 50.19 -18.28
N THR D 38 -8.31 50.79 -18.61
CA THR D 38 -8.33 52.16 -19.08
C THR D 38 -9.19 53.04 -18.19
N LYS D 39 -8.96 54.34 -18.24
CA LYS D 39 -9.74 55.30 -17.49
C LYS D 39 -11.21 55.22 -17.86
N ALA D 40 -11.48 54.95 -19.14
CA ALA D 40 -12.85 54.90 -19.62
C ALA D 40 -13.65 53.80 -18.90
N MET D 41 -13.00 52.66 -18.67
CA MET D 41 -13.62 51.55 -17.99
C MET D 41 -14.08 51.94 -16.57
N ILE D 42 -13.18 52.56 -15.83
CA ILE D 42 -13.44 52.92 -14.45
C ILE D 42 -14.60 53.92 -14.40
N GLU D 43 -14.67 54.77 -15.41
CA GLU D 43 -15.73 55.77 -15.47
C GLU D 43 -17.07 55.08 -15.51
N LYS D 44 -17.14 54.03 -16.33
CA LYS D 44 -18.38 53.30 -16.49
C LYS D 44 -18.79 52.71 -15.16
N VAL D 45 -17.84 52.09 -14.47
CA VAL D 45 -18.11 51.57 -13.15
C VAL D 45 -18.75 52.66 -12.28
N ARG D 46 -18.14 53.84 -12.22
CA ARG D 46 -18.66 54.95 -11.40
C ARG D 46 -20.05 55.37 -11.87
N GLU D 47 -20.21 55.36 -13.19
CA GLU D 47 -21.45 55.74 -13.86
C GLU D 47 -22.67 54.90 -13.48
N MET D 48 -22.46 53.64 -13.14
CA MET D 48 -23.56 52.76 -12.74
C MET D 48 -23.94 52.93 -11.27
N GLY D 49 -23.13 53.64 -10.50
CA GLY D 49 -23.48 53.88 -9.11
C GLY D 49 -22.53 53.30 -8.06
N PHE D 50 -21.48 52.61 -8.50
CA PHE D 50 -20.48 52.13 -7.58
C PHE D 50 -19.77 53.30 -6.87
N ASN D 51 -19.45 53.08 -5.59
CA ASN D 51 -18.80 54.08 -4.76
C ASN D 51 -17.38 53.73 -4.34
N ALA D 52 -16.88 52.59 -4.82
CA ALA D 52 -15.53 52.12 -4.48
C ALA D 52 -15.07 51.04 -5.46
N VAL D 53 -13.77 51.01 -5.70
CA VAL D 53 -13.17 49.96 -6.50
C VAL D 53 -12.08 49.31 -5.69
N ARG D 54 -12.13 48.00 -5.61
CA ARG D 54 -11.04 47.25 -4.99
C ARG D 54 -10.07 46.82 -6.07
N VAL D 55 -8.79 47.06 -5.84
CA VAL D 55 -7.74 46.78 -6.79
C VAL D 55 -6.81 45.77 -6.19
N PRO D 56 -7.09 44.47 -6.41
CA PRO D 56 -6.18 43.44 -5.91
C PRO D 56 -4.90 43.43 -6.70
N VAL D 57 -3.79 43.34 -5.98
CA VAL D 57 -2.47 43.33 -6.59
C VAL D 57 -1.63 42.18 -6.07
N THR D 58 -1.13 41.36 -6.99
CA THR D 58 -0.15 40.34 -6.68
C THR D 58 1.25 40.92 -6.89
N TRP D 59 2.11 40.83 -5.87
CA TRP D 59 3.43 41.45 -5.96
C TRP D 59 4.55 40.49 -6.35
N ASP D 60 4.38 39.23 -5.97
CA ASP D 60 5.32 38.13 -6.17
C ASP D 60 6.41 38.30 -7.25
N THR D 61 6.03 38.22 -8.53
CA THR D 61 7.02 38.22 -9.61
C THR D 61 7.64 39.59 -9.90
N HIS D 62 7.23 40.62 -9.16
CA HIS D 62 7.76 41.96 -9.36
C HIS D 62 8.65 42.37 -8.18
N ILE D 63 8.95 41.42 -7.31
CA ILE D 63 9.75 41.67 -6.12
C ILE D 63 11.16 41.09 -6.30
N GLY D 64 12.17 41.92 -6.13
CA GLY D 64 13.53 41.46 -6.27
C GLY D 64 13.93 40.49 -5.18
N PRO D 65 15.17 40.03 -5.23
CA PRO D 65 15.68 39.06 -4.24
C PRO D 65 15.91 39.66 -2.86
N ALA D 66 16.02 38.76 -1.88
CA ALA D 66 16.43 39.09 -0.53
C ALA D 66 17.85 39.62 -0.62
N PRO D 67 18.24 40.48 0.34
CA PRO D 67 17.46 40.86 1.51
C PRO D 67 16.55 42.06 1.28
N ASP D 68 16.69 42.75 0.15
CA ASP D 68 15.96 43.99 -0.06
C ASP D 68 14.52 43.81 -0.52
N TYR D 69 14.26 42.77 -1.31
CA TYR D 69 12.92 42.54 -1.85
C TYR D 69 12.36 43.80 -2.48
N LYS D 70 13.17 44.45 -3.31
CA LYS D 70 12.75 45.69 -3.94
C LYS D 70 11.60 45.44 -4.92
N ILE D 71 10.55 46.23 -4.80
CA ILE D 71 9.46 46.19 -5.77
C ILE D 71 9.88 46.94 -7.04
N ASP D 72 9.71 46.31 -8.20
CA ASP D 72 9.99 46.95 -9.49
C ASP D 72 9.16 48.23 -9.54
N GLU D 73 9.82 49.35 -9.85
CA GLU D 73 9.16 50.65 -9.87
C GLU D 73 8.03 50.75 -10.91
N ALA D 74 8.28 50.21 -12.08
CA ALA D 74 7.30 50.23 -13.16
C ALA D 74 5.98 49.57 -12.74
N TRP D 75 6.07 48.50 -11.96
CA TRP D 75 4.88 47.81 -11.48
C TRP D 75 4.16 48.75 -10.53
N LEU D 76 4.94 49.33 -9.62
CA LEU D 76 4.38 50.21 -8.62
C LEU D 76 3.74 51.45 -9.26
N ASN D 77 4.40 52.00 -10.27
CA ASN D 77 3.83 53.15 -10.99
C ASN D 77 2.48 52.80 -11.64
N ARG D 78 2.40 51.59 -12.21
CA ARG D 78 1.17 51.15 -12.86
C ARG D 78 0.03 50.95 -11.86
N VAL D 79 0.34 50.31 -10.75
CA VAL D 79 -0.61 50.21 -9.64
C VAL D 79 -1.12 51.60 -9.19
N GLU D 80 -0.22 52.55 -8.99
CA GLU D 80 -0.64 53.90 -8.59
C GLU D 80 -1.52 54.57 -9.64
N GLU D 81 -1.17 54.38 -10.90
CA GLU D 81 -1.93 54.96 -12.00
C GLU D 81 -3.38 54.49 -11.96
N VAL D 82 -3.53 53.18 -11.83
CA VAL D 82 -4.86 52.58 -11.79
C VAL D 82 -5.59 53.05 -10.54
N VAL D 83 -4.87 53.12 -9.42
CA VAL D 83 -5.46 53.62 -8.17
C VAL D 83 -6.03 55.01 -8.38
N ASN D 84 -5.29 55.83 -9.11
CA ASN D 84 -5.73 57.18 -9.41
C ASN D 84 -6.90 57.31 -10.40
N TYR D 85 -7.02 56.35 -11.31
CA TYR D 85 -8.22 56.28 -12.16
C TYR D 85 -9.41 56.23 -11.19
N VAL D 86 -9.28 55.41 -10.15
CA VAL D 86 -10.39 55.20 -9.22
C VAL D 86 -10.68 56.41 -8.34
N LEU D 87 -9.66 56.98 -7.72
CA LEU D 87 -9.89 58.14 -6.86
C LEU D 87 -10.39 59.34 -7.66
N ASP D 88 -9.79 59.57 -8.83
CA ASP D 88 -10.14 60.71 -9.66
C ASP D 88 -11.63 60.71 -10.07
N CYS D 89 -12.24 59.53 -10.13
CA CYS D 89 -13.67 59.42 -10.41
C CYS D 89 -14.55 59.60 -9.16
N GLY D 90 -13.93 59.97 -8.04
CA GLY D 90 -14.66 60.14 -6.79
C GLY D 90 -15.03 58.87 -6.01
N MET D 91 -14.36 57.75 -6.26
CA MET D 91 -14.65 56.50 -5.52
C MET D 91 -13.54 56.20 -4.50
N TYR D 92 -13.86 55.41 -3.49
CA TYR D 92 -12.85 54.88 -2.58
C TYR D 92 -12.00 53.83 -3.29
N ALA D 93 -10.76 53.65 -2.86
CA ALA D 93 -9.92 52.62 -3.45
C ALA D 93 -9.30 51.73 -2.40
N ILE D 94 -9.21 50.45 -2.68
CA ILE D 94 -8.50 49.54 -1.79
C ILE D 94 -7.43 48.80 -2.56
N ILE D 95 -6.20 48.84 -2.05
CA ILE D 95 -5.15 48.02 -2.62
C ILE D 95 -4.75 46.99 -1.61
N ASN D 96 -4.28 45.85 -2.09
CA ASN D 96 -3.95 44.79 -1.17
C ASN D 96 -2.70 44.05 -1.56
N LEU D 97 -2.56 42.87 -0.97
CA LEU D 97 -1.51 41.98 -1.34
C LEU D 97 -2.21 40.65 -1.60
N HIS D 98 -2.19 40.19 -2.84
CA HIS D 98 -3.19 39.21 -3.31
C HIS D 98 -2.66 37.77 -3.39
N HIS D 99 -2.37 37.30 -4.61
CA HIS D 99 -1.88 35.94 -4.77
C HIS D 99 -0.42 35.87 -4.37
N ASP D 100 -0.17 36.12 -3.09
CA ASP D 100 1.21 36.14 -2.64
C ASP D 100 1.44 35.06 -1.62
N ASN D 101 0.55 34.07 -1.65
CA ASN D 101 0.61 32.92 -0.74
C ASN D 101 1.77 31.97 -1.06
N THR D 102 2.48 32.26 -2.14
CA THR D 102 3.67 31.50 -2.47
C THR D 102 4.77 31.74 -1.42
N TRP D 103 4.81 32.95 -0.88
CA TRP D 103 5.84 33.34 0.09
C TRP D 103 5.27 33.79 1.45
N ILE D 104 3.97 33.98 1.52
CA ILE D 104 3.31 34.25 2.79
C ILE D 104 2.67 32.97 3.30
N ILE D 105 3.38 32.32 4.21
CA ILE D 105 2.96 31.02 4.71
C ILE D 105 2.78 31.08 6.21
N PRO D 106 1.51 31.01 6.64
CA PRO D 106 1.15 31.22 8.03
C PRO D 106 1.37 29.97 8.84
N THR D 107 2.62 29.54 8.93
CA THR D 107 2.96 28.45 9.83
C THR D 107 4.11 28.91 10.72
N TYR D 108 4.33 28.19 11.83
CA TYR D 108 5.43 28.49 12.74
C TYR D 108 6.78 28.36 12.02
N ALA D 109 6.91 27.32 11.21
CA ALA D 109 8.15 27.05 10.49
C ALA D 109 8.50 28.17 9.52
N ASN D 110 7.47 28.81 8.97
CA ASN D 110 7.67 29.80 7.93
C ASN D 110 7.37 31.25 8.38
N GLU D 111 6.99 31.42 9.65
CA GLU D 111 6.53 32.71 10.16
C GLU D 111 7.50 33.86 10.00
N GLN D 112 8.73 33.68 10.49
CA GLN D 112 9.65 34.80 10.53
C GLN D 112 10.07 35.27 9.12
N ARG D 113 10.33 34.31 8.23
CA ARG D 113 10.69 34.61 6.84
C ARG D 113 9.55 35.28 6.05
N SER D 114 8.34 34.75 6.17
CA SER D 114 7.20 35.43 5.55
C SER D 114 7.05 36.85 6.11
N LYS D 115 7.15 36.97 7.43
CA LYS D 115 6.94 38.24 8.11
C LYS D 115 8.00 39.29 7.71
N GLU D 116 9.27 38.87 7.61
CA GLU D 116 10.35 39.79 7.26
C GLU D 116 10.08 40.42 5.88
N LYS D 117 9.69 39.57 4.93
CA LYS D 117 9.41 39.99 3.57
C LYS D 117 8.15 40.82 3.52
N LEU D 118 7.15 40.39 4.26
CA LEU D 118 5.90 41.09 4.29
C LEU D 118 6.12 42.49 4.81
N VAL D 119 6.93 42.64 5.85
CA VAL D 119 7.20 43.97 6.41
C VAL D 119 7.92 44.85 5.39
N LYS D 120 8.88 44.24 4.71
CA LYS D 120 9.68 44.95 3.74
C LYS D 120 8.86 45.30 2.50
N VAL D 121 7.88 44.46 2.15
CA VAL D 121 7.04 44.75 0.98
C VAL D 121 6.08 45.86 1.32
N TRP D 122 5.45 45.75 2.50
CA TRP D 122 4.48 46.76 2.91
C TRP D 122 5.10 48.11 3.15
N GLU D 123 6.36 48.12 3.58
CA GLU D 123 7.11 49.35 3.78
C GLU D 123 7.15 50.14 2.48
N GLN D 124 7.48 49.45 1.39
CA GLN D 124 7.54 50.08 0.09
C GLN D 124 6.17 50.54 -0.40
N ILE D 125 5.16 49.68 -0.28
CA ILE D 125 3.81 50.05 -0.69
C ILE D 125 3.31 51.25 0.13
N ALA D 126 3.37 51.13 1.45
CA ALA D 126 2.93 52.19 2.35
C ALA D 126 3.62 53.52 2.07
N THR D 127 4.92 53.46 1.81
CA THR D 127 5.69 54.67 1.52
C THR D 127 5.18 55.33 0.25
N ARG D 128 5.01 54.53 -0.81
CA ARG D 128 4.53 55.06 -2.07
C ARG D 128 3.18 55.77 -1.92
N PHE D 129 2.29 55.19 -1.13
CA PHE D 129 0.94 55.73 -1.04
C PHE D 129 0.69 56.57 0.23
N LYS D 130 1.76 56.90 0.94
CA LYS D 130 1.62 57.56 2.24
C LYS D 130 0.86 58.88 2.26
N ASP D 131 0.88 59.63 1.17
CA ASP D 131 0.31 60.97 1.18
C ASP D 131 -1.15 61.10 0.73
N TYR D 132 -1.73 59.98 0.28
CA TYR D 132 -3.14 59.99 -0.12
C TYR D 132 -4.07 60.20 1.07
N ASP D 133 -5.26 60.74 0.82
CA ASP D 133 -6.23 60.94 1.88
C ASP D 133 -6.96 59.64 2.27
N ASP D 134 -8.03 59.76 3.05
CA ASP D 134 -8.68 58.59 3.62
C ASP D 134 -9.57 57.79 2.66
N HIS D 135 -9.63 58.22 1.40
CA HIS D 135 -10.39 57.48 0.41
C HIS D 135 -9.55 56.32 -0.10
N LEU D 136 -8.27 56.31 0.27
CA LEU D 136 -7.41 55.17 -0.06
C LEU D 136 -7.20 54.34 1.19
N LEU D 137 -7.49 53.04 1.07
CA LEU D 137 -7.40 52.11 2.18
C LEU D 137 -6.42 50.99 1.85
N PHE D 138 -5.74 50.48 2.87
CA PHE D 138 -4.84 49.35 2.70
C PHE D 138 -5.50 48.08 3.25
N GLU D 139 -5.38 46.98 2.52
CA GLU D 139 -5.83 45.68 2.98
C GLU D 139 -4.57 44.83 3.18
N THR D 140 -4.33 44.37 4.41
CA THR D 140 -3.05 43.75 4.77
C THR D 140 -2.66 42.58 3.88
N MET D 141 -3.60 41.65 3.72
CA MET D 141 -3.46 40.45 2.91
C MET D 141 -4.81 40.08 2.31
N ASN D 142 -4.80 39.31 1.24
CA ASN D 142 -6.05 38.92 0.58
C ASN D 142 -6.77 37.78 1.29
N GLU D 143 -6.27 36.57 1.06
CA GLU D 143 -6.84 35.36 1.66
C GLU D 143 -5.75 34.47 2.24
N PRO D 144 -5.03 34.97 3.28
CA PRO D 144 -3.87 34.25 3.83
C PRO D 144 -4.28 32.87 4.36
N ARG D 145 -3.46 31.88 4.05
CA ARG D 145 -3.76 30.49 4.31
C ARG D 145 -2.52 29.65 4.01
N GLU D 146 -2.47 28.43 4.55
CA GLU D 146 -1.39 27.49 4.26
C GLU D 146 -1.77 26.71 3.02
N VAL D 147 -1.22 27.10 1.88
CA VAL D 147 -1.61 26.52 0.61
C VAL D 147 -1.32 25.01 0.57
N GLY D 148 -2.32 24.22 0.25
CA GLY D 148 -2.09 22.80 0.11
C GLY D 148 -2.27 22.02 1.38
N SER D 149 -2.87 22.63 2.38
CA SER D 149 -3.15 21.96 3.66
C SER D 149 -4.59 21.45 3.74
N PRO D 150 -4.83 20.42 4.57
CA PRO D 150 -6.22 19.95 4.68
C PRO D 150 -7.25 21.04 5.04
N MET D 151 -6.92 21.96 5.94
CA MET D 151 -7.92 22.93 6.42
C MET D 151 -7.90 24.27 5.68
N GLU D 152 -7.13 24.32 4.60
CA GLU D 152 -6.98 25.54 3.81
C GLU D 152 -8.29 26.30 3.56
N TRP D 153 -9.33 25.60 3.13
CA TRP D 153 -10.59 26.27 2.80
C TRP D 153 -11.69 25.98 3.82
N MET D 154 -11.27 25.59 5.03
CA MET D 154 -12.21 25.29 6.11
C MET D 154 -11.90 26.07 7.37
N GLY D 155 -11.23 27.22 7.22
CA GLY D 155 -10.94 28.09 8.34
C GLY D 155 -9.54 27.93 8.90
N GLY D 156 -8.78 26.99 8.34
CA GLY D 156 -7.42 26.74 8.79
C GLY D 156 -7.34 26.09 10.16
N THR D 157 -6.12 25.85 10.62
CA THR D 157 -5.86 25.34 11.96
C THR D 157 -5.67 26.51 12.89
N TYR D 158 -5.58 26.22 14.19
CA TYR D 158 -5.31 27.27 15.16
C TYR D 158 -3.94 27.93 14.90
N GLU D 159 -2.95 27.12 14.50
CA GLU D 159 -1.62 27.61 14.14
C GLU D 159 -1.67 28.67 13.04
N ASN D 160 -2.39 28.38 11.94
CA ASN D 160 -2.54 29.34 10.86
C ASN D 160 -3.05 30.71 11.34
N ARG D 161 -4.13 30.68 12.12
CA ARG D 161 -4.79 31.91 12.50
C ARG D 161 -3.93 32.67 13.48
N ASP D 162 -3.18 31.92 14.29
CA ASP D 162 -2.28 32.49 15.28
C ASP D 162 -1.21 33.28 14.55
N VAL D 163 -0.59 32.65 13.55
CA VAL D 163 0.47 33.31 12.80
C VAL D 163 -0.06 34.53 12.05
N ILE D 164 -1.25 34.36 11.46
CA ILE D 164 -1.91 35.39 10.69
C ILE D 164 -2.15 36.65 11.52
N ASN D 165 -2.50 36.44 12.79
CA ASN D 165 -2.62 37.53 13.74
C ASN D 165 -1.30 38.31 13.86
N ARG D 166 -0.18 37.60 13.86
CA ARG D 166 1.12 38.26 13.96
C ARG D 166 1.56 38.93 12.66
N PHE D 167 1.23 38.29 11.53
CA PHE D 167 1.39 38.93 10.24
C PHE D 167 0.63 40.24 10.28
N ASN D 168 -0.63 40.19 10.72
CA ASN D 168 -1.47 41.38 10.77
C ASN D 168 -0.91 42.46 11.67
N LEU D 169 -0.43 42.06 12.85
CA LEU D 169 0.16 43.01 13.79
C LEU D 169 1.37 43.68 13.15
N ALA D 170 2.17 42.89 12.44
CA ALA D 170 3.41 43.38 11.82
C ALA D 170 3.16 44.36 10.67
N VAL D 171 2.16 44.06 9.84
CA VAL D 171 1.86 44.94 8.73
C VAL D 171 1.27 46.26 9.23
N VAL D 172 0.29 46.16 10.12
CA VAL D 172 -0.33 47.36 10.70
C VAL D 172 0.72 48.28 11.35
N ASN D 173 1.58 47.73 12.21
CA ASN D 173 2.65 48.52 12.81
C ASN D 173 3.55 49.16 11.75
N THR D 174 3.89 48.40 10.70
CA THR D 174 4.72 48.93 9.63
C THR D 174 4.03 50.12 8.95
N ILE D 175 2.77 49.94 8.62
CA ILE D 175 2.00 51.00 7.99
C ILE D 175 1.89 52.25 8.87
N ARG D 176 1.55 52.06 10.14
CA ARG D 176 1.33 53.18 11.06
C ARG D 176 2.57 54.04 11.28
N ALA D 177 3.75 53.45 11.08
CA ALA D 177 5.01 54.14 11.37
C ALA D 177 5.68 54.73 10.12
N SER D 178 5.03 54.58 8.96
CA SER D 178 5.67 54.88 7.68
C SER D 178 5.53 56.34 7.18
N GLY D 179 4.85 57.18 7.95
CA GLY D 179 4.73 58.60 7.64
C GLY D 179 3.48 59.02 6.89
N GLY D 180 3.43 60.30 6.51
CA GLY D 180 2.30 60.87 5.81
C GLY D 180 1.00 60.70 6.59
N ASN D 181 -0.04 60.24 5.90
CA ASN D 181 -1.32 60.04 6.54
C ASN D 181 -1.47 58.61 7.02
N ASN D 182 -0.40 57.84 6.90
CA ASN D 182 -0.50 56.41 7.21
C ASN D 182 -0.74 56.13 8.67
N ASP D 183 -0.62 57.17 9.48
CA ASP D 183 -0.90 57.03 10.90
C ASP D 183 -2.40 56.96 11.12
N LYS D 184 -3.20 57.50 10.20
CA LYS D 184 -4.66 57.47 10.37
C LYS D 184 -5.44 56.74 9.27
N ARG D 185 -4.74 56.18 8.28
CA ARG D 185 -5.40 55.48 7.19
C ARG D 185 -6.12 54.23 7.68
N PHE D 186 -7.31 53.99 7.13
CA PHE D 186 -8.08 52.82 7.50
C PHE D 186 -7.48 51.57 6.86
N ILE D 187 -7.49 50.48 7.62
CA ILE D 187 -6.82 49.24 7.23
C ILE D 187 -7.71 48.01 7.43
N LEU D 188 -7.77 47.18 6.39
CA LEU D 188 -8.53 45.94 6.41
C LEU D 188 -7.63 44.75 6.79
N VAL D 189 -8.13 43.90 7.68
CA VAL D 189 -7.44 42.65 8.03
C VAL D 189 -8.37 41.44 7.98
N PRO D 190 -7.87 40.32 7.43
CA PRO D 190 -8.66 39.10 7.44
C PRO D 190 -8.11 38.08 8.42
N THR D 191 -8.88 37.05 8.73
CA THR D 191 -8.25 35.85 9.26
C THR D 191 -8.07 34.89 8.09
N ASN D 192 -7.92 33.60 8.37
CA ASN D 192 -7.65 32.58 7.35
C ASN D 192 -8.57 32.68 6.12
N ALA D 193 -7.96 32.92 4.96
CA ALA D 193 -8.67 33.00 3.67
C ALA D 193 -9.82 34.00 3.67
N ALA D 194 -9.75 34.98 4.55
CA ALA D 194 -10.82 35.96 4.73
C ALA D 194 -12.18 35.29 4.98
N THR D 195 -12.17 34.13 5.64
CA THR D 195 -13.43 33.41 5.85
C THR D 195 -14.36 34.13 6.80
N GLY D 196 -15.64 33.80 6.70
CA GLY D 196 -16.63 34.30 7.63
C GLY D 196 -16.97 33.25 8.65
N LEU D 197 -16.23 32.15 8.65
CA LEU D 197 -16.42 31.08 9.62
C LEU D 197 -16.20 31.53 11.07
N ASP D 198 -17.15 31.17 11.91
CA ASP D 198 -17.17 31.58 13.31
C ASP D 198 -15.97 31.06 14.11
N VAL D 199 -15.58 29.80 13.90
CA VAL D 199 -14.42 29.27 14.60
C VAL D 199 -13.15 29.99 14.21
N ALA D 200 -13.14 30.56 13.00
CA ALA D 200 -12.00 31.35 12.59
C ALA D 200 -12.10 32.79 13.08
N LEU D 201 -13.26 33.41 12.88
CA LEU D 201 -13.47 34.78 13.32
C LEU D 201 -13.32 34.91 14.83
N ASN D 202 -13.50 33.82 15.56
CA ASN D 202 -13.26 33.82 16.99
C ASN D 202 -11.80 34.11 17.36
N ASP D 203 -10.88 33.71 16.49
CA ASP D 203 -9.46 33.85 16.78
C ASP D 203 -8.80 35.08 16.17
N LEU D 204 -9.59 35.91 15.52
CA LEU D 204 -9.04 37.11 14.91
C LEU D 204 -8.80 38.19 15.96
N VAL D 205 -7.56 38.67 16.06
CA VAL D 205 -7.32 39.79 16.94
C VAL D 205 -6.88 41.03 16.16
N ILE D 206 -7.61 42.12 16.41
CA ILE D 206 -7.29 43.41 15.84
C ILE D 206 -5.97 43.91 16.39
N PRO D 207 -4.97 44.15 15.52
CA PRO D 207 -3.67 44.67 15.95
C PRO D 207 -3.82 45.91 16.81
N ASN D 208 -3.29 45.86 18.04
CA ASN D 208 -3.29 47.01 18.95
C ASN D 208 -4.70 47.53 19.25
N ASN D 209 -5.71 46.74 18.94
CA ASN D 209 -7.09 47.21 19.02
C ASN D 209 -7.30 48.54 18.30
N ASP D 210 -6.59 48.69 17.19
CA ASP D 210 -6.58 49.90 16.38
C ASP D 210 -7.99 50.25 15.93
N SER D 211 -8.41 51.48 16.21
CA SER D 211 -9.79 51.90 15.97
C SER D 211 -10.07 52.17 14.50
N ARG D 212 -9.00 52.18 13.69
CA ARG D 212 -9.16 52.40 12.26
C ARG D 212 -8.83 51.14 11.48
N VAL D 213 -8.98 49.99 12.13
CA VAL D 213 -8.84 48.70 11.49
C VAL D 213 -10.22 48.11 11.22
N ILE D 214 -10.42 47.63 9.99
CA ILE D 214 -11.71 47.12 9.56
C ILE D 214 -11.58 45.63 9.24
N VAL D 215 -12.57 44.84 9.67
CA VAL D 215 -12.58 43.41 9.38
C VAL D 215 -12.91 43.12 7.93
N SER D 216 -12.07 42.31 7.30
CA SER D 216 -12.31 41.91 5.92
C SER D 216 -12.73 40.45 5.81
N ILE D 217 -13.88 40.22 5.18
CA ILE D 217 -14.27 38.86 4.86
C ILE D 217 -14.73 38.74 3.40
N HIS D 218 -14.52 37.56 2.83
CA HIS D 218 -15.06 37.22 1.51
C HIS D 218 -16.20 36.23 1.70
N ALA D 219 -17.31 36.45 1.02
CA ALA D 219 -18.46 35.60 1.26
C ALA D 219 -19.28 35.35 0.01
N TYR D 220 -18.92 34.28 -0.70
CA TYR D 220 -19.66 33.88 -1.90
C TYR D 220 -20.80 32.94 -1.51
N SER D 221 -21.82 33.51 -0.87
CA SER D 221 -22.96 32.73 -0.41
C SER D 221 -24.20 32.96 -1.28
N PRO D 222 -25.05 31.93 -1.40
CA PRO D 222 -24.76 30.59 -0.88
C PRO D 222 -23.89 29.82 -1.89
N TYR D 223 -22.90 29.10 -1.38
CA TYR D 223 -21.85 28.53 -2.19
C TYR D 223 -22.30 27.81 -3.47
N PHE D 224 -23.31 26.96 -3.36
CA PHE D 224 -23.69 26.14 -4.50
C PHE D 224 -24.28 26.98 -5.61
N PHE D 225 -25.13 27.95 -5.26
CA PHE D 225 -25.73 28.80 -6.26
C PHE D 225 -24.65 29.69 -6.91
N ALA D 226 -23.76 30.21 -6.06
CA ALA D 226 -22.87 31.30 -6.42
C ALA D 226 -21.58 30.90 -7.09
N MET D 227 -20.93 29.84 -6.58
CA MET D 227 -19.60 29.46 -7.05
C MET D 227 -19.58 28.16 -7.87
N ASP D 228 -20.38 27.19 -7.44
CA ASP D 228 -20.27 25.82 -7.94
C ASP D 228 -20.95 25.67 -9.29
N VAL D 229 -20.14 25.39 -10.32
CA VAL D 229 -20.62 25.30 -11.68
C VAL D 229 -21.70 24.21 -11.84
N ASN D 230 -21.61 23.18 -11.02
CA ASN D 230 -22.63 22.14 -11.00
C ASN D 230 -23.70 22.40 -9.96
N GLY D 231 -23.51 23.43 -9.15
CA GLY D 231 -24.47 23.79 -8.14
C GLY D 231 -25.76 24.33 -8.74
N THR D 232 -26.78 24.51 -7.91
CA THR D 232 -28.09 24.92 -8.39
C THR D 232 -28.04 26.29 -9.07
N SER D 233 -28.96 26.50 -10.02
CA SER D 233 -29.05 27.76 -10.75
C SER D 233 -30.23 28.58 -10.27
N TYR D 234 -31.02 28.02 -9.36
CA TYR D 234 -32.15 28.78 -8.81
C TYR D 234 -31.79 29.36 -7.46
N TRP D 235 -32.26 30.58 -7.21
CA TRP D 235 -32.14 31.17 -5.88
C TRP D 235 -33.39 32.04 -5.66
N GLY D 236 -33.96 32.03 -4.46
CA GLY D 236 -35.11 32.90 -4.20
C GLY D 236 -36.14 32.40 -3.19
N SER D 237 -35.93 31.22 -2.63
CA SER D 237 -36.88 30.68 -1.66
C SER D 237 -36.84 31.47 -0.37
N ASP D 238 -37.88 31.32 0.45
CA ASP D 238 -37.93 31.99 1.74
C ASP D 238 -36.77 31.52 2.62
N TYR D 239 -36.40 30.26 2.47
CA TYR D 239 -35.27 29.70 3.19
C TYR D 239 -33.97 30.33 2.72
N ASP D 240 -33.82 30.47 1.40
CA ASP D 240 -32.64 31.08 0.79
C ASP D 240 -32.42 32.48 1.34
N LYS D 241 -33.51 33.24 1.45
CA LYS D 241 -33.44 34.59 1.94
C LYS D 241 -33.05 34.60 3.42
N ALA D 242 -33.62 33.67 4.17
CA ALA D 242 -33.38 33.58 5.60
C ALA D 242 -31.93 33.19 5.90
N SER D 243 -31.36 32.32 5.07
CA SER D 243 -29.98 31.85 5.25
C SER D 243 -28.93 32.97 5.30
N LEU D 244 -28.84 33.78 4.24
CA LEU D 244 -27.81 34.82 4.20
C LEU D 244 -28.09 35.83 5.29
N THR D 245 -29.37 36.12 5.48
CA THR D 245 -29.78 37.05 6.51
C THR D 245 -29.26 36.60 7.87
N SER D 246 -29.37 35.30 8.14
CA SER D 246 -28.84 34.78 9.41
C SER D 246 -27.31 34.82 9.39
N GLU D 247 -26.74 34.54 8.23
CA GLU D 247 -25.30 34.58 8.05
C GLU D 247 -24.78 35.99 8.29
N LEU D 248 -25.53 36.99 7.82
CA LEU D 248 -25.14 38.38 8.00
C LEU D 248 -25.35 38.86 9.43
N ASP D 249 -26.40 38.37 10.07
CA ASP D 249 -26.66 38.72 11.46
C ASP D 249 -25.54 38.26 12.36
N ALA D 250 -25.00 37.08 12.07
CA ALA D 250 -23.93 36.54 12.88
C ALA D 250 -22.74 37.48 12.85
N ILE D 251 -22.39 37.96 11.65
CA ILE D 251 -21.30 38.91 11.49
C ILE D 251 -21.64 40.24 12.16
N TYR D 252 -22.88 40.69 11.95
CA TYR D 252 -23.35 41.97 12.47
C TYR D 252 -23.33 42.00 13.99
N ASN D 253 -23.69 40.89 14.60
CA ASN D 253 -23.75 40.78 16.04
C ASN D 253 -22.39 40.67 16.70
N ARG D 254 -21.45 40.08 15.98
CA ARG D 254 -20.10 39.89 16.51
C ARG D 254 -19.24 41.15 16.37
N PHE D 255 -19.40 41.88 15.27
CA PHE D 255 -18.52 43.03 15.01
C PHE D 255 -19.22 44.39 15.04
N VAL D 256 -20.08 44.64 14.05
CA VAL D 256 -20.72 45.94 13.86
C VAL D 256 -21.41 46.44 15.14
N LYS D 257 -22.16 45.56 15.79
CA LYS D 257 -22.85 45.87 17.03
C LYS D 257 -21.88 46.35 18.12
N ASN D 258 -20.65 45.88 18.03
CA ASN D 258 -19.63 46.23 19.00
C ASN D 258 -18.66 47.29 18.51
N GLY D 259 -19.05 47.98 17.44
CA GLY D 259 -18.28 49.08 16.91
C GLY D 259 -17.15 48.70 15.96
N ARG D 260 -17.05 47.43 15.61
CA ARG D 260 -16.02 47.01 14.66
C ARG D 260 -16.58 46.93 13.25
N ALA D 261 -16.05 47.78 12.36
CA ALA D 261 -16.52 47.87 10.98
C ALA D 261 -16.17 46.63 10.18
N VAL D 262 -17.03 46.32 9.21
CA VAL D 262 -16.82 45.13 8.41
C VAL D 262 -16.97 45.41 6.92
N ILE D 263 -16.02 44.95 6.13
CA ILE D 263 -16.17 45.04 4.69
C ILE D 263 -16.16 43.67 4.06
N ILE D 264 -17.20 43.35 3.30
CA ILE D 264 -17.20 42.13 2.50
C ILE D 264 -16.51 42.47 1.19
N GLY D 265 -15.23 42.12 1.11
CA GLY D 265 -14.40 42.53 0.00
C GLY D 265 -14.64 41.82 -1.32
N GLU D 266 -15.25 40.64 -1.24
CA GLU D 266 -15.52 39.77 -2.38
C GLU D 266 -16.81 38.99 -2.18
N PHE D 267 -17.63 39.00 -3.21
CA PHE D 267 -18.78 38.10 -3.27
C PHE D 267 -19.18 38.12 -4.74
N GLY D 268 -20.13 37.26 -5.10
CA GLY D 268 -20.62 37.24 -6.47
C GLY D 268 -21.16 35.89 -6.86
N THR D 269 -21.76 35.85 -8.03
CA THR D 269 -22.34 34.62 -8.55
C THR D 269 -21.95 34.41 -9.99
N ILE D 270 -21.98 33.15 -10.38
CA ILE D 270 -21.62 32.72 -11.72
C ILE D 270 -22.82 32.78 -12.67
N ASP D 271 -22.51 32.80 -13.97
CA ASP D 271 -23.48 32.89 -15.03
C ASP D 271 -23.98 31.49 -15.36
N LYS D 272 -25.17 31.15 -14.89
CA LYS D 272 -25.75 29.87 -15.26
C LYS D 272 -26.98 30.10 -16.13
N ASN D 273 -26.93 31.15 -16.95
CA ASN D 273 -28.09 31.58 -17.74
C ASN D 273 -29.31 31.69 -16.85
N ASN D 274 -29.13 32.40 -15.74
CA ASN D 274 -30.12 32.46 -14.69
C ASN D 274 -30.24 33.87 -14.16
N LEU D 275 -30.47 34.81 -15.08
CA LEU D 275 -30.50 36.23 -14.75
C LEU D 275 -31.44 36.60 -13.58
N SER D 276 -32.69 36.14 -13.65
CA SER D 276 -33.69 36.47 -12.63
C SER D 276 -33.25 36.08 -11.23
N SER D 277 -32.65 34.90 -11.11
CA SER D 277 -32.14 34.45 -9.81
C SER D 277 -30.96 35.28 -9.36
N ARG D 278 -30.03 35.57 -10.26
CA ARG D 278 -28.87 36.39 -9.91
C ARG D 278 -29.35 37.77 -9.55
N VAL D 279 -30.41 38.22 -10.23
CA VAL D 279 -30.97 39.53 -9.91
C VAL D 279 -31.61 39.57 -8.53
N ALA D 280 -32.42 38.56 -8.21
CA ALA D 280 -33.04 38.51 -6.89
C ALA D 280 -31.99 38.36 -5.79
N HIS D 281 -30.99 37.52 -6.04
CA HIS D 281 -29.90 37.26 -5.10
C HIS D 281 -29.07 38.50 -4.84
N ALA D 282 -28.75 39.22 -5.91
CA ALA D 282 -27.87 40.37 -5.81
C ALA D 282 -28.55 41.46 -5.01
N GLU D 283 -29.83 41.69 -5.30
CA GLU D 283 -30.58 42.74 -4.61
C GLU D 283 -30.70 42.39 -3.13
N HIS D 284 -30.99 41.13 -2.84
CA HIS D 284 -31.11 40.69 -1.46
C HIS D 284 -29.77 40.84 -0.71
N TYR D 285 -28.68 40.45 -1.37
CA TYR D 285 -27.36 40.47 -0.74
C TYR D 285 -26.99 41.89 -0.35
N ALA D 286 -27.16 42.84 -1.26
CA ALA D 286 -26.78 44.22 -0.95
C ALA D 286 -27.65 44.87 0.13
N ARG D 287 -28.97 44.75 0.05
CA ARG D 287 -29.85 45.35 1.05
C ARG D 287 -29.61 44.84 2.47
N GLU D 288 -29.52 43.52 2.64
CA GLU D 288 -29.32 42.95 3.96
C GLU D 288 -27.97 43.40 4.53
N ALA D 289 -26.97 43.51 3.66
CA ALA D 289 -25.63 43.85 4.09
C ALA D 289 -25.51 45.33 4.44
N VAL D 290 -26.03 46.20 3.58
CA VAL D 290 -25.96 47.64 3.81
C VAL D 290 -26.82 48.10 4.98
N SER D 291 -28.00 47.50 5.13
CA SER D 291 -28.89 47.84 6.25
C SER D 291 -28.28 47.46 7.59
N ARG D 292 -27.19 46.70 7.53
CA ARG D 292 -26.39 46.35 8.70
C ARG D 292 -25.06 47.09 8.70
N GLY D 293 -24.93 48.09 7.83
CA GLY D 293 -23.73 48.89 7.78
C GLY D 293 -22.51 48.22 7.13
N ILE D 294 -22.72 47.11 6.43
CA ILE D 294 -21.61 46.38 5.83
C ILE D 294 -21.50 46.67 4.33
N ALA D 295 -20.32 47.11 3.89
CA ALA D 295 -20.11 47.39 2.48
C ALA D 295 -19.73 46.12 1.73
N VAL D 296 -20.21 46.01 0.50
CA VAL D 296 -19.92 44.83 -0.30
C VAL D 296 -19.30 45.13 -1.67
N PHE D 297 -18.39 44.25 -2.09
CA PHE D 297 -17.68 44.43 -3.34
C PHE D 297 -17.92 43.23 -4.25
N TRP D 298 -18.51 43.46 -5.41
CA TRP D 298 -18.72 42.38 -6.37
C TRP D 298 -17.39 41.94 -6.98
N TRP D 299 -17.17 40.62 -7.05
CA TRP D 299 -15.96 40.12 -7.68
C TRP D 299 -16.17 40.05 -9.19
N ASP D 300 -15.55 40.99 -9.91
CA ASP D 300 -15.67 41.07 -11.37
C ASP D 300 -14.32 40.76 -12.04
N ASN D 301 -14.15 39.54 -12.53
CA ASN D 301 -12.87 39.12 -13.11
C ASN D 301 -12.78 39.29 -14.62
N GLY D 302 -13.75 39.99 -15.20
CA GLY D 302 -13.79 40.18 -16.64
C GLY D 302 -14.17 38.94 -17.47
N TYR D 303 -14.49 37.82 -16.83
CA TYR D 303 -14.73 36.60 -17.60
C TYR D 303 -16.19 36.34 -17.96
N TYR D 304 -16.46 36.31 -19.25
CA TYR D 304 -17.81 36.14 -19.76
C TYR D 304 -17.95 34.94 -20.67
N ASN D 305 -18.77 33.96 -20.28
CA ASN D 305 -19.02 32.76 -21.06
C ASN D 305 -20.10 31.88 -20.43
N PRO D 306 -21.39 32.21 -20.67
CA PRO D 306 -22.54 31.60 -19.98
C PRO D 306 -22.46 30.08 -19.91
N GLY D 307 -22.61 29.53 -18.71
CA GLY D 307 -22.58 28.10 -18.52
C GLY D 307 -21.23 27.60 -18.04
N ASP D 308 -20.23 28.47 -18.07
CA ASP D 308 -18.89 28.08 -17.68
C ASP D 308 -18.54 28.52 -16.26
N ALA D 309 -17.47 27.91 -15.74
CA ALA D 309 -16.97 28.20 -14.40
C ALA D 309 -16.39 29.58 -14.33
N GLU D 310 -16.35 30.15 -13.12
CA GLU D 310 -15.65 31.41 -12.88
C GLU D 310 -16.14 32.56 -13.73
N THR D 311 -17.39 32.51 -14.18
CA THR D 311 -17.94 33.52 -15.05
C THR D 311 -18.60 34.64 -14.23
N TYR D 312 -17.78 35.42 -13.53
CA TYR D 312 -18.29 36.44 -12.60
C TYR D 312 -18.48 37.83 -13.20
N ALA D 313 -18.12 38.02 -14.46
CA ALA D 313 -18.08 39.36 -15.01
C ALA D 313 -19.43 40.03 -15.12
N LEU D 314 -19.46 41.32 -14.81
CA LEU D 314 -20.63 42.14 -15.11
C LEU D 314 -20.31 43.12 -16.24
N LEU D 315 -19.12 43.70 -16.22
CA LEU D 315 -18.69 44.70 -17.21
C LEU D 315 -17.97 44.07 -18.40
N ASN D 316 -18.41 44.41 -19.61
CA ASN D 316 -17.66 44.06 -20.82
C ASN D 316 -16.56 45.11 -20.98
N ARG D 317 -15.35 44.77 -20.55
CA ARG D 317 -14.28 45.76 -20.54
C ARG D 317 -13.79 46.15 -21.93
N LYS D 318 -13.78 45.20 -22.85
CA LYS D 318 -13.25 45.53 -24.17
C LYS D 318 -14.25 46.42 -24.93
N THR D 319 -15.52 46.34 -24.57
CA THR D 319 -16.54 47.08 -25.32
C THR D 319 -17.15 48.23 -24.50
N LEU D 320 -16.73 48.39 -23.25
CA LEU D 320 -17.28 49.43 -22.41
C LEU D 320 -18.82 49.36 -22.34
N SER D 321 -19.36 48.15 -22.24
CA SER D 321 -20.80 47.99 -22.00
C SER D 321 -20.97 46.98 -20.87
N TRP D 322 -22.19 46.79 -20.41
CA TRP D 322 -22.41 45.82 -19.34
C TRP D 322 -23.11 44.59 -19.87
N TYR D 323 -22.53 43.43 -19.58
CA TYR D 323 -23.15 42.14 -19.89
C TYR D 323 -24.44 41.97 -19.14
N TYR D 324 -24.40 42.27 -17.86
CA TYR D 324 -25.58 42.17 -17.00
C TYR D 324 -25.77 43.47 -16.18
N PRO D 325 -26.31 44.50 -16.85
CA PRO D 325 -26.67 45.75 -16.16
C PRO D 325 -27.74 45.49 -15.11
N GLU D 326 -28.57 44.48 -15.35
CA GLU D 326 -29.66 44.10 -14.43
C GLU D 326 -29.16 43.77 -13.02
N ILE D 327 -28.07 43.01 -12.92
CA ILE D 327 -27.46 42.70 -11.65
C ILE D 327 -26.90 43.96 -10.97
N VAL D 328 -26.29 44.83 -11.76
CA VAL D 328 -25.72 46.06 -11.21
C VAL D 328 -26.83 46.91 -10.60
N GLN D 329 -27.92 47.07 -11.35
CA GLN D 329 -29.10 47.79 -10.87
C GLN D 329 -29.72 47.16 -9.63
N ALA D 330 -29.64 45.83 -9.55
CA ALA D 330 -30.16 45.13 -8.39
C ALA D 330 -29.34 45.48 -7.16
N LEU D 331 -28.02 45.50 -7.31
CA LEU D 331 -27.15 45.89 -6.20
C LEU D 331 -27.50 47.30 -5.73
N MET D 332 -27.68 48.22 -6.69
CA MET D 332 -27.98 49.62 -6.33
C MET D 332 -29.34 49.75 -5.65
N ARG D 333 -30.34 49.02 -6.17
CA ARG D 333 -31.65 48.97 -5.53
C ARG D 333 -31.55 48.48 -4.10
N GLY D 334 -30.75 47.44 -3.90
CA GLY D 334 -30.58 46.88 -2.58
C GLY D 334 -29.86 47.85 -1.68
N ALA D 335 -28.83 48.51 -2.20
CA ALA D 335 -28.03 49.41 -1.38
C ALA D 335 -28.76 50.72 -1.03
N GLY D 336 -29.56 51.24 -1.96
CA GLY D 336 -30.26 52.49 -1.73
C GLY D 336 -29.34 53.68 -1.53
N GLY E 1 -3.62 -36.21 44.30
CA GLY E 1 -2.44 -36.33 43.46
C GLY E 1 -2.08 -35.04 42.72
N MET E 2 -1.52 -34.09 43.46
CA MET E 2 -1.10 -32.81 42.90
C MET E 2 0.42 -32.68 42.84
N ARG E 3 1.00 -32.98 41.68
CA ARG E 3 2.45 -32.91 41.52
C ARG E 3 2.95 -31.49 41.60
N ASP E 4 4.24 -31.32 41.90
CA ASP E 4 4.91 -30.05 41.70
C ASP E 4 5.44 -30.04 40.26
N ILE E 5 4.59 -29.64 39.33
CA ILE E 5 4.93 -29.64 37.92
C ILE E 5 4.52 -28.29 37.33
N SER E 6 5.38 -27.72 36.50
CA SER E 6 5.04 -26.43 35.88
C SER E 6 3.95 -26.61 34.83
N ALA E 7 3.20 -25.55 34.56
CA ALA E 7 2.15 -25.60 33.53
C ALA E 7 2.78 -25.98 32.20
N ILE E 8 3.94 -25.38 31.91
CA ILE E 8 4.66 -25.65 30.67
C ILE E 8 4.94 -27.15 30.49
N ASP E 9 5.38 -27.81 31.57
CA ASP E 9 5.70 -29.23 31.54
C ASP E 9 4.45 -30.08 31.54
N LEU E 10 3.38 -29.56 32.12
CA LEU E 10 2.13 -30.30 32.14
C LEU E 10 1.57 -30.43 30.73
N VAL E 11 1.61 -29.32 30.00
CA VAL E 11 1.12 -29.30 28.63
C VAL E 11 2.06 -30.08 27.70
N LYS E 12 3.36 -30.08 27.99
CA LYS E 12 4.26 -30.95 27.23
C LYS E 12 3.83 -32.40 27.40
N GLU E 13 3.37 -32.78 28.59
CA GLU E 13 2.98 -34.15 28.82
C GLU E 13 1.70 -34.48 28.07
N ILE E 14 0.75 -33.55 28.09
CA ILE E 14 -0.54 -33.74 27.40
C ILE E 14 -0.35 -33.97 25.90
N LYS E 15 0.40 -33.09 25.24
CA LYS E 15 0.87 -33.29 23.87
C LYS E 15 -0.23 -33.26 22.81
N ILE E 16 -1.03 -34.31 22.75
CA ILE E 16 -2.03 -34.50 21.71
C ILE E 16 -3.33 -35.09 22.24
N GLY E 17 -4.45 -34.41 22.02
CA GLY E 17 -5.72 -34.81 22.60
C GLY E 17 -6.92 -34.93 21.67
N TRP E 18 -8.07 -35.30 22.23
CA TRP E 18 -9.29 -35.61 21.45
C TRP E 18 -10.58 -35.08 22.13
N ASN E 19 -11.43 -34.40 21.35
CA ASN E 19 -12.71 -33.84 21.81
C ASN E 19 -13.89 -34.79 21.68
N LEU E 20 -14.67 -34.90 22.74
CA LEU E 20 -15.97 -35.56 22.68
C LEU E 20 -17.03 -34.56 22.21
N GLY E 21 -16.91 -34.13 20.96
CA GLY E 21 -17.72 -33.04 20.45
C GLY E 21 -19.12 -33.49 20.10
N ASN E 22 -20.05 -32.54 19.99
CA ASN E 22 -21.43 -32.82 19.66
C ASN E 22 -22.07 -33.88 20.58
N THR E 23 -21.69 -33.83 21.86
CA THR E 23 -22.18 -34.73 22.87
C THR E 23 -22.77 -33.94 24.03
N LEU E 24 -22.01 -33.71 25.11
CA LEU E 24 -22.56 -32.93 26.26
C LEU E 24 -22.61 -31.45 25.94
N ASP E 25 -22.02 -31.08 24.80
CA ASP E 25 -22.19 -29.74 24.26
C ASP E 25 -23.53 -29.63 23.52
N ALA E 26 -24.10 -30.76 23.15
CA ALA E 26 -25.43 -30.77 22.52
C ALA E 26 -26.44 -30.58 23.62
N PRO E 27 -27.66 -30.08 23.29
CA PRO E 27 -28.68 -29.74 24.31
C PRO E 27 -29.03 -30.95 25.16
N THR E 28 -28.89 -32.11 24.54
CA THR E 28 -29.07 -33.37 25.21
C THR E 28 -27.95 -34.23 24.65
N GLU E 29 -27.51 -35.25 25.39
CA GLU E 29 -26.35 -36.03 24.95
C GLU E 29 -26.49 -36.63 23.54
N THR E 30 -27.70 -37.04 23.19
CA THR E 30 -27.91 -37.78 21.94
C THR E 30 -28.51 -36.90 20.88
N ALA E 31 -28.71 -35.63 21.23
CA ALA E 31 -29.47 -34.71 20.40
C ALA E 31 -28.85 -34.43 19.03
N TRP E 32 -27.53 -34.56 18.91
CA TRP E 32 -26.89 -34.24 17.64
C TRP E 32 -26.36 -35.49 16.93
N GLY E 33 -27.02 -36.62 17.15
CA GLY E 33 -26.72 -37.81 16.36
C GLY E 33 -25.73 -38.77 16.96
N ASN E 34 -25.04 -38.37 18.01
CA ASN E 34 -24.09 -39.26 18.67
C ASN E 34 -24.78 -40.24 19.62
N PRO E 35 -24.26 -41.49 19.69
CA PRO E 35 -24.78 -42.46 20.64
C PRO E 35 -24.40 -42.05 22.05
N ARG E 36 -25.11 -42.59 23.03
CA ARG E 36 -24.73 -42.35 24.41
C ARG E 36 -23.29 -42.80 24.59
N THR E 37 -22.45 -41.92 25.15
CA THR E 37 -21.04 -42.22 25.27
C THR E 37 -20.83 -43.43 26.18
N THR E 38 -19.92 -44.33 25.82
CA THR E 38 -19.55 -45.41 26.73
C THR E 38 -18.07 -45.34 27.00
N LYS E 39 -17.64 -45.96 28.10
CA LYS E 39 -16.22 -46.04 28.42
C LYS E 39 -15.44 -46.81 27.34
N ALA E 40 -16.10 -47.77 26.71
CA ALA E 40 -15.49 -48.58 25.65
C ALA E 40 -14.99 -47.70 24.51
N MET E 41 -15.77 -46.69 24.17
CA MET E 41 -15.39 -45.73 23.16
C MET E 41 -14.13 -45.01 23.62
N ILE E 42 -14.09 -44.58 24.89
CA ILE E 42 -12.96 -43.83 25.42
C ILE E 42 -11.67 -44.66 25.39
N GLU E 43 -11.79 -45.95 25.67
CA GLU E 43 -10.63 -46.82 25.65
C GLU E 43 -9.97 -46.79 24.29
N LYS E 44 -10.78 -46.80 23.24
CA LYS E 44 -10.25 -46.77 21.86
C LYS E 44 -9.42 -45.51 21.58
N VAL E 45 -9.92 -44.35 21.99
CA VAL E 45 -9.19 -43.09 21.89
C VAL E 45 -7.81 -43.24 22.54
N ARG E 46 -7.81 -43.72 23.78
CA ARG E 46 -6.60 -43.99 24.54
C ARG E 46 -5.72 -45.01 23.82
N GLU E 47 -6.36 -46.00 23.23
CA GLU E 47 -5.69 -47.09 22.54
C GLU E 47 -4.87 -46.61 21.34
N MET E 48 -5.28 -45.52 20.70
CA MET E 48 -4.56 -44.99 19.56
C MET E 48 -3.39 -44.02 19.88
N GLY E 49 -3.26 -43.61 21.13
CA GLY E 49 -2.16 -42.75 21.49
C GLY E 49 -2.56 -41.37 22.02
N PHE E 50 -3.85 -41.11 22.11
CA PHE E 50 -4.30 -39.88 22.73
C PHE E 50 -3.99 -39.91 24.22
N ASN E 51 -3.58 -38.77 24.78
CA ASN E 51 -3.26 -38.70 26.21
C ASN E 51 -4.30 -37.91 26.97
N ALA E 52 -5.31 -37.41 26.28
CA ALA E 52 -6.25 -36.52 26.92
C ALA E 52 -7.51 -36.35 26.13
N VAL E 53 -8.60 -36.21 26.86
CA VAL E 53 -9.86 -35.98 26.20
C VAL E 53 -10.44 -34.69 26.72
N ARG E 54 -10.83 -33.83 25.79
CA ARG E 54 -11.57 -32.63 26.15
C ARG E 54 -13.07 -32.95 26.07
N VAL E 55 -13.80 -32.64 27.14
CA VAL E 55 -15.24 -32.91 27.18
C VAL E 55 -16.02 -31.62 27.30
N PRO E 56 -16.40 -31.04 26.14
CA PRO E 56 -17.19 -29.81 26.14
C PRO E 56 -18.56 -30.05 26.74
N VAL E 57 -19.01 -29.13 27.58
CA VAL E 57 -20.33 -29.25 28.19
C VAL E 57 -21.12 -27.95 28.09
N THR E 58 -22.31 -28.04 27.51
CA THR E 58 -23.25 -26.94 27.54
C THR E 58 -24.21 -27.10 28.73
N TRP E 59 -24.30 -26.06 29.55
CA TRP E 59 -25.04 -26.13 30.81
C TRP E 59 -26.42 -25.54 30.70
N ASP E 60 -26.52 -24.54 29.82
CA ASP E 60 -27.70 -23.72 29.56
C ASP E 60 -29.05 -24.26 30.01
N THR E 61 -29.53 -25.27 29.28
CA THR E 61 -30.88 -25.79 29.50
C THR E 61 -30.98 -26.72 30.71
N HIS E 62 -29.86 -26.92 31.40
CA HIS E 62 -29.84 -27.77 32.57
C HIS E 62 -29.68 -26.92 33.84
N ILE E 63 -29.77 -25.60 33.67
CA ILE E 63 -29.56 -24.63 34.76
C ILE E 63 -30.85 -24.04 35.32
N GLY E 64 -31.04 -24.17 36.62
CA GLY E 64 -32.21 -23.61 37.28
C GLY E 64 -32.25 -22.09 37.33
N PRO E 65 -33.32 -21.55 37.92
CA PRO E 65 -33.56 -20.11 38.00
C PRO E 65 -32.64 -19.40 38.99
N ALA E 66 -32.56 -18.08 38.83
CA ALA E 66 -31.90 -17.21 39.80
C ALA E 66 -32.69 -17.30 41.09
N PRO E 67 -32.03 -17.07 42.22
CA PRO E 67 -30.64 -16.65 42.36
C PRO E 67 -29.66 -17.81 42.49
N ASP E 68 -30.15 -19.03 42.67
CA ASP E 68 -29.25 -20.17 42.91
C ASP E 68 -28.59 -20.74 41.65
N TYR E 69 -29.32 -20.71 40.54
CA TYR E 69 -28.84 -21.29 39.30
C TYR E 69 -28.39 -22.73 39.51
N LYS E 70 -29.23 -23.53 40.18
CA LYS E 70 -28.91 -24.92 40.45
C LYS E 70 -28.80 -25.76 39.18
N ILE E 71 -27.68 -26.46 39.05
CA ILE E 71 -27.54 -27.36 37.92
C ILE E 71 -28.29 -28.63 38.27
N ASP E 72 -29.12 -29.09 37.32
CA ASP E 72 -29.84 -30.33 37.48
C ASP E 72 -28.83 -31.41 37.76
N GLU E 73 -29.02 -32.14 38.85
CA GLU E 73 -28.04 -33.14 39.26
C GLU E 73 -27.88 -34.24 38.22
N ALA E 74 -28.96 -34.64 37.56
CA ALA E 74 -28.89 -35.70 36.56
C ALA E 74 -27.88 -35.33 35.49
N TRP E 75 -27.86 -34.06 35.12
CA TRP E 75 -26.88 -33.58 34.15
C TRP E 75 -25.44 -33.58 34.72
N LEU E 76 -25.26 -33.03 35.92
CA LEU E 76 -23.94 -33.00 36.55
C LEU E 76 -23.40 -34.42 36.81
N ASN E 77 -24.29 -35.34 37.20
CA ASN E 77 -23.90 -36.73 37.37
C ASN E 77 -23.39 -37.36 36.07
N ARG E 78 -24.07 -37.07 34.97
CA ARG E 78 -23.68 -37.64 33.69
C ARG E 78 -22.32 -37.08 33.28
N VAL E 79 -22.16 -35.77 33.44
CA VAL E 79 -20.88 -35.13 33.21
C VAL E 79 -19.78 -35.81 34.02
N GLU E 80 -20.04 -36.06 35.29
CA GLU E 80 -19.05 -36.71 36.14
C GLU E 80 -18.70 -38.13 35.69
N GLU E 81 -19.73 -38.86 35.28
CA GLU E 81 -19.58 -40.25 34.82
C GLU E 81 -18.66 -40.30 33.58
N VAL E 82 -18.85 -39.37 32.66
CA VAL E 82 -18.02 -39.31 31.45
C VAL E 82 -16.58 -38.92 31.78
N VAL E 83 -16.43 -37.96 32.69
CA VAL E 83 -15.11 -37.56 33.17
C VAL E 83 -14.38 -38.75 33.77
N ASN E 84 -15.10 -39.56 34.54
CA ASN E 84 -14.47 -40.75 35.10
C ASN E 84 -14.07 -41.80 34.05
N TYR E 85 -14.84 -41.91 32.95
CA TYR E 85 -14.43 -42.76 31.82
C TYR E 85 -13.04 -42.35 31.40
N VAL E 86 -12.87 -41.04 31.25
CA VAL E 86 -11.61 -40.50 30.77
C VAL E 86 -10.48 -40.70 31.77
N LEU E 87 -10.72 -40.40 33.04
CA LEU E 87 -9.63 -40.52 34.02
C LEU E 87 -9.19 -41.97 34.22
N ASP E 88 -10.17 -42.86 34.32
CA ASP E 88 -9.91 -44.28 34.57
C ASP E 88 -9.06 -44.94 33.46
N CYS E 89 -9.13 -44.40 32.24
CA CYS E 89 -8.29 -44.88 31.15
C CYS E 89 -6.89 -44.28 31.21
N GLY E 90 -6.60 -43.54 32.28
CA GLY E 90 -5.31 -42.90 32.44
C GLY E 90 -5.06 -41.63 31.62
N MET E 91 -6.11 -40.98 31.15
CA MET E 91 -5.93 -39.75 30.34
C MET E 91 -6.20 -38.46 31.12
N TYR E 92 -5.69 -37.35 30.60
CA TYR E 92 -6.11 -36.05 31.10
C TYR E 92 -7.55 -35.79 30.61
N ALA E 93 -8.32 -35.03 31.39
CA ALA E 93 -9.64 -34.63 30.95
C ALA E 93 -9.83 -33.16 31.20
N ILE E 94 -10.52 -32.49 30.28
CA ILE E 94 -10.87 -31.10 30.47
C ILE E 94 -12.38 -30.90 30.37
N ILE E 95 -12.95 -30.22 31.35
CA ILE E 95 -14.33 -29.80 31.20
C ILE E 95 -14.41 -28.29 31.11
N ASN E 96 -15.41 -27.82 30.40
CA ASN E 96 -15.55 -26.40 30.20
C ASN E 96 -16.98 -25.94 30.34
N LEU E 97 -17.23 -24.73 29.88
CA LEU E 97 -18.58 -24.21 29.81
C LEU E 97 -18.77 -23.80 28.35
N HIS E 98 -19.68 -24.44 27.66
CA HIS E 98 -19.56 -24.42 26.20
C HIS E 98 -20.49 -23.50 25.42
N HIS E 99 -21.59 -24.03 24.87
CA HIS E 99 -22.51 -23.16 24.14
C HIS E 99 -23.41 -22.35 25.09
N ASP E 100 -22.79 -21.49 25.89
CA ASP E 100 -23.55 -20.73 26.86
C ASP E 100 -23.54 -19.21 26.60
N ASN E 101 -23.32 -18.86 25.33
CA ASN E 101 -23.32 -17.48 24.87
C ASN E 101 -24.72 -16.85 24.86
N THR E 102 -25.76 -17.64 25.13
CA THR E 102 -27.09 -17.06 25.33
C THR E 102 -27.15 -16.25 26.62
N TRP E 103 -26.35 -16.64 27.61
CA TRP E 103 -26.35 -15.93 28.89
C TRP E 103 -25.00 -15.36 29.32
N ILE E 104 -23.94 -15.77 28.66
CA ILE E 104 -22.64 -15.15 28.89
C ILE E 104 -22.47 -14.11 27.80
N ILE E 105 -22.71 -12.85 28.17
CA ILE E 105 -22.74 -11.75 27.20
C ILE E 105 -21.68 -10.74 27.60
N PRO E 106 -20.59 -10.70 26.83
CA PRO E 106 -19.40 -9.93 27.22
C PRO E 106 -19.46 -8.44 26.84
N THR E 107 -20.40 -7.71 27.43
CA THR E 107 -20.46 -6.26 27.29
C THR E 107 -20.58 -5.62 28.68
N TYR E 108 -20.34 -4.33 28.74
CA TYR E 108 -20.51 -3.59 29.99
C TYR E 108 -21.94 -3.63 30.50
N ALA E 109 -22.90 -3.52 29.60
CA ALA E 109 -24.31 -3.51 30.00
C ALA E 109 -24.69 -4.81 30.68
N ASN E 110 -24.08 -5.89 30.21
CA ASN E 110 -24.50 -7.21 30.63
C ASN E 110 -23.52 -7.94 31.54
N GLU E 111 -22.42 -7.30 31.89
CA GLU E 111 -21.37 -7.97 32.65
C GLU E 111 -21.81 -8.63 33.96
N GLN E 112 -22.44 -7.87 34.83
CA GLN E 112 -22.72 -8.35 36.19
C GLN E 112 -23.71 -9.52 36.23
N ARG E 113 -24.80 -9.44 35.46
CA ARG E 113 -25.77 -10.54 35.39
C ARG E 113 -25.13 -11.83 34.87
N SER E 114 -24.40 -11.73 33.77
CA SER E 114 -23.67 -12.86 33.21
C SER E 114 -22.66 -13.39 34.25
N LYS E 115 -21.91 -12.48 34.87
CA LYS E 115 -20.85 -12.89 35.81
C LYS E 115 -21.42 -13.59 37.04
N GLU E 116 -22.51 -13.06 37.60
CA GLU E 116 -23.10 -13.69 38.77
C GLU E 116 -23.59 -15.12 38.44
N LYS E 117 -24.19 -15.32 37.26
CA LYS E 117 -24.64 -16.66 36.89
C LYS E 117 -23.48 -17.63 36.64
N LEU E 118 -22.46 -17.15 35.95
CA LEU E 118 -21.27 -17.94 35.65
C LEU E 118 -20.60 -18.39 36.97
N VAL E 119 -20.57 -17.48 37.95
CA VAL E 119 -19.99 -17.75 39.27
C VAL E 119 -20.74 -18.84 40.06
N LYS E 120 -22.06 -18.84 40.04
CA LYS E 120 -22.81 -19.86 40.78
C LYS E 120 -22.65 -21.21 40.11
N VAL E 121 -22.55 -21.18 38.78
CA VAL E 121 -22.45 -22.40 37.99
C VAL E 121 -21.10 -23.06 38.23
N TRP E 122 -20.03 -22.28 38.20
CA TRP E 122 -18.68 -22.83 38.40
C TRP E 122 -18.50 -23.31 39.83
N GLU E 123 -19.23 -22.65 40.73
CA GLU E 123 -19.24 -22.98 42.13
C GLU E 123 -19.63 -24.43 42.25
N GLN E 124 -20.73 -24.77 41.59
CA GLN E 124 -21.24 -26.14 41.60
C GLN E 124 -20.29 -27.12 40.91
N ILE E 125 -19.77 -26.73 39.75
CA ILE E 125 -18.82 -27.57 39.05
C ILE E 125 -17.55 -27.82 39.83
N ALA E 126 -16.88 -26.75 40.24
CA ALA E 126 -15.66 -26.87 41.02
C ALA E 126 -15.91 -27.70 42.29
N THR E 127 -17.02 -27.43 42.94
CA THR E 127 -17.31 -28.13 44.18
C THR E 127 -17.46 -29.62 43.89
N ARG E 128 -18.27 -29.97 42.90
CA ARG E 128 -18.49 -31.38 42.58
C ARG E 128 -17.17 -32.13 42.28
N PHE E 129 -16.25 -31.49 41.59
CA PHE E 129 -15.00 -32.14 41.17
C PHE E 129 -13.76 -31.76 42.02
N LYS E 130 -13.98 -31.12 43.17
CA LYS E 130 -12.86 -30.56 43.95
C LYS E 130 -11.76 -31.54 44.38
N ASP E 131 -12.09 -32.82 44.59
CA ASP E 131 -11.10 -33.78 45.10
C ASP E 131 -10.38 -34.57 44.00
N TYR E 132 -10.72 -34.33 42.75
CA TYR E 132 -10.05 -35.02 41.65
C TYR E 132 -8.61 -34.56 41.56
N ASP E 133 -7.72 -35.40 41.03
CA ASP E 133 -6.31 -35.06 40.94
C ASP E 133 -6.00 -34.12 39.76
N ASP E 134 -4.71 -33.91 39.47
CA ASP E 134 -4.31 -32.91 38.47
C ASP E 134 -4.50 -33.31 37.01
N HIS E 135 -5.01 -34.53 36.79
CA HIS E 135 -5.30 -35.01 35.46
C HIS E 135 -6.64 -34.47 34.96
N LEU E 136 -7.38 -33.84 35.87
CA LEU E 136 -8.60 -33.12 35.53
C LEU E 136 -8.32 -31.63 35.53
N LEU E 137 -8.69 -30.98 34.43
CA LEU E 137 -8.47 -29.56 34.25
C LEU E 137 -9.80 -28.84 34.01
N PHE E 138 -9.89 -27.60 34.46
CA PHE E 138 -11.07 -26.76 34.25
C PHE E 138 -10.81 -25.77 33.16
N GLU E 139 -11.76 -25.62 32.24
CA GLU E 139 -11.64 -24.61 31.22
C GLU E 139 -12.78 -23.62 31.47
N THR E 140 -12.45 -22.37 31.81
CA THR E 140 -13.43 -21.41 32.30
C THR E 140 -14.57 -21.20 31.31
N MET E 141 -14.21 -20.88 30.07
CA MET E 141 -15.20 -20.71 29.02
C MET E 141 -14.66 -21.22 27.70
N ASN E 142 -15.56 -21.50 26.78
CA ASN E 142 -15.23 -22.03 25.47
C ASN E 142 -14.76 -20.98 24.48
N GLU E 143 -15.73 -20.27 23.89
CA GLU E 143 -15.47 -19.20 22.92
C GLU E 143 -16.31 -17.95 23.23
N PRO E 144 -16.06 -17.33 24.40
CA PRO E 144 -16.85 -16.14 24.77
C PRO E 144 -16.76 -14.99 23.76
N ARG E 145 -17.92 -14.41 23.45
CA ARG E 145 -18.00 -13.42 22.38
C ARG E 145 -19.39 -12.79 22.38
N GLU E 146 -19.51 -11.64 21.74
CA GLU E 146 -20.81 -11.00 21.60
C GLU E 146 -21.49 -11.46 20.31
N VAL E 147 -22.39 -12.44 20.43
CA VAL E 147 -22.99 -13.09 19.26
C VAL E 147 -23.78 -12.11 18.40
N GLY E 148 -23.44 -12.04 17.11
CA GLY E 148 -24.10 -11.14 16.19
C GLY E 148 -23.47 -9.75 16.09
N SER E 149 -22.32 -9.56 16.71
CA SER E 149 -21.65 -8.26 16.67
C SER E 149 -20.67 -8.24 15.51
N PRO E 150 -20.37 -7.04 14.98
CA PRO E 150 -19.45 -6.94 13.85
C PRO E 150 -18.12 -7.64 14.07
N MET E 151 -17.55 -7.54 15.26
CA MET E 151 -16.20 -8.05 15.47
C MET E 151 -16.17 -9.43 16.13
N GLU E 152 -17.35 -10.03 16.19
CA GLU E 152 -17.55 -11.34 16.80
C GLU E 152 -16.46 -12.34 16.46
N TRP E 153 -16.13 -12.43 15.18
CA TRP E 153 -15.15 -13.40 14.69
C TRP E 153 -13.83 -12.78 14.28
N MET E 154 -13.58 -11.55 14.73
CA MET E 154 -12.35 -10.85 14.39
C MET E 154 -11.63 -10.33 15.63
N GLY E 155 -11.84 -10.98 16.75
CA GLY E 155 -11.15 -10.63 17.98
C GLY E 155 -11.98 -9.79 18.94
N GLY E 156 -13.19 -9.41 18.52
CA GLY E 156 -14.06 -8.60 19.37
C GLY E 156 -13.59 -7.16 19.57
N THR E 157 -14.33 -6.39 20.36
CA THR E 157 -13.91 -5.05 20.71
C THR E 157 -13.14 -5.09 22.02
N TYR E 158 -12.47 -3.99 22.37
CA TYR E 158 -11.80 -3.94 23.68
C TYR E 158 -12.77 -4.16 24.82
N GLU E 159 -13.97 -3.64 24.70
CA GLU E 159 -14.98 -3.85 25.72
C GLU E 159 -15.20 -5.35 25.98
N ASN E 160 -15.43 -6.11 24.90
CA ASN E 160 -15.63 -7.55 25.01
C ASN E 160 -14.48 -8.20 25.78
N ARG E 161 -13.25 -7.88 25.38
CA ARG E 161 -12.05 -8.52 25.89
C ARG E 161 -11.82 -8.11 27.36
N ASP E 162 -12.19 -6.88 27.68
CA ASP E 162 -12.08 -6.39 29.05
C ASP E 162 -13.07 -7.15 29.95
N VAL E 163 -14.30 -7.28 29.50
CA VAL E 163 -15.31 -8.02 30.24
C VAL E 163 -14.91 -9.47 30.40
N ILE E 164 -14.39 -10.04 29.32
CA ILE E 164 -13.98 -11.43 29.35
C ILE E 164 -12.86 -11.65 30.38
N ASN E 165 -11.95 -10.69 30.49
CA ASN E 165 -10.92 -10.75 31.53
C ASN E 165 -11.51 -10.82 32.96
N ARG E 166 -12.55 -10.05 33.22
CA ARG E 166 -13.20 -10.07 34.54
C ARG E 166 -14.03 -11.35 34.77
N PHE E 167 -14.68 -11.85 33.72
CA PHE E 167 -15.30 -13.18 33.75
C PHE E 167 -14.27 -14.19 34.18
N ASN E 168 -13.11 -14.16 33.53
CA ASN E 168 -12.07 -15.15 33.82
C ASN E 168 -11.54 -15.02 35.24
N LEU E 169 -11.35 -13.78 35.71
CA LEU E 169 -10.83 -13.57 37.06
C LEU E 169 -11.78 -14.11 38.09
N ALA E 170 -13.08 -13.89 37.85
CA ALA E 170 -14.12 -14.28 38.80
C ALA E 170 -14.23 -15.79 38.97
N VAL E 171 -14.18 -16.51 37.85
CA VAL E 171 -14.28 -17.96 37.84
C VAL E 171 -13.05 -18.55 38.49
N VAL E 172 -11.90 -18.00 38.13
CA VAL E 172 -10.64 -18.43 38.71
C VAL E 172 -10.63 -18.29 40.25
N ASN E 173 -11.06 -17.14 40.75
CA ASN E 173 -11.14 -16.94 42.19
C ASN E 173 -12.11 -17.99 42.77
N THR E 174 -13.22 -18.18 42.08
CA THR E 174 -14.27 -19.11 42.52
C THR E 174 -13.69 -20.50 42.67
N ILE E 175 -12.97 -20.94 41.64
CA ILE E 175 -12.33 -22.24 41.66
C ILE E 175 -11.32 -22.37 42.79
N ARG E 176 -10.46 -21.37 42.90
CA ARG E 176 -9.35 -21.38 43.86
C ARG E 176 -9.83 -21.43 45.31
N ALA E 177 -11.03 -20.94 45.55
CA ALA E 177 -11.53 -20.82 46.90
C ALA E 177 -12.47 -21.96 47.29
N SER E 178 -12.71 -22.89 46.36
CA SER E 178 -13.77 -23.89 46.54
C SER E 178 -13.37 -25.16 47.28
N GLY E 179 -12.11 -25.27 47.68
CA GLY E 179 -11.68 -26.41 48.48
C GLY E 179 -11.09 -27.57 47.67
N GLY E 180 -10.84 -28.68 48.34
CA GLY E 180 -10.27 -29.87 47.72
C GLY E 180 -8.92 -29.56 47.09
N ASN E 181 -8.76 -30.00 45.85
CA ASN E 181 -7.53 -29.74 45.11
C ASN E 181 -7.67 -28.48 44.25
N ASN E 182 -8.79 -27.80 44.41
CA ASN E 182 -9.09 -26.66 43.57
C ASN E 182 -8.18 -25.43 43.79
N ASP E 183 -7.35 -25.49 44.81
CA ASP E 183 -6.36 -24.43 45.02
C ASP E 183 -5.18 -24.59 44.06
N LYS E 184 -4.95 -25.82 43.62
CA LYS E 184 -3.80 -26.13 42.77
C LYS E 184 -4.13 -26.70 41.39
N ARG E 185 -5.42 -26.85 41.08
CA ARG E 185 -5.83 -27.38 39.77
C ARG E 185 -5.44 -26.45 38.62
N PHE E 186 -4.97 -27.01 37.52
CA PHE E 186 -4.62 -26.20 36.34
C PHE E 186 -5.89 -25.78 35.62
N ILE E 187 -5.90 -24.54 35.14
CA ILE E 187 -7.10 -23.94 34.57
C ILE E 187 -6.80 -23.26 33.27
N LEU E 188 -7.63 -23.51 32.27
CA LEU E 188 -7.52 -22.87 30.96
C LEU E 188 -8.40 -21.60 30.84
N VAL E 189 -7.83 -20.53 30.29
CA VAL E 189 -8.60 -19.32 30.02
C VAL E 189 -8.43 -18.87 28.56
N PRO E 190 -9.53 -18.48 27.92
CA PRO E 190 -9.46 -17.95 26.57
C PRO E 190 -9.71 -16.44 26.56
N THR E 191 -9.41 -15.79 25.43
CA THR E 191 -9.99 -14.48 25.17
C THR E 191 -11.13 -14.62 24.17
N ASN E 192 -11.52 -13.52 23.52
CA ASN E 192 -12.67 -13.49 22.62
C ASN E 192 -12.76 -14.63 21.61
N ALA E 193 -13.84 -15.41 21.69
CA ALA E 193 -14.08 -16.48 20.73
C ALA E 193 -12.90 -17.47 20.72
N ALA E 194 -12.13 -17.48 21.79
CA ALA E 194 -10.94 -18.33 21.91
C ALA E 194 -9.99 -18.17 20.71
N THR E 195 -9.93 -16.95 20.19
CA THR E 195 -9.10 -16.63 19.02
C THR E 195 -7.60 -16.62 19.32
N GLY E 196 -6.81 -16.82 18.27
CA GLY E 196 -5.37 -16.71 18.34
C GLY E 196 -4.87 -15.41 17.72
N LEU E 197 -5.80 -14.56 17.30
CA LEU E 197 -5.48 -13.25 16.73
C LEU E 197 -4.69 -12.43 17.71
N ASP E 198 -3.56 -11.88 17.29
CA ASP E 198 -2.72 -11.21 18.27
C ASP E 198 -3.32 -9.94 18.88
N VAL E 199 -4.10 -9.23 18.08
CA VAL E 199 -4.77 -8.02 18.54
C VAL E 199 -5.67 -8.36 19.73
N ALA E 200 -6.18 -9.59 19.79
CA ALA E 200 -6.99 -10.03 20.93
C ALA E 200 -6.14 -10.56 22.07
N LEU E 201 -5.15 -11.39 21.73
CA LEU E 201 -4.26 -11.95 22.71
C LEU E 201 -3.47 -10.85 23.43
N ASN E 202 -3.35 -9.71 22.77
CA ASN E 202 -2.71 -8.55 23.35
C ASN E 202 -3.39 -8.08 24.63
N ASP E 203 -4.71 -8.23 24.69
CA ASP E 203 -5.46 -7.72 25.84
C ASP E 203 -5.77 -8.80 26.89
N LEU E 204 -5.29 -10.02 26.70
CA LEU E 204 -5.59 -11.09 27.67
C LEU E 204 -4.76 -10.98 28.95
N VAL E 205 -5.42 -10.92 30.08
CA VAL E 205 -4.68 -10.92 31.32
C VAL E 205 -4.97 -12.16 32.13
N ILE E 206 -3.91 -12.83 32.55
CA ILE E 206 -4.02 -13.97 33.44
C ILE E 206 -4.53 -13.51 34.80
N PRO E 207 -5.68 -14.05 35.26
CA PRO E 207 -6.21 -13.71 36.58
C PRO E 207 -5.16 -13.88 37.68
N ASN E 208 -4.84 -12.77 38.36
CA ASN E 208 -3.88 -12.73 39.45
C ASN E 208 -2.51 -13.19 39.05
N ASN E 209 -2.25 -13.25 37.74
CA ASN E 209 -1.02 -13.83 37.24
C ASN E 209 -0.76 -15.25 37.78
N ASP E 210 -1.84 -16.01 37.99
CA ASP E 210 -1.83 -17.38 38.51
C ASP E 210 -0.94 -18.28 37.64
N SER E 211 0.02 -18.98 38.26
CA SER E 211 0.99 -19.76 37.47
C SER E 211 0.47 -21.07 36.92
N ARG E 212 -0.71 -21.48 37.36
CA ARG E 212 -1.31 -22.71 36.90
C ARG E 212 -2.50 -22.38 36.02
N VAL E 213 -2.48 -21.20 35.40
CA VAL E 213 -3.50 -20.84 34.40
C VAL E 213 -2.93 -20.96 32.99
N ILE E 214 -3.70 -21.59 32.11
CA ILE E 214 -3.23 -21.86 30.76
C ILE E 214 -4.06 -21.17 29.69
N VAL E 215 -3.37 -20.58 28.71
CA VAL E 215 -4.08 -19.99 27.59
C VAL E 215 -4.72 -21.07 26.71
N SER E 216 -5.99 -20.84 26.36
CA SER E 216 -6.76 -21.65 25.47
C SER E 216 -6.98 -20.88 24.18
N ILE E 217 -6.60 -21.46 23.05
CA ILE E 217 -6.93 -20.86 21.78
C ILE E 217 -7.49 -21.93 20.86
N HIS E 218 -8.42 -21.56 20.00
CA HIS E 218 -8.88 -22.49 18.95
C HIS E 218 -8.41 -22.09 17.55
N ALA E 219 -7.96 -23.06 16.76
CA ALA E 219 -7.38 -22.72 15.45
C ALA E 219 -7.59 -23.75 14.32
N TYR E 220 -8.69 -23.63 13.60
CA TYR E 220 -8.94 -24.51 12.48
C TYR E 220 -8.21 -24.02 11.23
N SER E 221 -6.90 -24.18 11.22
CA SER E 221 -6.07 -23.71 10.12
C SER E 221 -5.64 -24.85 9.18
N PRO E 222 -5.53 -24.56 7.89
CA PRO E 222 -5.94 -23.24 7.38
C PRO E 222 -7.42 -23.30 7.07
N TYR E 223 -8.16 -22.24 7.39
CA TYR E 223 -9.61 -22.24 7.30
C TYR E 223 -10.22 -22.81 6.01
N PHE E 224 -9.68 -22.41 4.88
CA PHE E 224 -10.31 -22.68 3.59
C PHE E 224 -10.30 -24.16 3.34
N PHE E 225 -9.15 -24.77 3.58
CA PHE E 225 -9.01 -26.21 3.42
C PHE E 225 -9.74 -26.96 4.54
N ALA E 226 -9.65 -26.45 5.76
CA ALA E 226 -10.03 -27.21 6.95
C ALA E 226 -11.51 -27.15 7.32
N MET E 227 -12.13 -25.98 7.22
CA MET E 227 -13.50 -25.80 7.69
C MET E 227 -14.54 -25.66 6.60
N ASP E 228 -14.18 -24.95 5.54
CA ASP E 228 -15.15 -24.54 4.54
C ASP E 228 -15.50 -25.63 3.53
N VAL E 229 -16.77 -26.02 3.52
CA VAL E 229 -17.28 -27.05 2.59
C VAL E 229 -17.10 -26.60 1.13
N ASN E 230 -17.09 -25.29 0.93
CA ASN E 230 -16.85 -24.70 -0.37
C ASN E 230 -15.37 -24.42 -0.62
N GLY E 231 -14.53 -24.72 0.38
CA GLY E 231 -13.10 -24.59 0.19
C GLY E 231 -12.46 -25.68 -0.67
N THR E 232 -11.23 -25.43 -1.08
CA THR E 232 -10.44 -26.39 -1.87
C THR E 232 -10.16 -27.66 -1.08
N SER E 233 -9.86 -28.75 -1.78
CA SER E 233 -9.60 -30.04 -1.11
C SER E 233 -8.11 -30.30 -1.02
N TYR E 234 -7.30 -29.35 -1.50
CA TYR E 234 -5.84 -29.49 -1.43
C TYR E 234 -5.21 -28.74 -0.27
N TRP E 235 -4.15 -29.33 0.29
CA TRP E 235 -3.35 -28.66 1.29
C TRP E 235 -1.87 -28.96 1.09
N GLY E 236 -1.03 -27.95 1.28
CA GLY E 236 0.39 -28.20 1.25
C GLY E 236 1.27 -27.08 0.74
N SER E 237 0.68 -25.95 0.33
CA SER E 237 1.46 -24.85 -0.20
C SER E 237 2.29 -24.14 0.89
N ASP E 238 3.34 -23.45 0.45
CA ASP E 238 4.18 -22.68 1.36
C ASP E 238 3.36 -21.62 2.09
N TYR E 239 2.33 -21.12 1.42
CA TYR E 239 1.39 -20.18 2.02
C TYR E 239 0.56 -20.84 3.12
N ASP E 240 0.03 -22.03 2.82
CA ASP E 240 -0.74 -22.77 3.79
C ASP E 240 0.11 -23.04 5.01
N LYS E 241 1.36 -23.46 4.79
CA LYS E 241 2.26 -23.79 5.89
C LYS E 241 2.66 -22.57 6.71
N ALA E 242 2.96 -21.48 6.01
CA ALA E 242 3.36 -20.20 6.61
C ALA E 242 2.20 -19.61 7.39
N SER E 243 0.99 -19.84 6.91
CA SER E 243 -0.15 -19.35 7.67
C SER E 243 -0.06 -19.94 9.09
N LEU E 244 0.00 -21.27 9.23
CA LEU E 244 0.02 -21.85 10.58
C LEU E 244 1.31 -21.58 11.37
N THR E 245 2.46 -21.78 10.75
CA THR E 245 3.72 -21.56 11.48
C THR E 245 3.85 -20.12 11.98
N SER E 246 3.44 -19.16 11.18
CA SER E 246 3.56 -17.77 11.61
C SER E 246 2.64 -17.49 12.80
N GLU E 247 1.46 -18.11 12.81
CA GLU E 247 0.54 -17.95 13.94
C GLU E 247 1.13 -18.60 15.19
N LEU E 248 1.78 -19.74 14.99
CA LEU E 248 2.41 -20.49 16.07
C LEU E 248 3.63 -19.79 16.65
N ASP E 249 4.38 -19.09 15.80
CA ASP E 249 5.52 -18.34 16.30
C ASP E 249 5.05 -17.16 17.17
N ALA E 250 3.97 -16.52 16.75
CA ALA E 250 3.40 -15.41 17.49
C ALA E 250 2.88 -15.86 18.86
N ILE E 251 2.23 -17.00 18.90
CA ILE E 251 1.74 -17.54 20.16
C ILE E 251 2.95 -17.89 21.03
N TYR E 252 3.95 -18.52 20.43
CA TYR E 252 5.14 -18.95 21.17
C TYR E 252 5.92 -17.77 21.78
N ASN E 253 6.05 -16.68 21.03
CA ASN E 253 6.83 -15.54 21.48
C ASN E 253 6.12 -14.71 22.56
N ARG E 254 4.81 -14.70 22.52
CA ARG E 254 4.06 -13.98 23.52
C ARG E 254 3.85 -14.85 24.78
N PHE E 255 3.60 -16.14 24.61
CA PHE E 255 3.28 -16.96 25.79
C PHE E 255 4.33 -18.02 26.17
N VAL E 256 4.51 -19.04 25.33
CA VAL E 256 5.38 -20.16 25.69
C VAL E 256 6.78 -19.71 26.12
N LYS E 257 7.41 -18.88 25.28
CA LYS E 257 8.78 -18.43 25.53
C LYS E 257 8.94 -17.69 26.85
N ASN E 258 7.83 -17.12 27.34
CA ASN E 258 7.83 -16.45 28.64
C ASN E 258 7.22 -17.31 29.74
N GLY E 259 7.10 -18.61 29.49
CA GLY E 259 6.69 -19.53 30.53
C GLY E 259 5.19 -19.61 30.76
N ARG E 260 4.42 -18.95 29.91
CA ARG E 260 2.98 -19.06 29.98
C ARG E 260 2.55 -20.16 29.00
N ALA E 261 1.98 -21.24 29.55
CA ALA E 261 1.63 -22.42 28.76
C ALA E 261 0.39 -22.20 27.87
N VAL E 262 0.35 -22.90 26.73
CA VAL E 262 -0.77 -22.76 25.80
C VAL E 262 -1.29 -24.10 25.32
N ILE E 263 -2.62 -24.22 25.32
CA ILE E 263 -3.28 -25.39 24.75
C ILE E 263 -4.20 -25.01 23.59
N ILE E 264 -3.98 -25.62 22.44
CA ILE E 264 -4.92 -25.48 21.33
C ILE E 264 -6.04 -26.50 21.55
N GLY E 265 -7.16 -26.03 22.10
CA GLY E 265 -8.23 -26.91 22.48
C GLY E 265 -9.05 -27.45 21.31
N GLU E 266 -9.01 -26.75 20.18
CA GLU E 266 -9.77 -27.15 19.00
C GLU E 266 -9.03 -26.83 17.70
N PHE E 267 -9.00 -27.83 16.81
CA PHE E 267 -8.53 -27.70 15.42
C PHE E 267 -9.05 -28.93 14.71
N GLY E 268 -8.85 -28.99 13.39
CA GLY E 268 -9.25 -30.17 12.66
C GLY E 268 -9.65 -29.85 11.25
N THR E 269 -9.89 -30.88 10.45
CA THR E 269 -10.32 -30.66 9.08
C THR E 269 -11.46 -31.58 8.73
N ILE E 270 -12.32 -31.13 7.81
CA ILE E 270 -13.46 -31.93 7.37
C ILE E 270 -13.10 -32.82 6.19
N ASP E 271 -13.99 -33.76 5.89
CA ASP E 271 -13.80 -34.78 4.87
C ASP E 271 -14.21 -34.35 3.45
N LYS E 272 -13.22 -34.09 2.60
CA LYS E 272 -13.50 -33.80 1.21
C LYS E 272 -13.00 -34.96 0.34
N ASN E 273 -13.17 -36.16 0.89
CA ASN E 273 -12.63 -37.40 0.32
C ASN E 273 -11.20 -37.17 -0.08
N ASN E 274 -10.41 -36.59 0.82
CA ASN E 274 -9.09 -36.13 0.46
C ASN E 274 -8.10 -36.52 1.50
N LEU E 275 -8.10 -37.82 1.82
CA LEU E 275 -7.27 -38.38 2.89
C LEU E 275 -5.81 -37.94 2.79
N SER E 276 -5.24 -38.06 1.60
CA SER E 276 -3.84 -37.74 1.40
C SER E 276 -3.50 -36.34 1.92
N SER E 277 -4.35 -35.38 1.57
CA SER E 277 -4.18 -34.01 2.03
C SER E 277 -4.36 -33.84 3.53
N ARG E 278 -5.38 -34.48 4.08
CA ARG E 278 -5.60 -34.40 5.51
C ARG E 278 -4.48 -35.07 6.34
N VAL E 279 -3.94 -36.19 5.86
CA VAL E 279 -2.88 -36.87 6.59
C VAL E 279 -1.62 -36.02 6.62
N ALA E 280 -1.28 -35.41 5.49
CA ALA E 280 -0.14 -34.51 5.46
C ALA E 280 -0.39 -33.31 6.38
N HIS E 281 -1.62 -32.78 6.36
CA HIS E 281 -1.98 -31.62 7.19
C HIS E 281 -1.87 -31.91 8.68
N ALA E 282 -2.37 -33.09 9.06
CA ALA E 282 -2.45 -33.49 10.46
C ALA E 282 -1.06 -33.72 11.09
N GLU E 283 -0.16 -34.35 10.34
CA GLU E 283 1.18 -34.56 10.84
C GLU E 283 1.87 -33.20 11.04
N HIS E 284 1.80 -32.35 10.03
CA HIS E 284 2.40 -31.03 10.07
C HIS E 284 1.84 -30.18 11.21
N TYR E 285 0.53 -30.29 11.44
CA TYR E 285 -0.09 -29.53 12.52
C TYR E 285 0.46 -29.94 13.88
N ALA E 286 0.51 -31.25 14.16
CA ALA E 286 1.01 -31.74 15.45
C ALA E 286 2.50 -31.47 15.62
N ARG E 287 3.26 -31.79 14.59
CA ARG E 287 4.70 -31.57 14.59
C ARG E 287 5.05 -30.10 14.89
N GLU E 288 4.46 -29.17 14.15
CA GLU E 288 4.76 -27.75 14.35
C GLU E 288 4.29 -27.21 15.70
N ALA E 289 3.13 -27.65 16.15
CA ALA E 289 2.57 -27.13 17.39
C ALA E 289 3.23 -27.76 18.61
N VAL E 290 3.40 -29.08 18.60
CA VAL E 290 4.01 -29.78 19.73
C VAL E 290 5.51 -29.45 19.91
N SER E 291 6.22 -29.22 18.80
CA SER E 291 7.62 -28.85 18.91
C SER E 291 7.81 -27.47 19.54
N ARG E 292 6.72 -26.70 19.66
CA ARG E 292 6.75 -25.41 20.34
C ARG E 292 6.11 -25.53 21.72
N GLY E 293 5.94 -26.75 22.20
CA GLY E 293 5.42 -26.96 23.53
C GLY E 293 3.92 -26.74 23.65
N ILE E 294 3.23 -26.68 22.50
CA ILE E 294 1.80 -26.46 22.51
C ILE E 294 1.06 -27.77 22.24
N ALA E 295 0.20 -28.18 23.16
CA ALA E 295 -0.56 -29.41 22.98
C ALA E 295 -1.80 -29.12 22.15
N VAL E 296 -2.20 -30.09 21.34
CA VAL E 296 -3.34 -29.88 20.45
C VAL E 296 -4.43 -30.95 20.56
N PHE E 297 -5.67 -30.53 20.39
CA PHE E 297 -6.82 -31.42 20.55
C PHE E 297 -7.69 -31.42 19.30
N TRP E 298 -7.84 -32.59 18.68
CA TRP E 298 -8.68 -32.71 17.51
C TRP E 298 -10.16 -32.57 17.87
N TRP E 299 -10.89 -31.81 17.07
CA TRP E 299 -12.34 -31.71 17.26
C TRP E 299 -13.03 -32.86 16.55
N ASP E 300 -13.51 -33.86 17.30
CA ASP E 300 -14.18 -35.02 16.70
C ASP E 300 -15.66 -35.02 17.09
N ASN E 301 -16.51 -34.52 16.19
CA ASN E 301 -17.92 -34.37 16.53
C ASN E 301 -18.73 -35.61 16.20
N GLY E 302 -18.05 -36.70 15.88
CA GLY E 302 -18.74 -37.96 15.59
C GLY E 302 -19.48 -37.96 14.25
N TYR E 303 -19.34 -36.91 13.45
CA TYR E 303 -20.07 -36.86 12.19
C TYR E 303 -19.22 -37.31 11.01
N TYR E 304 -19.64 -38.41 10.38
CA TYR E 304 -18.93 -39.00 9.24
C TYR E 304 -19.83 -39.03 8.02
N ASN E 305 -19.43 -38.31 6.97
CA ASN E 305 -20.22 -38.20 5.74
C ASN E 305 -19.43 -37.47 4.65
N PRO E 306 -18.49 -38.18 4.02
CA PRO E 306 -17.54 -37.58 3.08
C PRO E 306 -18.26 -36.72 2.07
N GLY E 307 -17.85 -35.45 1.96
CA GLY E 307 -18.45 -34.54 1.01
C GLY E 307 -19.45 -33.62 1.65
N ASP E 308 -19.79 -33.87 2.90
CA ASP E 308 -20.71 -32.98 3.59
C ASP E 308 -19.98 -32.01 4.52
N ALA E 309 -20.68 -30.98 4.98
CA ALA E 309 -20.10 -30.02 5.92
C ALA E 309 -19.94 -30.62 7.33
N GLU E 310 -19.01 -30.06 8.11
CA GLU E 310 -18.85 -30.42 9.53
C GLU E 310 -18.45 -31.88 9.74
N THR E 311 -17.82 -32.49 8.76
CA THR E 311 -17.46 -33.90 8.86
C THR E 311 -16.11 -34.13 9.52
N TYR E 312 -16.03 -33.90 10.83
CA TYR E 312 -14.77 -34.00 11.56
C TYR E 312 -14.47 -35.39 12.16
N ALA E 313 -15.36 -36.35 11.99
CA ALA E 313 -15.22 -37.61 12.71
C ALA E 313 -13.99 -38.39 12.31
N LEU E 314 -13.33 -38.95 13.34
CA LEU E 314 -12.27 -39.95 13.17
C LEU E 314 -12.78 -41.27 13.75
N LEU E 315 -13.43 -41.19 14.92
CA LEU E 315 -13.88 -42.38 15.60
C LEU E 315 -15.32 -42.77 15.22
N ASN E 316 -15.48 -44.02 14.80
CA ASN E 316 -16.80 -44.62 14.60
C ASN E 316 -17.23 -45.17 15.95
N ARG E 317 -18.00 -44.37 16.68
CA ARG E 317 -18.33 -44.68 18.06
C ARG E 317 -19.30 -45.87 18.14
N LYS E 318 -20.20 -45.97 17.18
CA LYS E 318 -21.17 -47.04 17.21
C LYS E 318 -20.54 -48.41 16.96
N THR E 319 -19.37 -48.42 16.33
CA THR E 319 -18.76 -49.68 15.94
C THR E 319 -17.42 -49.92 16.62
N LEU E 320 -17.00 -48.99 17.46
CA LEU E 320 -15.73 -49.16 18.15
C LEU E 320 -14.64 -49.42 17.12
N SER E 321 -14.68 -48.67 16.03
CA SER E 321 -13.65 -48.71 15.01
C SER E 321 -13.28 -47.28 14.62
N TRP E 322 -12.27 -47.11 13.78
CA TRP E 322 -11.88 -45.77 13.30
C TRP E 322 -12.14 -45.54 11.82
N TYR E 323 -12.85 -44.45 11.48
CA TYR E 323 -13.03 -44.04 10.09
C TYR E 323 -11.71 -43.69 9.38
N TYR E 324 -10.83 -42.99 10.10
CA TYR E 324 -9.52 -42.61 9.56
C TYR E 324 -8.39 -42.84 10.54
N PRO E 325 -7.96 -44.09 10.69
CA PRO E 325 -6.80 -44.31 11.56
C PRO E 325 -5.56 -43.63 10.97
N GLU E 326 -5.54 -43.45 9.64
CA GLU E 326 -4.39 -42.80 9.00
C GLU E 326 -4.14 -41.42 9.59
N ILE E 327 -5.21 -40.64 9.73
CA ILE E 327 -5.07 -39.30 10.26
C ILE E 327 -4.55 -39.33 11.69
N VAL E 328 -5.07 -40.26 12.48
CA VAL E 328 -4.66 -40.38 13.86
C VAL E 328 -3.16 -40.67 13.92
N GLN E 329 -2.73 -41.61 13.08
CA GLN E 329 -1.32 -41.98 13.02
C GLN E 329 -0.45 -40.79 12.62
N ALA E 330 -1.01 -39.92 11.80
CA ALA E 330 -0.27 -38.74 11.36
C ALA E 330 -0.01 -37.81 12.55
N LEU E 331 -1.02 -37.63 13.38
CA LEU E 331 -0.87 -36.83 14.58
C LEU E 331 0.15 -37.43 15.51
N MET E 332 0.12 -38.74 15.70
CA MET E 332 1.04 -39.34 16.66
C MET E 332 2.45 -39.20 16.16
N ARG E 333 2.64 -39.37 14.86
CA ARG E 333 3.94 -39.18 14.24
C ARG E 333 4.42 -37.74 14.49
N GLY E 334 3.54 -36.77 14.25
CA GLY E 334 3.86 -35.36 14.39
C GLY E 334 4.10 -34.95 15.83
N ALA E 335 3.24 -35.43 16.72
CA ALA E 335 3.31 -35.07 18.13
C ALA E 335 4.54 -35.67 18.79
N GLY E 336 5.03 -36.77 18.22
CA GLY E 336 6.19 -37.47 18.76
C GLY E 336 5.95 -38.06 20.14
N GLY F 1 4.99 8.17 54.85
CA GLY F 1 5.42 9.55 54.71
C GLY F 1 4.47 10.36 53.85
N MET F 2 3.49 9.68 53.25
CA MET F 2 2.54 10.34 52.35
C MET F 2 1.13 10.45 52.92
N ARG F 3 0.78 11.63 53.43
CA ARG F 3 -0.54 11.84 54.03
C ARG F 3 -1.68 11.75 53.00
N ASP F 4 -2.88 11.51 53.51
CA ASP F 4 -4.08 11.67 52.73
C ASP F 4 -4.39 13.16 52.79
N ILE F 5 -3.75 13.92 51.93
CA ILE F 5 -3.92 15.37 51.92
C ILE F 5 -4.05 15.86 50.50
N SER F 6 -5.03 16.73 50.28
CA SER F 6 -5.26 17.26 48.97
C SER F 6 -4.22 18.33 48.65
N ALA F 7 -4.01 18.62 47.36
CA ALA F 7 -3.03 19.64 46.97
C ALA F 7 -3.36 20.99 47.61
N ILE F 8 -4.64 21.33 47.58
CA ILE F 8 -5.16 22.60 48.09
C ILE F 8 -4.79 22.84 49.56
N ASP F 9 -4.96 21.82 50.38
CA ASP F 9 -4.65 21.94 51.80
C ASP F 9 -3.14 21.91 52.07
N LEU F 10 -2.41 21.19 51.23
CA LEU F 10 -0.96 21.15 51.38
C LEU F 10 -0.40 22.55 51.06
N VAL F 11 -0.97 23.18 50.04
CA VAL F 11 -0.51 24.52 49.67
C VAL F 11 -0.92 25.57 50.72
N LYS F 12 -2.06 25.39 51.39
CA LYS F 12 -2.43 26.24 52.54
C LYS F 12 -1.44 26.07 53.70
N GLU F 13 -0.93 24.86 53.85
CA GLU F 13 0.03 24.55 54.90
C GLU F 13 1.38 25.20 54.60
N ILE F 14 1.79 25.18 53.35
CA ILE F 14 3.08 25.76 52.95
C ILE F 14 3.14 27.25 53.25
N LYS F 15 2.15 27.98 52.74
CA LYS F 15 1.93 29.39 53.07
C LYS F 15 3.03 30.35 52.55
N ILE F 16 4.19 30.33 53.18
CA ILE F 16 5.20 31.32 52.86
C ILE F 16 6.60 30.69 52.81
N GLY F 17 7.27 30.89 51.68
CA GLY F 17 8.54 30.26 51.43
C GLY F 17 9.63 31.21 50.97
N TRP F 18 10.83 30.66 50.79
CA TRP F 18 12.02 31.44 50.50
C TRP F 18 12.89 30.69 49.49
N ASN F 19 13.39 31.42 48.49
CA ASN F 19 14.25 30.82 47.45
C ASN F 19 15.73 30.89 47.79
N LEU F 20 16.42 29.75 47.64
CA LEU F 20 17.87 29.76 47.72
C LEU F 20 18.40 30.21 46.36
N GLY F 21 18.21 31.47 46.01
CA GLY F 21 18.53 31.91 44.67
C GLY F 21 20.00 32.11 44.38
N ASN F 22 20.34 32.09 43.08
CA ASN F 22 21.71 32.28 42.58
C ASN F 22 22.72 31.36 43.23
N THR F 23 22.29 30.13 43.47
CA THR F 23 23.10 29.18 44.20
C THR F 23 23.31 27.95 43.36
N LEU F 24 22.48 26.93 43.55
CA LEU F 24 22.59 25.72 42.76
C LEU F 24 21.99 25.90 41.36
N ASP F 25 21.32 27.03 41.17
CA ASP F 25 20.88 27.42 39.83
C ASP F 25 22.04 28.04 39.05
N ALA F 26 23.10 28.43 39.77
CA ALA F 26 24.34 28.93 39.15
C ALA F 26 25.16 27.76 38.61
N PRO F 27 26.06 28.02 37.63
CA PRO F 27 26.86 26.96 37.00
C PRO F 27 27.63 26.12 38.03
N THR F 28 27.95 26.78 39.13
CA THR F 28 28.63 26.21 40.25
C THR F 28 27.97 26.87 41.48
N GLU F 29 27.99 26.22 42.64
CA GLU F 29 27.27 26.75 43.80
C GLU F 29 27.69 28.19 44.14
N THR F 30 28.98 28.46 44.00
CA THR F 30 29.54 29.74 44.42
C THR F 30 29.82 30.71 43.27
N ALA F 31 29.50 30.27 42.06
CA ALA F 31 29.85 30.99 40.84
C ALA F 31 29.22 32.37 40.75
N TRP F 32 28.09 32.56 41.43
CA TRP F 32 27.39 33.84 41.35
C TRP F 32 27.49 34.63 42.66
N GLY F 33 28.56 34.38 43.42
CA GLY F 33 28.88 35.20 44.55
C GLY F 33 28.42 34.73 45.92
N ASN F 34 27.54 33.73 45.94
CA ASN F 34 27.08 33.15 47.20
C ASN F 34 28.08 32.18 47.79
N PRO F 35 28.15 32.12 49.13
CA PRO F 35 28.96 31.13 49.83
C PRO F 35 28.33 29.76 49.71
N ARG F 36 29.12 28.73 50.00
CA ARG F 36 28.64 27.39 50.11
C ARG F 36 27.50 27.41 51.14
N THR F 37 26.36 26.86 50.76
CA THR F 37 25.20 26.85 51.65
C THR F 37 25.46 26.00 52.91
N THR F 38 24.97 26.47 54.05
CA THR F 38 25.06 25.67 55.28
C THR F 38 23.68 25.43 55.90
N LYS F 39 23.59 24.43 56.77
CA LYS F 39 22.37 24.22 57.52
C LYS F 39 21.97 25.44 58.36
N ALA F 40 22.95 26.14 58.92
CA ALA F 40 22.68 27.28 59.78
C ALA F 40 21.89 28.36 59.03
N MET F 41 22.23 28.57 57.75
CA MET F 41 21.49 29.55 56.94
C MET F 41 20.04 29.18 56.85
N ILE F 42 19.80 27.90 56.57
CA ILE F 42 18.46 27.41 56.38
C ILE F 42 17.70 27.57 57.68
N GLU F 43 18.38 27.30 58.78
CA GLU F 43 17.80 27.46 60.13
C GLU F 43 17.38 28.91 60.41
N LYS F 44 18.18 29.87 59.95
CA LYS F 44 17.81 31.26 60.10
C LYS F 44 16.52 31.53 59.35
N VAL F 45 16.45 31.05 58.11
CA VAL F 45 15.27 31.18 57.29
C VAL F 45 14.06 30.64 58.05
N ARG F 46 14.18 29.42 58.57
CA ARG F 46 13.11 28.80 59.35
C ARG F 46 12.78 29.63 60.59
N GLU F 47 13.81 30.19 61.22
CA GLU F 47 13.64 30.93 62.45
C GLU F 47 12.70 32.12 62.29
N MET F 48 12.71 32.73 61.11
CA MET F 48 11.93 33.94 60.87
C MET F 48 10.45 33.72 60.51
N GLY F 49 10.07 32.47 60.29
CA GLY F 49 8.66 32.17 60.03
C GLY F 49 8.40 31.55 58.67
N PHE F 50 9.42 31.43 57.85
CA PHE F 50 9.25 30.73 56.57
C PHE F 50 8.98 29.25 56.85
N ASN F 51 8.09 28.65 56.06
CA ASN F 51 7.74 27.22 56.22
C ASN F 51 8.26 26.32 55.11
N ALA F 52 8.98 26.92 54.15
CA ALA F 52 9.43 26.18 52.98
C ALA F 52 10.58 26.90 52.33
N VAL F 53 11.45 26.10 51.70
CA VAL F 53 12.55 26.63 50.92
C VAL F 53 12.50 26.06 49.51
N ARG F 54 12.53 26.95 48.52
CA ARG F 54 12.68 26.49 47.15
C ARG F 54 14.18 26.46 46.83
N VAL F 55 14.62 25.33 46.28
CA VAL F 55 16.00 25.12 45.91
C VAL F 55 16.10 24.99 44.39
N PRO F 56 16.26 26.13 43.71
CA PRO F 56 16.40 26.05 42.25
C PRO F 56 17.71 25.38 41.89
N VAL F 57 17.64 24.45 40.92
CA VAL F 57 18.80 23.71 40.48
C VAL F 57 18.95 23.78 38.96
N THR F 58 20.11 24.25 38.51
CA THR F 58 20.51 24.15 37.10
C THR F 58 21.40 22.91 36.93
N TRP F 59 21.06 22.07 35.97
CA TRP F 59 21.77 20.81 35.78
C TRP F 59 22.79 20.81 34.62
N ASP F 60 22.50 21.63 33.60
CA ASP F 60 23.28 21.71 32.35
C ASP F 60 24.72 21.16 32.32
N THR F 61 25.65 21.82 33.00
CA THR F 61 27.07 21.46 32.93
C THR F 61 27.48 20.23 33.78
N HIS F 62 26.53 19.66 34.50
CA HIS F 62 26.82 18.50 35.33
C HIS F 62 26.19 17.30 34.67
N ILE F 63 25.72 17.51 33.43
CA ILE F 63 25.00 16.49 32.69
C ILE F 63 25.93 15.87 31.67
N GLY F 64 26.08 14.55 31.73
CA GLY F 64 26.93 13.86 30.79
C GLY F 64 26.40 13.85 29.36
N PRO F 65 27.19 13.28 28.44
CA PRO F 65 26.83 13.19 27.02
C PRO F 65 25.74 12.16 26.74
N ALA F 66 25.11 12.31 25.57
CA ALA F 66 24.14 11.35 25.04
C ALA F 66 24.85 10.01 24.84
N PRO F 67 24.09 8.90 24.86
CA PRO F 67 22.63 8.82 24.95
C PRO F 67 22.16 8.74 26.40
N ASP F 68 23.09 8.57 27.33
CA ASP F 68 22.74 8.36 28.74
C ASP F 68 22.44 9.62 29.54
N TYR F 69 23.12 10.73 29.22
CA TYR F 69 22.92 11.96 29.98
C TYR F 69 23.03 11.71 31.49
N LYS F 70 24.08 11.01 31.90
CA LYS F 70 24.27 10.70 33.29
C LYS F 70 24.61 11.98 34.07
N ILE F 71 23.89 12.23 35.16
CA ILE F 71 24.22 13.35 36.05
C ILE F 71 25.42 13.02 36.93
N ASP F 72 26.36 13.95 37.00
CA ASP F 72 27.55 13.81 37.84
C ASP F 72 27.10 13.55 39.26
N GLU F 73 27.61 12.47 39.85
CA GLU F 73 27.16 12.07 41.17
C GLU F 73 27.43 13.12 42.24
N ALA F 74 28.60 13.75 42.17
CA ALA F 74 28.97 14.75 43.18
C ALA F 74 27.96 15.89 43.23
N TRP F 75 27.49 16.33 42.07
CA TRP F 75 26.49 17.40 42.03
C TRP F 75 25.17 16.96 42.63
N LEU F 76 24.66 15.81 42.21
CA LEU F 76 23.39 15.30 42.71
C LEU F 76 23.43 15.06 44.25
N ASN F 77 24.55 14.56 44.77
CA ASN F 77 24.70 14.42 46.23
C ASN F 77 24.58 15.77 46.93
N ARG F 78 25.18 16.78 46.32
CA ARG F 78 25.17 18.13 46.88
C ARG F 78 23.75 18.66 46.90
N VAL F 79 23.03 18.47 45.80
CA VAL F 79 21.61 18.77 45.77
C VAL F 79 20.82 18.06 46.90
N GLU F 80 21.04 16.76 47.05
CA GLU F 80 20.38 15.98 48.09
C GLU F 80 20.77 16.50 49.48
N GLU F 81 22.04 16.89 49.60
CA GLU F 81 22.57 17.44 50.84
C GLU F 81 21.88 18.75 51.26
N VAL F 82 21.72 19.68 50.32
CA VAL F 82 21.01 20.93 50.59
C VAL F 82 19.54 20.68 50.83
N VAL F 83 18.96 19.74 50.08
CA VAL F 83 17.58 19.35 50.29
C VAL F 83 17.34 18.90 51.73
N ASN F 84 18.27 18.11 52.26
CA ASN F 84 18.12 17.62 53.62
C ASN F 84 18.22 18.71 54.70
N TYR F 85 18.99 19.78 54.45
CA TYR F 85 19.01 20.95 55.34
C TYR F 85 17.58 21.48 55.56
N VAL F 86 16.84 21.60 54.45
CA VAL F 86 15.49 22.16 54.48
C VAL F 86 14.51 21.23 55.21
N LEU F 87 14.52 19.96 54.81
CA LEU F 87 13.62 18.98 55.39
C LEU F 87 13.88 18.79 56.86
N ASP F 88 15.16 18.74 57.24
CA ASP F 88 15.54 18.55 58.65
C ASP F 88 15.00 19.66 59.55
N CYS F 89 14.83 20.85 58.99
CA CYS F 89 14.28 21.98 59.73
C CYS F 89 12.75 21.92 59.81
N GLY F 90 12.16 20.84 59.32
CA GLY F 90 10.72 20.67 59.33
C GLY F 90 9.98 21.49 58.28
N MET F 91 10.73 21.98 57.29
CA MET F 91 10.14 22.82 56.22
C MET F 91 9.87 22.02 54.95
N TYR F 92 8.97 22.52 54.11
CA TYR F 92 8.80 21.93 52.79
C TYR F 92 9.98 22.28 51.90
N ALA F 93 10.27 21.42 50.93
CA ALA F 93 11.30 21.74 49.96
C ALA F 93 10.81 21.50 48.52
N ILE F 94 11.20 22.40 47.63
CA ILE F 94 10.96 22.26 46.20
C ILE F 94 12.27 22.30 45.44
N ILE F 95 12.50 21.27 44.62
CA ILE F 95 13.62 21.30 43.69
C ILE F 95 13.08 21.30 42.29
N ASN F 96 13.83 21.88 41.37
CA ASN F 96 13.32 21.99 40.02
C ASN F 96 14.37 21.74 38.98
N LEU F 97 14.06 22.21 37.78
CA LEU F 97 15.02 22.28 36.73
C LEU F 97 14.98 23.72 36.29
N HIS F 98 16.10 24.41 36.48
CA HIS F 98 16.08 25.86 36.43
C HIS F 98 16.65 26.46 35.15
N HIS F 99 17.88 26.96 35.19
CA HIS F 99 18.47 27.53 33.99
C HIS F 99 18.97 26.48 33.00
N ASP F 100 18.05 25.66 32.51
CA ASP F 100 18.42 24.61 31.60
C ASP F 100 17.74 24.85 30.26
N ASN F 101 17.40 26.11 30.01
CA ASN F 101 16.75 26.51 28.76
C ASN F 101 17.69 26.46 27.54
N THR F 102 18.96 26.18 27.80
CA THR F 102 19.95 25.94 26.75
C THR F 102 19.68 24.65 25.98
N TRP F 103 19.12 23.65 26.66
CA TRP F 103 18.82 22.36 26.00
C TRP F 103 17.33 22.07 26.08
N ILE F 104 16.62 22.87 26.86
CA ILE F 104 15.17 22.77 26.87
C ILE F 104 14.55 23.81 25.95
N ILE F 105 14.21 23.37 24.76
CA ILE F 105 13.76 24.29 23.74
C ILE F 105 12.37 23.94 23.20
N PRO F 106 11.34 24.71 23.62
CA PRO F 106 9.92 24.42 23.35
C PRO F 106 9.43 24.88 21.98
N THR F 107 9.98 24.28 20.93
CA THR F 107 9.51 24.48 19.56
C THR F 107 9.20 23.11 18.97
N TYR F 108 8.44 23.08 17.87
CA TYR F 108 8.16 21.79 17.24
C TYR F 108 9.45 21.12 16.78
N ALA F 109 10.38 21.92 16.28
CA ALA F 109 11.65 21.44 15.78
C ALA F 109 12.51 20.77 16.85
N ASN F 110 12.49 21.31 18.06
CA ASN F 110 13.41 20.79 19.05
C ASN F 110 12.76 19.96 20.11
N GLU F 111 11.45 19.76 19.96
CA GLU F 111 10.64 19.03 20.95
C GLU F 111 11.19 17.63 21.33
N GLN F 112 11.37 16.76 20.34
CA GLN F 112 11.76 15.39 20.67
C GLN F 112 13.15 15.33 21.30
N ARG F 113 14.08 16.14 20.78
CA ARG F 113 15.45 16.15 21.30
C ARG F 113 15.51 16.57 22.77
N SER F 114 14.87 17.69 23.11
CA SER F 114 14.80 18.12 24.50
C SER F 114 14.09 17.07 25.39
N LYS F 115 12.94 16.58 24.91
CA LYS F 115 12.08 15.70 25.71
C LYS F 115 12.79 14.42 26.09
N GLU F 116 13.48 13.82 25.13
CA GLU F 116 14.24 12.60 25.38
C GLU F 116 15.31 12.91 26.42
N LYS F 117 15.93 14.09 26.31
CA LYS F 117 16.97 14.47 27.28
C LYS F 117 16.29 14.78 28.61
N LEU F 118 15.19 15.52 28.55
CA LEU F 118 14.43 15.90 29.73
C LEU F 118 14.00 14.68 30.52
N VAL F 119 13.58 13.63 29.81
CA VAL F 119 13.18 12.35 30.40
C VAL F 119 14.34 11.57 31.05
N LYS F 120 15.47 11.55 30.37
CA LYS F 120 16.63 10.80 30.81
C LYS F 120 17.16 11.45 32.08
N VAL F 121 17.01 12.77 32.16
CA VAL F 121 17.47 13.56 33.30
C VAL F 121 16.56 13.42 34.52
N TRP F 122 15.25 13.55 34.29
CA TRP F 122 14.29 13.41 35.39
C TRP F 122 14.20 11.99 36.00
N GLU F 123 14.50 10.95 35.22
CA GLU F 123 14.54 9.61 35.80
C GLU F 123 15.52 9.58 36.96
N GLN F 124 16.74 10.09 36.71
CA GLN F 124 17.80 10.11 37.71
C GLN F 124 17.43 10.97 38.90
N ILE F 125 16.91 12.17 38.64
CA ILE F 125 16.50 13.03 39.74
C ILE F 125 15.37 12.42 40.57
N ALA F 126 14.27 12.02 39.93
CA ALA F 126 13.17 11.37 40.63
C ALA F 126 13.64 10.13 41.41
N THR F 127 14.51 9.33 40.80
CA THR F 127 14.99 8.11 41.43
C THR F 127 15.74 8.37 42.75
N ARG F 128 16.70 9.29 42.73
CA ARG F 128 17.46 9.65 43.92
C ARG F 128 16.54 9.97 45.08
N PHE F 129 15.47 10.69 44.78
CA PHE F 129 14.61 11.24 45.80
C PHE F 129 13.33 10.45 45.99
N LYS F 130 13.28 9.24 45.43
CA LYS F 130 12.03 8.49 45.40
C LYS F 130 11.43 8.23 46.79
N ASP F 131 12.28 8.09 47.82
CA ASP F 131 11.81 7.68 49.13
C ASP F 131 11.52 8.78 50.15
N TYR F 132 11.76 10.03 49.78
CA TYR F 132 11.47 11.17 50.66
C TYR F 132 9.97 11.34 50.86
N ASP F 133 9.56 11.95 51.98
CA ASP F 133 8.12 12.12 52.22
C ASP F 133 7.54 13.27 51.41
N ASP F 134 6.30 13.63 51.74
CA ASP F 134 5.55 14.60 50.94
C ASP F 134 5.94 16.06 51.18
N HIS F 135 6.92 16.28 52.06
CA HIS F 135 7.46 17.62 52.32
C HIS F 135 8.50 17.99 51.26
N LEU F 136 8.80 17.04 50.38
CA LEU F 136 9.60 17.31 49.22
C LEU F 136 8.74 17.33 48.00
N LEU F 137 8.82 18.39 47.22
CA LEU F 137 8.05 18.50 45.99
C LEU F 137 8.96 18.66 44.80
N PHE F 138 8.49 18.17 43.66
CA PHE F 138 9.18 18.31 42.41
C PHE F 138 8.52 19.39 41.56
N GLU F 139 9.32 20.27 40.96
CA GLU F 139 8.80 21.23 39.98
C GLU F 139 9.40 20.84 38.62
N THR F 140 8.56 20.52 37.64
CA THR F 140 9.04 19.96 36.38
C THR F 140 10.05 20.86 35.68
N MET F 141 9.70 22.14 35.53
CA MET F 141 10.57 23.16 34.93
C MET F 141 10.36 24.54 35.57
N ASN F 142 11.38 25.38 35.46
CA ASN F 142 11.37 26.74 36.02
C ASN F 142 10.63 27.76 35.16
N GLU F 143 11.31 28.25 34.15
CA GLU F 143 10.71 29.24 33.28
C GLU F 143 10.92 28.85 31.80
N PRO F 144 10.30 27.75 31.38
CA PRO F 144 10.45 27.19 30.03
C PRO F 144 9.96 28.18 29.00
N ARG F 145 10.75 28.42 27.97
CA ARG F 145 10.48 29.50 27.04
C ARG F 145 11.46 29.42 25.87
N GLU F 146 11.09 30.04 24.74
CA GLU F 146 12.00 30.07 23.61
C GLU F 146 12.90 31.30 23.73
N VAL F 147 14.10 31.08 24.27
CA VAL F 147 15.00 32.17 24.64
C VAL F 147 15.45 32.94 23.42
N GLY F 148 15.24 34.25 23.47
CA GLY F 148 15.61 35.11 22.36
C GLY F 148 14.51 35.30 21.34
N SER F 149 13.31 34.85 21.68
CA SER F 149 12.19 35.00 20.75
C SER F 149 11.47 36.32 21.03
N PRO F 150 10.78 36.86 20.02
CA PRO F 150 9.98 38.07 20.23
C PRO F 150 9.01 37.90 21.40
N MET F 151 8.36 36.74 21.53
CA MET F 151 7.32 36.57 22.56
C MET F 151 7.86 35.94 23.83
N GLU F 152 9.17 35.81 23.92
CA GLU F 152 9.82 35.17 25.06
C GLU F 152 9.24 35.54 26.43
N TRP F 153 9.09 36.84 26.68
CA TRP F 153 8.63 37.28 27.98
C TRP F 153 7.22 37.84 27.87
N MET F 154 6.49 37.44 26.83
CA MET F 154 5.12 37.91 26.68
C MET F 154 4.13 36.74 26.59
N GLY F 155 4.54 35.60 27.13
CA GLY F 155 3.69 34.43 27.20
C GLY F 155 3.96 33.40 26.13
N GLY F 156 4.90 33.70 25.24
CA GLY F 156 5.23 32.83 24.12
C GLY F 156 4.16 32.77 23.04
N THR F 157 4.42 31.99 21.99
CA THR F 157 3.40 31.71 20.99
C THR F 157 2.67 30.43 21.41
N TYR F 158 1.57 30.12 20.73
CA TYR F 158 0.89 28.88 20.99
C TYR F 158 1.83 27.70 20.83
N GLU F 159 2.77 27.82 19.89
CA GLU F 159 3.78 26.77 19.71
C GLU F 159 4.55 26.46 21.01
N ASN F 160 5.11 27.51 21.61
CA ASN F 160 5.84 27.38 22.86
C ASN F 160 5.00 26.71 23.93
N ARG F 161 3.77 27.19 24.11
CA ARG F 161 2.97 26.71 25.21
C ARG F 161 2.55 25.25 24.96
N ASP F 162 2.35 24.96 23.68
CA ASP F 162 1.93 23.64 23.25
C ASP F 162 3.00 22.59 23.55
N VAL F 163 4.25 22.87 23.17
CA VAL F 163 5.35 21.94 23.44
C VAL F 163 5.57 21.78 24.94
N ILE F 164 5.46 22.91 25.65
CA ILE F 164 5.66 22.91 27.10
C ILE F 164 4.70 21.95 27.81
N ASN F 165 3.44 21.91 27.36
CA ASN F 165 2.48 20.95 27.89
C ASN F 165 2.98 19.51 27.76
N ARG F 166 3.61 19.21 26.63
CA ARG F 166 4.09 17.85 26.41
C ARG F 166 5.35 17.53 27.25
N PHE F 167 6.27 18.51 27.33
CA PHE F 167 7.41 18.42 28.24
C PHE F 167 6.92 18.06 29.64
N ASN F 168 5.91 18.80 30.11
CA ASN F 168 5.32 18.54 31.41
C ASN F 168 4.69 17.15 31.51
N LEU F 169 3.98 16.70 30.46
CA LEU F 169 3.35 15.38 30.53
C LEU F 169 4.43 14.31 30.68
N ALA F 170 5.48 14.45 29.88
CA ALA F 170 6.53 13.46 29.89
C ALA F 170 7.25 13.47 31.24
N VAL F 171 7.49 14.66 31.79
CA VAL F 171 8.17 14.69 33.06
C VAL F 171 7.28 14.10 34.14
N VAL F 172 6.01 14.50 34.15
CA VAL F 172 5.08 13.97 35.15
C VAL F 172 4.97 12.45 35.08
N ASN F 173 4.74 11.91 33.89
CA ASN F 173 4.72 10.45 33.71
C ASN F 173 6.03 9.82 34.17
N THR F 174 7.14 10.47 33.86
CA THR F 174 8.43 9.91 34.22
C THR F 174 8.58 9.82 35.75
N ILE F 175 8.19 10.88 36.46
CA ILE F 175 8.22 10.85 37.92
C ILE F 175 7.36 9.71 38.47
N ARG F 176 6.14 9.60 37.94
CA ARG F 176 5.12 8.67 38.44
C ARG F 176 5.51 7.20 38.33
N ALA F 177 6.44 6.90 37.44
CA ALA F 177 6.85 5.51 37.20
C ALA F 177 8.15 5.16 37.89
N SER F 178 8.67 6.11 38.67
CA SER F 178 10.02 5.97 39.23
C SER F 178 10.11 5.28 40.59
N GLY F 179 8.99 4.84 41.13
CA GLY F 179 9.01 4.06 42.37
C GLY F 179 8.88 4.89 43.65
N GLY F 180 9.04 4.21 44.78
CA GLY F 180 8.96 4.86 46.07
C GLY F 180 7.64 5.59 46.27
N ASN F 181 7.73 6.85 46.69
CA ASN F 181 6.56 7.70 46.91
C ASN F 181 6.21 8.56 45.71
N ASN F 182 6.93 8.35 44.60
CA ASN F 182 6.73 9.19 43.43
C ASN F 182 5.36 9.05 42.75
N ASP F 183 4.60 8.05 43.20
CA ASP F 183 3.23 7.85 42.74
C ASP F 183 2.33 8.87 43.38
N LYS F 184 2.77 9.36 44.55
CA LYS F 184 1.97 10.29 45.33
C LYS F 184 2.62 11.66 45.62
N ARG F 185 3.85 11.88 45.16
CA ARG F 185 4.50 13.18 45.39
C ARG F 185 3.84 14.32 44.63
N PHE F 186 3.69 15.45 45.30
CA PHE F 186 3.13 16.65 44.69
C PHE F 186 4.13 17.29 43.72
N ILE F 187 3.64 17.81 42.61
CA ILE F 187 4.47 18.27 41.49
C ILE F 187 4.02 19.62 40.94
N LEU F 188 4.94 20.59 40.80
CA LEU F 188 4.59 21.90 40.24
C LEU F 188 4.81 21.92 38.74
N VAL F 189 3.85 22.45 37.98
CA VAL F 189 4.05 22.62 36.52
C VAL F 189 3.68 24.03 36.07
N PRO F 190 4.55 24.63 35.24
CA PRO F 190 4.35 25.98 34.69
C PRO F 190 4.01 25.98 33.21
N THR F 191 3.47 27.09 32.71
CA THR F 191 3.46 27.31 31.27
C THR F 191 4.64 28.21 30.93
N ASN F 192 4.57 28.89 29.79
CA ASN F 192 5.70 29.69 29.28
C ASN F 192 6.29 30.68 30.30
N ALA F 193 7.53 30.44 30.67
CA ALA F 193 8.26 31.29 31.62
C ALA F 193 7.53 31.39 32.97
N ALA F 194 6.66 30.41 33.25
CA ALA F 194 5.81 30.40 34.43
C ALA F 194 4.98 31.67 34.56
N THR F 195 4.54 32.20 33.43
CA THR F 195 3.74 33.43 33.46
C THR F 195 2.37 33.25 34.10
N GLY F 196 1.84 34.34 34.62
CA GLY F 196 0.48 34.35 35.12
C GLY F 196 -0.51 35.00 34.15
N LEU F 197 -0.04 35.36 32.97
CA LEU F 197 -0.91 35.97 31.97
C LEU F 197 -2.09 35.05 31.64
N ASP F 198 -3.30 35.61 31.64
CA ASP F 198 -4.50 34.82 31.44
C ASP F 198 -4.57 34.09 30.08
N VAL F 199 -4.23 34.78 28.99
CA VAL F 199 -4.27 34.16 27.67
C VAL F 199 -3.24 33.04 27.53
N ALA F 200 -2.20 33.08 28.34
CA ALA F 200 -1.17 32.05 28.28
C ALA F 200 -1.63 30.81 29.03
N LEU F 201 -2.21 31.04 30.22
CA LEU F 201 -2.76 29.99 31.05
C LEU F 201 -3.91 29.26 30.38
N ASN F 202 -4.53 29.89 29.40
CA ASN F 202 -5.57 29.26 28.60
C ASN F 202 -5.11 27.96 27.96
N ASP F 203 -3.83 27.90 27.61
CA ASP F 203 -3.30 26.79 26.85
C ASP F 203 -2.55 25.75 27.68
N LEU F 204 -2.45 26.02 28.99
CA LEU F 204 -1.77 25.10 29.89
C LEU F 204 -2.66 23.89 30.16
N VAL F 205 -2.14 22.69 30.00
CA VAL F 205 -2.92 21.52 30.39
C VAL F 205 -2.27 20.70 31.51
N ILE F 206 -3.07 20.39 32.52
CA ILE F 206 -2.62 19.55 33.63
C ILE F 206 -2.46 18.12 33.13
N PRO F 207 -1.23 17.58 33.21
CA PRO F 207 -0.92 16.21 32.79
C PRO F 207 -1.84 15.17 33.43
N ASN F 208 -2.54 14.37 32.61
CA ASN F 208 -3.34 13.26 33.11
C ASN F 208 -4.41 13.70 34.11
N ASN F 209 -4.74 15.00 34.11
CA ASN F 209 -5.63 15.65 35.11
C ASN F 209 -5.23 15.22 36.54
N ASP F 210 -3.93 15.04 36.73
CA ASP F 210 -3.34 14.56 37.97
C ASP F 210 -3.68 15.54 39.09
N SER F 211 -4.38 15.03 40.11
CA SER F 211 -4.92 15.87 41.18
C SER F 211 -3.90 16.37 42.21
N ARG F 212 -2.69 15.84 42.16
CA ARG F 212 -1.62 16.27 43.05
C ARG F 212 -0.64 17.11 42.26
N VAL F 213 -1.14 17.72 41.19
CA VAL F 213 -0.36 18.65 40.41
C VAL F 213 -0.78 20.07 40.75
N ILE F 214 0.22 20.92 40.96
CA ILE F 214 0.03 22.28 41.40
C ILE F 214 0.47 23.22 40.30
N VAL F 215 -0.34 24.22 40.01
CA VAL F 215 0.05 25.22 39.03
C VAL F 215 1.16 26.11 39.58
N SER F 216 2.20 26.29 38.79
CA SER F 216 3.34 27.12 39.16
C SER F 216 3.32 28.45 38.42
N ILE F 217 3.28 29.53 39.18
CA ILE F 217 3.38 30.85 38.57
C ILE F 217 4.48 31.70 39.20
N HIS F 218 5.14 32.49 38.36
CA HIS F 218 6.01 33.52 38.86
C HIS F 218 5.39 34.89 38.59
N ALA F 219 5.40 35.74 39.61
CA ALA F 219 4.78 37.06 39.50
C ALA F 219 5.49 38.15 40.32
N TYR F 220 6.42 38.85 39.67
CA TYR F 220 7.06 40.00 40.31
C TYR F 220 6.21 41.23 40.03
N SER F 221 5.05 41.30 40.67
CA SER F 221 4.11 42.39 40.44
C SER F 221 4.15 43.39 41.60
N PRO F 222 4.00 44.70 41.31
CA PRO F 222 3.94 45.23 39.93
C PRO F 222 5.35 45.46 39.39
N TYR F 223 5.54 45.13 38.11
CA TYR F 223 6.86 45.09 37.47
C TYR F 223 7.76 46.31 37.70
N PHE F 224 7.24 47.52 37.51
CA PHE F 224 8.09 48.70 37.55
C PHE F 224 8.62 48.95 38.95
N PHE F 225 7.75 48.79 39.94
CA PHE F 225 8.16 48.96 41.33
C PHE F 225 9.11 47.84 41.74
N ALA F 226 8.84 46.62 41.27
CA ALA F 226 9.52 45.45 41.81
C ALA F 226 10.83 45.12 41.13
N MET F 227 10.91 45.24 39.80
CA MET F 227 12.10 44.76 39.09
C MET F 227 12.98 45.84 38.48
N ASP F 228 12.34 46.87 37.93
CA ASP F 228 13.04 47.86 37.13
C ASP F 228 13.71 48.94 37.98
N VAL F 229 15.04 49.04 37.93
CA VAL F 229 15.77 50.04 38.72
C VAL F 229 15.33 51.47 38.39
N ASN F 230 14.86 51.67 37.17
CA ASN F 230 14.38 52.99 36.75
C ASN F 230 12.88 53.19 36.99
N GLY F 231 12.20 52.14 37.43
CA GLY F 231 10.77 52.23 37.72
C GLY F 231 10.58 53.10 38.97
N THR F 232 9.31 53.41 39.29
CA THR F 232 9.02 54.19 40.48
C THR F 232 9.51 53.48 41.74
N SER F 233 9.83 54.28 42.75
CA SER F 233 10.31 53.78 44.03
C SER F 233 9.20 53.72 45.08
N TYR F 234 8.03 54.24 44.73
CA TYR F 234 6.89 54.21 45.63
C TYR F 234 5.85 53.13 45.29
N TRP F 235 5.32 52.50 46.33
CA TRP F 235 4.18 51.62 46.16
C TRP F 235 3.30 51.78 47.38
N GLY F 236 1.99 51.86 47.16
CA GLY F 236 1.07 51.95 48.27
C GLY F 236 -0.23 52.68 48.02
N SER F 237 -0.42 53.21 46.82
CA SER F 237 -1.66 53.91 46.53
C SER F 237 -2.80 52.91 46.41
N ASP F 238 -4.03 53.40 46.51
CA ASP F 238 -5.22 52.57 46.39
C ASP F 238 -5.29 51.84 45.05
N TYR F 239 -4.79 52.45 43.99
CA TYR F 239 -4.77 51.77 42.69
C TYR F 239 -3.83 50.59 42.72
N ASP F 240 -2.62 50.78 43.26
CA ASP F 240 -1.68 49.65 43.36
C ASP F 240 -2.10 48.50 44.29
N LYS F 241 -2.86 48.80 45.33
CA LYS F 241 -3.41 47.77 46.21
C LYS F 241 -4.48 46.95 45.49
N ALA F 242 -5.37 47.66 44.79
CA ALA F 242 -6.46 47.01 44.08
C ALA F 242 -5.93 46.23 42.89
N SER F 243 -4.90 46.75 42.24
CA SER F 243 -4.31 46.06 41.09
C SER F 243 -3.86 44.65 41.44
N LEU F 244 -3.05 44.47 42.47
CA LEU F 244 -2.57 43.15 42.81
C LEU F 244 -3.75 42.25 43.20
N THR F 245 -4.67 42.83 43.95
CA THR F 245 -5.84 42.09 44.40
C THR F 245 -6.62 41.50 43.21
N SER F 246 -6.81 42.30 42.17
CA SER F 246 -7.54 41.85 41.00
C SER F 246 -6.76 40.74 40.26
N GLU F 247 -5.44 40.88 40.27
CA GLU F 247 -4.54 39.86 39.71
C GLU F 247 -4.70 38.55 40.49
N LEU F 248 -4.80 38.66 41.79
CA LEU F 248 -4.95 37.45 42.58
C LEU F 248 -6.35 36.84 42.42
N ASP F 249 -7.35 37.70 42.21
CA ASP F 249 -8.73 37.21 42.05
C ASP F 249 -8.86 36.39 40.79
N ALA F 250 -8.17 36.81 39.73
CA ALA F 250 -8.18 36.11 38.45
C ALA F 250 -7.60 34.71 38.63
N ILE F 251 -6.50 34.64 39.37
CA ILE F 251 -5.87 33.37 39.71
C ILE F 251 -6.78 32.52 40.64
N TYR F 252 -7.34 33.15 41.67
CA TYR F 252 -8.21 32.41 42.60
C TYR F 252 -9.51 31.92 41.95
N ASN F 253 -10.09 32.73 41.09
CA ASN F 253 -11.35 32.37 40.44
C ASN F 253 -11.16 31.31 39.34
N ARG F 254 -9.99 31.31 38.70
CA ARG F 254 -9.73 30.35 37.64
C ARG F 254 -9.27 29.02 38.21
N PHE F 255 -8.40 29.03 39.22
CA PHE F 255 -7.78 27.78 39.66
C PHE F 255 -8.25 27.26 41.01
N VAL F 256 -7.88 27.96 42.08
CA VAL F 256 -8.14 27.52 43.44
C VAL F 256 -9.61 27.19 43.69
N LYS F 257 -10.49 28.09 43.29
CA LYS F 257 -11.92 27.95 43.54
C LYS F 257 -12.46 26.64 42.96
N ASN F 258 -11.81 26.15 41.91
CA ASN F 258 -12.21 24.91 41.28
C ASN F 258 -11.32 23.76 41.69
N GLY F 259 -10.59 23.94 42.80
CA GLY F 259 -9.82 22.85 43.37
C GLY F 259 -8.43 22.59 42.85
N ARG F 260 -7.92 23.48 41.99
CA ARG F 260 -6.54 23.41 41.52
C ARG F 260 -5.63 24.35 42.31
N ALA F 261 -4.68 23.77 43.04
CA ALA F 261 -3.77 24.53 43.89
C ALA F 261 -2.80 25.36 43.06
N VAL F 262 -2.38 26.49 43.61
CA VAL F 262 -1.46 27.38 42.91
C VAL F 262 -0.29 27.76 43.81
N ILE F 263 0.92 27.66 43.29
CA ILE F 263 2.06 28.18 44.01
C ILE F 263 2.70 29.28 43.19
N ILE F 264 2.82 30.44 43.82
CA ILE F 264 3.59 31.54 43.26
C ILE F 264 5.00 31.34 43.75
N GLY F 265 5.79 30.65 42.93
CA GLY F 265 7.12 30.23 43.33
C GLY F 265 8.15 31.34 43.41
N GLU F 266 7.86 32.47 42.78
CA GLU F 266 8.79 33.59 42.75
C GLU F 266 8.06 34.92 42.77
N PHE F 267 8.49 35.79 43.67
CA PHE F 267 8.04 37.18 43.68
C PHE F 267 9.06 37.97 44.50
N GLY F 268 8.97 39.29 44.50
CA GLY F 268 9.91 40.08 45.27
C GLY F 268 10.24 41.43 44.67
N THR F 269 11.01 42.22 45.40
CA THR F 269 11.39 43.55 44.94
C THR F 269 12.89 43.78 45.13
N ILE F 270 13.45 44.68 44.35
CA ILE F 270 14.84 45.03 44.54
C ILE F 270 14.96 46.21 45.49
N ASP F 271 16.20 46.50 45.88
CA ASP F 271 16.50 47.56 46.84
C ASP F 271 16.68 48.93 46.15
N LYS F 272 15.66 49.77 46.23
CA LYS F 272 15.75 51.13 45.70
C LYS F 272 15.74 52.20 46.78
N ASN F 273 16.43 51.95 47.88
CA ASN F 273 16.45 52.89 48.98
C ASN F 273 15.03 53.35 49.31
N ASN F 274 14.13 52.37 49.37
CA ASN F 274 12.69 52.60 49.53
C ASN F 274 12.06 51.56 50.45
N LEU F 275 12.66 51.38 51.63
CA LEU F 275 12.22 50.36 52.56
C LEU F 275 10.72 50.38 52.81
N SER F 276 10.22 51.56 53.13
CA SER F 276 8.81 51.73 53.46
C SER F 276 7.85 51.15 52.42
N SER F 277 8.14 51.40 51.15
CA SER F 277 7.30 50.86 50.07
C SER F 277 7.46 49.35 49.97
N ARG F 278 8.68 48.86 50.12
CA ARG F 278 8.92 47.42 50.05
C ARG F 278 8.23 46.69 51.22
N VAL F 279 8.20 47.32 52.39
CA VAL F 279 7.56 46.74 53.56
C VAL F 279 6.04 46.62 53.39
N ALA F 280 5.42 47.70 52.93
CA ALA F 280 4.00 47.70 52.67
C ALA F 280 3.64 46.73 51.55
N HIS F 281 4.47 46.73 50.50
CA HIS F 281 4.23 45.86 49.35
C HIS F 281 4.27 44.40 49.77
N ALA F 282 5.20 44.07 50.66
CA ALA F 282 5.44 42.69 51.08
C ALA F 282 4.29 42.13 51.91
N GLU F 283 3.74 42.95 52.81
CA GLU F 283 2.62 42.50 53.64
C GLU F 283 1.35 42.25 52.83
N HIS F 284 1.02 43.20 51.96
CA HIS F 284 -0.18 43.12 51.12
C HIS F 284 -0.05 41.88 50.21
N TYR F 285 1.13 41.65 49.65
CA TYR F 285 1.32 40.51 48.75
C TYR F 285 1.04 39.19 49.49
N ALA F 286 1.65 39.02 50.65
CA ALA F 286 1.48 37.79 51.41
C ALA F 286 0.05 37.58 51.91
N ARG F 287 -0.56 38.62 52.48
CA ARG F 287 -1.91 38.51 53.02
C ARG F 287 -2.93 38.13 51.96
N GLU F 288 -2.88 38.86 50.85
CA GLU F 288 -3.84 38.68 49.78
C GLU F 288 -3.69 37.31 49.11
N ALA F 289 -2.46 36.81 49.07
CA ALA F 289 -2.20 35.55 48.41
C ALA F 289 -2.62 34.38 49.31
N VAL F 290 -2.18 34.45 50.55
CA VAL F 290 -2.46 33.39 51.51
C VAL F 290 -3.95 33.32 51.87
N SER F 291 -4.64 34.46 51.93
CA SER F 291 -6.09 34.42 52.19
C SER F 291 -6.87 33.79 51.03
N ARG F 292 -6.20 33.56 49.91
CA ARG F 292 -6.78 32.87 48.76
C ARG F 292 -6.21 31.47 48.59
N GLY F 293 -5.50 31.00 49.61
CA GLY F 293 -4.92 29.67 49.58
C GLY F 293 -3.67 29.52 48.74
N ILE F 294 -3.10 30.64 48.30
CA ILE F 294 -1.90 30.60 47.46
C ILE F 294 -0.62 30.80 48.27
N ALA F 295 0.33 29.87 48.14
CA ALA F 295 1.60 30.03 48.86
C ALA F 295 2.57 30.86 48.03
N VAL F 296 3.35 31.71 48.71
CA VAL F 296 4.28 32.60 48.03
C VAL F 296 5.69 32.34 48.54
N PHE F 297 6.65 32.42 47.62
CA PHE F 297 8.05 32.17 47.91
C PHE F 297 8.87 33.39 47.49
N TRP F 298 9.57 34.03 48.45
CA TRP F 298 10.44 35.15 48.13
C TRP F 298 11.72 34.73 47.37
N TRP F 299 12.03 35.50 46.33
CA TRP F 299 13.26 35.29 45.57
C TRP F 299 14.48 35.97 46.22
N ASP F 300 15.37 35.17 46.81
CA ASP F 300 16.59 35.70 47.45
C ASP F 300 17.85 35.20 46.76
N ASN F 301 18.51 36.08 46.01
CA ASN F 301 19.71 35.68 45.28
C ASN F 301 21.00 35.98 46.04
N GLY F 302 20.86 36.34 47.32
CA GLY F 302 22.01 36.66 48.15
C GLY F 302 22.73 37.97 47.84
N TYR F 303 22.21 38.78 46.91
CA TYR F 303 22.91 40.00 46.48
C TYR F 303 22.47 41.30 47.18
N TYR F 304 23.39 41.94 47.90
CA TYR F 304 23.10 43.17 48.63
C TYR F 304 23.98 44.34 48.19
N ASN F 305 23.35 45.39 47.69
CA ASN F 305 24.07 46.54 47.17
C ASN F 305 23.04 47.64 46.83
N PRO F 306 22.57 48.33 47.87
CA PRO F 306 21.40 49.21 47.79
C PRO F 306 21.44 50.18 46.61
N GLY F 307 20.39 50.13 45.80
CA GLY F 307 20.24 51.02 44.66
C GLY F 307 20.63 50.40 43.33
N ASP F 308 21.26 49.23 43.39
CA ASP F 308 21.72 48.55 42.18
C ASP F 308 20.63 47.59 41.72
N ALA F 309 20.74 47.14 40.48
CA ALA F 309 19.79 46.17 39.94
C ALA F 309 19.89 44.81 40.66
N GLU F 310 18.81 44.04 40.59
CA GLU F 310 18.79 42.65 41.07
C GLU F 310 19.05 42.49 42.58
N THR F 311 18.80 43.54 43.34
CA THR F 311 19.09 43.50 44.76
C THR F 311 17.93 42.98 45.58
N TYR F 312 17.69 41.67 45.46
CA TYR F 312 16.55 41.01 46.11
C TYR F 312 16.89 40.43 47.49
N ALA F 313 18.15 40.51 47.90
CA ALA F 313 18.59 39.79 49.09
C ALA F 313 17.93 40.29 50.38
N LEU F 314 17.53 39.36 51.24
CA LEU F 314 17.06 39.70 52.58
C LEU F 314 18.05 39.17 53.62
N LEU F 315 18.57 37.97 53.37
CA LEU F 315 19.53 37.33 54.28
C LEU F 315 20.98 37.57 53.89
N ASN F 316 21.76 38.07 54.85
CA ASN F 316 23.21 38.15 54.71
C ASN F 316 23.76 36.79 55.08
N ARG F 317 24.08 36.00 54.06
CA ARG F 317 24.43 34.61 54.25
C ARG F 317 25.79 34.40 54.90
N LYS F 318 26.73 35.30 54.62
CA LYS F 318 28.07 35.11 55.17
C LYS F 318 28.10 35.41 56.69
N THR F 319 27.15 36.18 57.20
CA THR F 319 27.13 36.50 58.64
C THR F 319 25.86 36.08 59.39
N LEU F 320 24.89 35.54 58.66
CA LEU F 320 23.60 35.15 59.20
C LEU F 320 22.84 36.28 59.88
N SER F 321 23.01 37.50 59.39
CA SER F 321 22.17 38.62 59.79
CA SER F 321 22.19 38.64 59.79
C SER F 321 21.17 38.86 58.68
N TRP F 322 20.14 39.66 58.95
CA TRP F 322 19.21 40.01 57.89
C TRP F 322 19.40 41.46 57.48
N TYR F 323 19.61 41.70 56.18
CA TYR F 323 19.71 43.07 55.66
C TYR F 323 18.41 43.82 55.91
N TYR F 324 17.29 43.17 55.61
CA TYR F 324 15.97 43.80 55.78
C TYR F 324 15.01 42.91 56.54
N PRO F 325 15.20 42.82 57.86
CA PRO F 325 14.32 42.04 58.71
C PRO F 325 12.92 42.61 58.66
N GLU F 326 12.82 43.93 58.45
CA GLU F 326 11.55 44.64 58.40
C GLU F 326 10.67 44.05 57.31
N ILE F 327 11.26 43.73 56.16
CA ILE F 327 10.52 43.10 55.07
C ILE F 327 10.05 41.69 55.44
N VAL F 328 10.92 40.92 56.11
CA VAL F 328 10.56 39.56 56.52
C VAL F 328 9.42 39.53 57.54
N GLN F 329 9.51 40.39 58.54
CA GLN F 329 8.44 40.48 59.54
C GLN F 329 7.13 40.85 58.88
N ALA F 330 7.21 41.65 57.82
CA ALA F 330 6.03 42.07 57.07
C ALA F 330 5.37 40.89 56.36
N LEU F 331 6.19 40.06 55.72
CA LEU F 331 5.67 38.87 55.05
C LEU F 331 4.94 38.01 56.08
N MET F 332 5.55 37.85 57.25
CA MET F 332 4.96 37.05 58.30
C MET F 332 3.65 37.66 58.82
N ARG F 333 3.63 38.99 58.92
CA ARG F 333 2.41 39.71 59.29
C ARG F 333 1.30 39.38 58.30
N GLY F 334 1.64 39.42 57.02
CA GLY F 334 0.70 39.15 55.98
C GLY F 334 0.27 37.70 55.97
N ALA F 335 1.21 36.81 56.22
CA ALA F 335 0.88 35.39 56.10
C ALA F 335 -0.12 34.98 57.17
N GLY F 336 -0.01 35.61 58.34
CA GLY F 336 -0.92 35.37 59.46
C GLY F 336 -0.92 33.95 59.99
#